data_8UDL
#
_entry.id   8UDL
#
_cell.length_a   1.00
_cell.length_b   1.00
_cell.length_c   1.00
_cell.angle_alpha   90.00
_cell.angle_beta   90.00
_cell.angle_gamma   90.00
#
_symmetry.space_group_name_H-M   'P 1'
#
loop_
_entity.id
_entity.type
_entity.pdbx_description
1 polymer 'DNA polymerase subunit gamma-1'
2 polymer 'DNA polymerase subunit gamma-2, mitochondrial'
3 polymer "DNA (5'-D(P*AP*AP*AP*AP*CP*GP*AP*CP*GP*GP*CP*CP*AP*GP*TP*GP*CP*CP*AP*TP*AP*C)-3')"
4 polymer "DNA (5'-D(P*AP*GP*GP*TP*AP*TP*GP*GP*CP*AP*CP*TP*GP*GP*CP*CP*GP*TP*CP*GP*TP*TP*TP*T)-3')"
#
loop_
_entity_poly.entity_id
_entity_poly.type
_entity_poly.pdbx_seq_one_letter_code
_entity_poly.pdbx_strand_id
1 'polypeptide(L)'
;MSRLLWRKVAGATVGPGPVPAPGRWVSSSVPASDPSDGQRRRQQQQQQQQQQQQQPQQPQVLSSEGGQLRHNPLDIQMLS
RGLHEQIFGQGGEMPGEAAVRRSVEHLQKHGLWGQPAVPLPDVELRLPPLYGDNLDQHFRLLAQKQSLPYLEAANLLLQA
QLPPKPPAWAWAEGWTRYGPEGEAVPVAIPEERALVFDVEVCLAEGTCPTLAVAISPSAWYSWCSQRLVEERYSWTSQLS
PADLIPLEVPTGASSPTQRDWQEQLVVGHNVSFDRAHIREQYLIQGSRMRFLDTMSMHMAISGLSSFQRSLWIAAKQGKH
KVQPPTKQGQKSQRKARRGPAISSWDWLDISSVNSLAEVHRLYVGGPPLEKEPRELFVKGTMKDIRENFQDLMQYCAQDV
WATHEVFQQQLPLFLERCPHPVTLAGMLEMGVSYLPVNQNWERYLAEAQGTYEELQREMKKSLMDLANDACQLLSGERYK
EDPWLWDLEWDLQEFKQKKAKKVKKEPATASKLPIEGAGAPGDPMDQEDLGPCSEEEEFQQDVMARACLQKLKGTTELLP
KRPQHLPGHPGWYRKLCPRLDDPAWTPGPSLLSLQMRVTPKLMALTWDGFPLHYSERHGWGYLVPGRRDNLAKLPTGTTL
ESAGVVCPYRAIESLYRKHCLEQGKQQLMPQEAGLAEEFLLTDNSAIWQTVEELDYLEVEAEAKMENLRAAVPGQPLALT
ARGGPKDTQPSYHHGNGPYNDVDIPGCWFFKLPHKDGNSCNVGSPFAKDFLPKMEDGTLQAGPGGASGPRALEINKMISF
WRNAHKRISSQMVVWLPRSALPRAVIRHPDYDEEGLYGAILPQVVTAGTITRRAVEPTWLTASNARPDRVGSELKAMVQA
PPGYTLVGADVDSQELWIAAVLGDAHFAGMHGCTAFGWMTLQGRKSRGTDLHSKTATTVGISREHAKIFNYGRIYGAGQP
FAERLLMQFNHRLTQQEAAEKAQQMYAATKGLRWYRLSDEGEWLVRELNLPVDRTEGGWISLQDLRKVQRETARKSQWKK
WEVVAERAWKGGTESEMFNKLESIATSDIPRTPVLGCCISRALEPSAVQEEFMTSRVNWVVQSSAVDYLHLMLVAMKWLF
EEFAIDGRFCISIHDEVRYLVREEDRYRAALALQITNLLTRCMFAYKLGLNDLPQSVAFFSAVDIDRCLRKEVTMDCKTP
SNPTGMERRYGIPQGEALDIYQIIELTKGSLEKRSQPGP
;
A
2 'polypeptide(L)'
;MRSRVAVRACHKVCRCLLSGFGGRVDAGQPELLTERSSPKGGHVKSHAELEGNGEHPEAPGSGEGSEALLEICQRRHFLS
GSKQQLSRDSLLSGCHPGFGPLGVELRKNLAAEWWTSVVVFREQVFPVDALHHKPGPLLPGDSAFRLVSAETLREILQDK
ELSKEQLVAFLENVLKTSGKLRENLLHGALEHYVNCLDLVNKRLPYGLAQIGVCFHPVFDTKQIRNGVKSIGEKTEASLV
WFTPPRTSNQWLDFWLRHRLQWWRKFAMSPSNFSSSDCQDEEGRKGNKLYYNFPWGKELIETLWNLGDHELLHMYPGNVS
KLHGRDGRKNVVPCVLSVNGDLDRGMLAYLYDSFQLTENSFTRKKNLHRKVLKLHPCLAPIKVALDVGRGPTLELRQVCQ
GLFNELLENGISVWPGYLETMQSSLEQLYSKYDEMSILFTVLVTETTLENGLIHLRSRDTTMKEMMHISKLKDFLIKYIS
SAKNV
;
B,C
3 'polydeoxyribonucleotide'
;(DA)(DA)(DA)(DA)(DC)(DG)(DA)(DC)(DG)(DG)(DC)(DC)(DA)(DG)(DT)(DG)(DC)(DC)(DA)(DT)
(DA)(DC)
;
P
4 'polydeoxyribonucleotide'
;(DA)(DG)(DG)(DT)(DA)(DT)(DG)(DG)(DC)(DA)(DC)(DT)(DG)(DG)(DC)(DC)(DG)(DT)(DC)(DG)
(DT)(DT)(DT)(DT)
;
T
#
# COMPACT_ATOMS: atom_id res chain seq x y z
N LEU A 69 28.47 -39.89 38.56
CA LEU A 69 28.21 -41.31 38.36
C LEU A 69 27.38 -41.54 37.10
N ARG A 70 27.67 -42.63 36.39
CA ARG A 70 27.01 -42.86 35.10
C ARG A 70 25.52 -43.09 35.25
N HIS A 71 25.10 -43.73 36.34
CA HIS A 71 23.70 -43.93 36.64
C HIS A 71 23.46 -43.74 38.13
N ASN A 72 22.22 -43.45 38.47
CA ASN A 72 21.74 -43.44 39.85
C ASN A 72 20.72 -44.56 39.99
N PRO A 73 20.11 -44.79 41.17
CA PRO A 73 19.03 -45.76 41.24
C PRO A 73 17.91 -45.45 40.26
N LEU A 74 17.14 -46.49 39.91
CA LEU A 74 16.20 -46.50 38.81
C LEU A 74 16.87 -46.34 37.45
N ASP A 75 18.21 -46.43 37.40
CA ASP A 75 18.99 -46.58 36.17
C ASP A 75 18.65 -45.51 35.13
N ILE A 76 18.59 -44.27 35.59
CA ILE A 76 18.57 -43.10 34.73
C ILE A 76 19.99 -42.55 34.63
N GLN A 77 20.39 -42.17 33.42
CA GLN A 77 21.74 -41.64 33.21
C GLN A 77 21.88 -40.25 33.81
N MET A 78 23.03 -40.01 34.44
CA MET A 78 23.25 -38.82 35.26
C MET A 78 24.52 -38.09 34.82
N LEU A 79 24.69 -36.90 35.38
CA LEU A 79 25.78 -35.99 35.00
C LEU A 79 27.13 -36.70 34.98
N SER A 80 27.92 -36.36 33.96
CA SER A 80 29.28 -36.87 33.78
C SER A 80 30.11 -36.80 35.05
N ARG A 81 30.96 -37.81 35.22
CA ARG A 81 31.98 -37.92 36.27
C ARG A 81 32.65 -36.60 36.61
N GLY A 82 33.39 -36.04 35.65
CA GLY A 82 34.15 -34.84 35.92
C GLY A 82 33.29 -33.62 36.14
N LEU A 83 32.14 -33.55 35.47
CA LEU A 83 31.23 -32.43 35.67
C LEU A 83 30.63 -32.48 37.06
N HIS A 84 30.14 -33.64 37.49
CA HIS A 84 29.57 -33.77 38.82
C HIS A 84 30.62 -33.51 39.89
N GLU A 85 31.85 -33.98 39.67
CA GLU A 85 32.94 -33.68 40.60
C GLU A 85 33.21 -32.18 40.69
N GLN A 86 33.27 -31.50 39.55
CA GLN A 86 33.53 -30.06 39.58
C GLN A 86 32.38 -29.30 40.22
N ILE A 87 31.14 -29.66 39.92
CA ILE A 87 29.99 -28.88 40.39
C ILE A 87 29.62 -29.25 41.83
N PHE A 88 29.39 -30.54 42.10
CA PHE A 88 29.03 -30.97 43.44
C PHE A 88 30.24 -31.53 44.20
N GLY A 89 30.04 -31.67 45.51
CA GLY A 89 30.99 -32.41 46.33
C GLY A 89 30.87 -33.91 46.17
N GLN A 90 31.93 -34.61 46.57
CA GLN A 90 31.91 -36.06 46.64
C GLN A 90 31.15 -36.61 47.84
N GLY A 91 30.91 -35.79 48.86
CA GLY A 91 30.24 -36.27 50.06
C GLY A 91 28.86 -36.85 49.80
N GLY A 92 27.93 -36.02 49.35
CA GLY A 92 26.58 -36.46 49.04
C GLY A 92 25.86 -37.11 50.21
N GLU A 93 24.83 -37.89 49.85
CA GLU A 93 24.08 -38.66 50.81
C GLU A 93 23.32 -39.75 50.06
N MET A 94 22.96 -40.82 50.78
CA MET A 94 22.12 -41.83 50.16
C MET A 94 20.64 -41.48 50.37
N PRO A 95 19.81 -41.59 49.31
CA PRO A 95 18.36 -41.51 49.47
C PRO A 95 17.75 -42.30 50.62
N GLY A 96 18.29 -43.50 50.87
CA GLY A 96 17.67 -44.44 51.78
C GLY A 96 16.91 -45.55 51.08
N GLU A 97 16.96 -46.75 51.66
CA GLU A 97 16.38 -47.94 51.03
C GLU A 97 14.86 -47.88 50.98
N ALA A 98 14.23 -47.34 52.02
CA ALA A 98 12.77 -47.20 52.02
C ALA A 98 12.29 -46.27 50.92
N ALA A 99 12.98 -45.16 50.71
CA ALA A 99 12.64 -44.26 49.61
C ALA A 99 12.73 -44.98 48.26
N VAL A 100 13.77 -45.79 48.08
CA VAL A 100 13.92 -46.54 46.84
C VAL A 100 12.77 -47.51 46.62
N ARG A 101 12.43 -48.31 47.64
CA ARG A 101 11.35 -49.26 47.43
C ARG A 101 9.99 -48.57 47.27
N ARG A 102 9.78 -47.44 47.96
CA ARG A 102 8.59 -46.63 47.73
C ARG A 102 8.52 -46.15 46.30
N SER A 103 9.66 -45.85 45.68
CA SER A 103 9.61 -45.40 44.29
C SER A 103 9.37 -46.55 43.34
N VAL A 104 10.04 -47.68 43.58
CA VAL A 104 9.96 -48.80 42.63
C VAL A 104 8.55 -49.37 42.59
N GLU A 105 7.90 -49.54 43.74
CA GLU A 105 6.55 -50.10 43.69
C GLU A 105 5.56 -49.16 43.00
N HIS A 106 5.74 -47.85 43.17
CA HIS A 106 4.95 -46.86 42.46
C HIS A 106 5.14 -46.97 40.95
N LEU A 107 6.39 -47.06 40.51
CA LEU A 107 6.66 -47.29 39.08
C LEU A 107 6.14 -48.65 38.60
N GLN A 108 6.05 -49.63 39.49
CA GLN A 108 5.46 -50.92 39.12
C GLN A 108 3.96 -50.81 38.84
N LYS A 109 3.21 -50.17 39.75
CA LYS A 109 1.77 -50.06 39.51
C LYS A 109 1.44 -49.26 38.25
N HIS A 110 2.34 -48.42 37.77
CA HIS A 110 2.08 -47.65 36.55
C HIS A 110 2.66 -48.28 35.29
N GLY A 111 3.52 -49.28 35.41
CA GLY A 111 4.06 -49.95 34.24
C GLY A 111 5.32 -49.36 33.67
N LEU A 112 6.04 -48.54 34.41
CA LEU A 112 7.18 -47.81 33.90
C LEU A 112 8.50 -48.55 34.09
N TRP A 113 8.52 -49.61 34.89
CA TRP A 113 9.75 -50.31 35.27
C TRP A 113 10.25 -51.22 34.15
N GLY A 114 10.56 -50.62 33.02
CA GLY A 114 11.23 -51.31 31.92
C GLY A 114 11.90 -50.31 30.99
N GLN A 115 13.19 -50.55 30.73
CA GLN A 115 14.09 -49.45 30.40
C GLN A 115 14.22 -49.25 28.90
N PRO A 116 13.83 -48.10 28.36
CA PRO A 116 14.06 -47.78 26.95
C PRO A 116 15.42 -47.12 26.69
N ALA A 117 16.33 -47.22 27.65
CA ALA A 117 17.49 -46.32 27.70
C ALA A 117 18.34 -46.37 26.44
N VAL A 118 18.88 -45.21 26.08
CA VAL A 118 19.81 -45.03 24.96
C VAL A 118 20.90 -44.06 25.43
N PRO A 119 22.03 -44.56 25.93
CA PRO A 119 22.94 -43.72 26.73
C PRO A 119 23.60 -42.63 25.89
N LEU A 120 23.46 -41.39 26.35
CA LEU A 120 24.00 -40.23 25.66
C LEU A 120 25.53 -40.21 25.75
N PRO A 121 26.22 -39.74 24.71
CA PRO A 121 27.67 -39.56 24.77
C PRO A 121 28.10 -38.67 25.94
N ASP A 122 29.11 -39.13 26.67
CA ASP A 122 29.67 -38.39 27.80
C ASP A 122 30.44 -37.16 27.33
N VAL A 123 30.60 -36.20 28.25
CA VAL A 123 31.18 -34.89 27.96
C VAL A 123 31.98 -34.42 29.18
N GLU A 124 33.08 -33.71 28.92
CA GLU A 124 34.00 -33.28 29.98
C GLU A 124 34.50 -31.87 29.68
N LEU A 125 34.63 -31.05 30.72
CA LEU A 125 34.98 -29.64 30.60
C LEU A 125 35.79 -29.20 31.80
N ARG A 126 36.74 -28.29 31.56
CA ARG A 126 37.40 -27.54 32.63
C ARG A 126 36.63 -26.25 32.89
N LEU A 127 35.75 -26.27 33.87
CA LEU A 127 34.87 -25.14 34.14
C LEU A 127 35.65 -23.96 34.74
N PRO A 128 35.16 -22.73 34.55
CA PRO A 128 35.74 -21.59 35.25
C PRO A 128 35.65 -21.79 36.75
N PRO A 129 36.57 -21.19 37.51
CA PRO A 129 36.60 -21.42 38.96
C PRO A 129 35.37 -20.83 39.65
N LEU A 130 34.71 -21.68 40.44
CA LEU A 130 33.60 -21.25 41.29
C LEU A 130 34.12 -20.52 42.52
N TYR A 131 33.20 -20.03 43.34
CA TYR A 131 33.51 -19.31 44.57
C TYR A 131 32.73 -19.89 45.75
N GLY A 132 33.40 -19.97 46.89
CA GLY A 132 32.80 -20.46 48.12
C GLY A 132 32.49 -21.95 48.13
N ASP A 133 31.69 -22.33 49.14
CA ASP A 133 31.47 -23.74 49.43
C ASP A 133 30.58 -24.40 48.39
N ASN A 134 29.60 -23.69 47.85
CA ASN A 134 28.56 -24.31 47.05
C ASN A 134 27.96 -23.27 46.10
N LEU A 135 27.15 -23.76 45.17
CA LEU A 135 26.73 -22.96 44.03
C LEU A 135 25.87 -21.76 44.42
N ASP A 136 25.12 -21.87 45.52
CA ASP A 136 24.37 -20.72 46.03
C ASP A 136 25.30 -19.61 46.52
N GLN A 137 26.35 -19.97 47.26
CA GLN A 137 27.36 -18.98 47.64
C GLN A 137 27.98 -18.32 46.42
N HIS A 138 28.30 -19.10 45.40
CA HIS A 138 28.84 -18.58 44.15
C HIS A 138 27.89 -17.56 43.50
N PHE A 139 26.61 -17.93 43.35
CA PHE A 139 25.67 -17.01 42.74
C PHE A 139 25.43 -15.75 43.58
N ARG A 140 25.45 -15.88 44.91
CA ARG A 140 25.36 -14.70 45.77
C ARG A 140 26.53 -13.76 45.55
N LEU A 141 27.75 -14.30 45.54
CA LEU A 141 28.92 -13.43 45.34
C LEU A 141 28.89 -12.77 43.97
N LEU A 142 28.47 -13.52 42.94
CA LEU A 142 28.29 -12.92 41.62
C LEU A 142 27.31 -11.75 41.65
N ALA A 143 26.12 -11.97 42.21
CA ALA A 143 25.08 -10.95 42.14
C ALA A 143 25.44 -9.74 43.01
N GLN A 144 26.07 -9.98 44.16
CA GLN A 144 26.54 -8.89 45.00
C GLN A 144 27.58 -8.03 44.30
N LYS A 145 28.52 -8.65 43.58
CA LYS A 145 29.51 -7.85 42.87
C LYS A 145 28.89 -7.00 41.77
N GLN A 146 27.97 -7.57 40.99
CA GLN A 146 27.29 -6.82 39.94
C GLN A 146 26.50 -5.63 40.49
N SER A 147 25.77 -5.83 41.59
CA SER A 147 24.82 -4.81 42.07
C SER A 147 25.44 -3.70 42.90
N LEU A 148 26.53 -3.95 43.61
CA LEU A 148 26.95 -3.08 44.73
C LEU A 148 27.04 -1.59 44.39
N PRO A 149 27.63 -1.14 43.29
CA PRO A 149 27.73 0.31 43.07
C PRO A 149 26.38 1.00 42.91
N TYR A 150 25.38 0.28 42.40
CA TYR A 150 24.08 0.90 42.20
C TYR A 150 23.29 0.96 43.49
N LEU A 151 23.36 -0.08 44.33
CA LEU A 151 22.73 0.02 45.64
C LEU A 151 23.41 1.07 46.52
N GLU A 152 24.71 1.27 46.33
CA GLU A 152 25.41 2.39 46.97
C GLU A 152 24.85 3.73 46.51
N ALA A 153 24.76 3.95 45.21
CA ALA A 153 24.17 5.19 44.71
C ALA A 153 22.73 5.37 45.19
N ALA A 154 21.93 4.30 45.17
CA ALA A 154 20.55 4.36 45.65
C ALA A 154 20.43 4.76 47.11
N ASN A 155 21.40 4.37 47.95
CA ASN A 155 21.30 4.78 49.35
C ASN A 155 21.48 6.28 49.55
N LEU A 156 22.22 6.94 48.65
CA LEU A 156 22.32 8.40 48.69
C LEU A 156 20.97 9.10 48.52
N LEU A 157 20.03 8.50 47.79
CA LEU A 157 18.71 9.10 47.63
C LEU A 157 17.78 8.88 48.81
N LEU A 158 18.08 7.94 49.71
CA LEU A 158 17.31 7.78 50.92
C LEU A 158 17.59 8.85 51.98
N GLN A 159 18.66 9.63 51.84
CA GLN A 159 19.02 10.61 52.86
C GLN A 159 19.28 12.00 52.29
N ALA A 160 18.87 12.27 51.05
CA ALA A 160 18.98 13.60 50.48
C ALA A 160 18.09 14.59 51.22
N GLN A 161 18.57 15.83 51.33
CA GLN A 161 17.87 16.95 51.95
C GLN A 161 17.60 18.03 50.90
N LEU A 162 16.47 17.91 50.21
CA LEU A 162 16.27 18.69 48.99
C LEU A 162 15.99 20.16 49.31
N PRO A 163 16.65 21.10 48.63
CA PRO A 163 16.33 22.53 48.79
C PRO A 163 14.91 22.85 48.38
N PRO A 164 14.43 24.07 48.68
CA PRO A 164 13.18 24.54 48.08
C PRO A 164 13.25 24.59 46.56
N LYS A 165 12.13 24.28 45.92
CA LYS A 165 12.07 24.36 44.47
C LYS A 165 12.25 25.79 43.98
N PRO A 166 12.89 25.98 42.82
CA PRO A 166 13.32 27.32 42.42
C PRO A 166 12.13 28.20 42.08
N PRO A 167 12.21 29.50 42.38
CA PRO A 167 11.03 30.36 42.24
C PRO A 167 10.63 30.66 40.80
N ALA A 168 11.59 30.72 39.88
CA ALA A 168 11.28 30.91 38.46
C ALA A 168 12.13 30.00 37.59
N TRP A 169 11.47 29.25 36.72
CA TRP A 169 12.15 28.35 35.80
C TRP A 169 12.85 29.11 34.68
N ALA A 170 14.08 28.70 34.37
CA ALA A 170 14.91 29.40 33.40
C ALA A 170 14.55 29.01 31.96
N TRP A 171 14.77 29.96 31.05
CA TRP A 171 14.31 29.87 29.67
C TRP A 171 15.33 29.26 28.72
N ALA A 172 16.63 29.39 29.03
CA ALA A 172 17.71 29.11 28.10
C ALA A 172 17.69 27.67 27.58
N GLU A 173 18.42 27.46 26.49
CA GLU A 173 18.65 26.14 25.91
C GLU A 173 19.64 25.33 26.74
N GLY A 174 19.48 24.00 26.69
CA GLY A 174 20.40 23.10 27.37
C GLY A 174 20.08 22.84 28.83
N TRP A 175 21.13 22.64 29.64
CA TRP A 175 21.01 22.32 31.05
C TRP A 175 21.27 23.56 31.88
N THR A 176 20.47 23.78 32.91
CA THR A 176 20.81 24.77 33.94
C THR A 176 20.65 24.20 35.34
N ARG A 177 21.65 24.48 36.18
CA ARG A 177 21.68 24.08 37.58
C ARG A 177 21.29 25.28 38.43
N TYR A 178 20.45 25.07 39.43
CA TYR A 178 19.95 26.15 40.27
C TYR A 178 20.60 26.11 41.64
N GLY A 179 21.13 27.24 42.06
CA GLY A 179 21.60 27.44 43.42
C GLY A 179 20.44 27.68 44.37
N PRO A 180 20.74 27.64 45.66
CA PRO A 180 19.85 28.30 46.62
C PRO A 180 19.79 29.79 46.33
N GLU A 181 18.70 30.42 46.78
CA GLU A 181 18.24 31.72 46.30
C GLU A 181 17.83 31.70 44.83
N GLY A 182 17.59 30.52 44.27
CA GLY A 182 16.96 30.40 42.98
C GLY A 182 17.78 30.83 41.77
N GLU A 183 19.09 31.04 41.93
CA GLU A 183 19.91 31.56 40.84
C GLU A 183 20.19 30.46 39.83
N ALA A 184 19.75 30.68 38.59
CA ALA A 184 20.00 29.77 37.49
C ALA A 184 21.44 29.92 36.97
N VAL A 185 22.12 28.78 36.78
CA VAL A 185 23.49 28.77 36.28
C VAL A 185 23.59 27.77 35.13
N PRO A 186 24.20 28.12 34.00
CA PRO A 186 24.34 27.17 32.88
C PRO A 186 25.46 26.17 33.14
N VAL A 187 25.13 24.89 33.01
CA VAL A 187 26.09 23.80 33.17
C VAL A 187 25.89 22.80 32.03
N ALA A 188 26.99 22.30 31.49
CA ALA A 188 26.91 21.41 30.34
C ALA A 188 26.22 20.08 30.66
N ILE A 189 26.33 19.60 31.89
CA ILE A 189 25.78 18.29 32.25
C ILE A 189 25.44 18.31 33.74
N PRO A 190 24.47 17.51 34.19
CA PRO A 190 24.16 17.50 35.64
C PRO A 190 25.29 17.01 36.54
N GLU A 191 26.19 16.16 36.04
CA GLU A 191 27.40 15.70 36.75
C GLU A 191 27.07 15.11 38.13
N GLU A 192 26.22 14.08 38.13
CA GLU A 192 25.71 13.51 39.37
C GLU A 192 25.75 11.99 39.29
N ARG A 193 25.85 11.37 40.47
CA ARG A 193 25.83 9.91 40.55
C ARG A 193 24.42 9.33 40.53
N ALA A 194 23.44 10.03 41.13
CA ALA A 194 22.07 9.53 41.21
C ALA A 194 21.09 10.65 40.88
N LEU A 195 20.04 10.32 40.13
CA LEU A 195 19.06 11.30 39.69
C LEU A 195 17.67 10.68 39.64
N VAL A 196 16.67 11.53 39.87
CA VAL A 196 15.28 11.27 39.48
C VAL A 196 14.97 12.13 38.26
N PHE A 197 14.40 11.51 37.22
CA PHE A 197 14.38 12.10 35.88
C PHE A 197 12.98 11.96 35.28
N ASP A 198 12.52 13.00 34.59
CA ASP A 198 11.24 12.96 33.87
C ASP A 198 11.30 13.82 32.60
N VAL A 199 10.77 13.29 31.51
CA VAL A 199 10.80 13.94 30.20
C VAL A 199 9.37 14.20 29.70
N GLU A 200 9.16 15.35 29.07
CA GLU A 200 7.90 15.73 28.45
C GLU A 200 8.05 15.75 26.93
N VAL A 201 7.01 15.33 26.22
CA VAL A 201 7.01 15.28 24.75
C VAL A 201 5.75 15.91 24.21
N CYS A 202 5.89 16.91 23.34
CA CYS A 202 4.81 17.41 22.51
C CYS A 202 4.44 16.38 21.44
N LEU A 203 3.24 15.82 21.53
CA LEU A 203 2.85 14.72 20.65
C LEU A 203 2.56 15.18 19.23
N ALA A 204 2.17 16.45 19.04
CA ALA A 204 1.93 16.97 17.71
C ALA A 204 3.20 17.06 16.87
N GLU A 205 4.32 17.41 17.51
CA GLU A 205 5.57 17.58 16.78
C GLU A 205 6.25 16.27 16.42
N GLY A 206 5.84 15.16 17.02
CA GLY A 206 6.44 13.88 16.69
C GLY A 206 6.94 13.13 17.91
N THR A 207 8.25 12.90 17.99
CA THR A 207 8.83 12.05 19.01
C THR A 207 10.02 12.70 19.73
N CYS A 208 10.44 13.88 19.29
CA CYS A 208 11.56 14.56 19.93
C CYS A 208 11.22 14.93 21.38
N PRO A 209 12.15 14.76 22.32
CA PRO A 209 11.96 15.30 23.67
C PRO A 209 11.83 16.82 23.66
N THR A 210 10.96 17.34 24.54
CA THR A 210 10.64 18.75 24.59
C THR A 210 11.21 19.49 25.79
N LEU A 211 10.97 19.00 27.01
CA LEU A 211 11.63 19.55 28.20
C LEU A 211 11.68 18.49 29.29
N ALA A 212 12.55 18.72 30.28
CA ALA A 212 12.72 17.76 31.36
C ALA A 212 13.20 18.45 32.63
N VAL A 213 13.02 17.76 33.75
CA VAL A 213 13.44 18.21 35.08
C VAL A 213 14.14 17.05 35.78
N ALA A 214 15.22 17.34 36.52
CA ALA A 214 15.89 16.35 37.33
C ALA A 214 16.22 16.91 38.72
N ILE A 215 16.24 16.03 39.71
CA ILE A 215 16.65 16.36 41.07
C ILE A 215 17.80 15.44 41.48
N SER A 216 18.80 16.03 42.13
CA SER A 216 19.93 15.28 42.67
C SER A 216 19.87 15.34 44.19
N PRO A 217 20.84 14.76 44.91
CA PRO A 217 20.92 15.00 46.37
C PRO A 217 21.08 16.46 46.76
N SER A 218 21.39 17.37 45.83
CA SER A 218 21.70 18.73 46.23
C SER A 218 21.14 19.84 45.34
N ALA A 219 20.59 19.55 44.16
CA ALA A 219 20.13 20.63 43.30
C ALA A 219 18.95 20.20 42.45
N TRP A 220 18.13 21.19 42.10
CA TRP A 220 17.15 21.07 41.02
C TRP A 220 17.81 21.29 39.68
N TYR A 221 17.29 20.62 38.65
CA TYR A 221 17.77 20.76 37.29
C TYR A 221 16.60 20.81 36.32
N SER A 222 16.75 21.57 35.24
CA SER A 222 15.78 21.59 34.15
C SER A 222 16.50 21.70 32.81
N TRP A 223 15.82 21.20 31.76
CA TRP A 223 16.38 21.15 30.41
C TRP A 223 15.35 21.67 29.42
N CYS A 224 15.81 22.38 28.39
CA CYS A 224 14.97 22.85 27.30
C CYS A 224 15.48 22.33 25.96
N SER A 225 14.55 21.87 25.12
CA SER A 225 14.87 21.58 23.72
C SER A 225 15.07 22.86 22.91
N GLN A 226 16.04 22.81 22.00
CA GLN A 226 16.25 23.88 21.03
C GLN A 226 15.02 24.12 20.16
N ARG A 227 14.27 23.06 19.83
CA ARG A 227 13.02 23.20 19.10
C ARG A 227 11.96 23.97 19.87
N LEU A 228 12.06 24.04 21.19
CA LEU A 228 11.13 24.87 21.96
C LEU A 228 11.58 26.33 22.02
N VAL A 229 12.88 26.57 22.19
CA VAL A 229 13.35 27.94 22.40
C VAL A 229 13.44 28.72 21.10
N GLU A 230 13.87 28.09 20.01
CA GLU A 230 13.93 28.74 18.71
C GLU A 230 12.61 28.60 17.95
N GLU A 231 12.55 29.28 16.81
CA GLU A 231 11.44 29.15 15.87
C GLU A 231 12.01 28.99 14.47
N ARG A 232 11.47 28.01 13.73
CA ARG A 232 11.99 27.65 12.42
C ARG A 232 10.84 27.15 11.55
N TYR A 233 10.98 27.34 10.24
CA TYR A 233 10.02 26.80 9.29
C TYR A 233 10.05 25.27 9.26
N SER A 234 11.23 24.65 9.35
CA SER A 234 11.27 23.20 9.42
C SER A 234 12.48 22.70 10.19
N TRP A 235 12.32 21.51 10.77
CA TRP A 235 13.40 20.71 11.34
C TRP A 235 13.43 19.37 10.65
N THR A 236 14.61 18.75 10.61
CA THR A 236 14.74 17.40 10.07
C THR A 236 13.81 16.45 10.81
N SER A 237 13.09 15.62 10.05
CA SER A 237 12.20 14.63 10.65
C SER A 237 12.90 13.31 10.98
N GLN A 238 14.01 13.00 10.31
CA GLN A 238 14.89 11.93 10.77
C GLN A 238 15.64 12.36 12.03
N LEU A 239 15.63 11.51 13.04
CA LEU A 239 16.22 11.84 14.33
C LEU A 239 17.70 11.52 14.36
N SER A 240 18.45 12.35 15.09
CA SER A 240 19.86 12.20 15.36
C SER A 240 20.10 12.23 16.86
N PRO A 241 21.14 11.56 17.36
CA PRO A 241 21.48 11.70 18.78
C PRO A 241 21.79 13.13 19.20
N ALA A 242 22.18 13.99 18.26
CA ALA A 242 22.37 15.41 18.56
C ALA A 242 21.07 16.11 18.97
N ASP A 243 19.90 15.52 18.72
CA ASP A 243 18.64 16.08 19.20
C ASP A 243 18.08 15.33 20.41
N LEU A 244 18.85 14.44 21.03
CA LEU A 244 18.48 13.84 22.29
C LEU A 244 19.23 14.47 23.46
N ILE A 245 18.75 14.18 24.67
CA ILE A 245 19.29 14.73 25.92
C ILE A 245 20.62 14.11 26.28
N PRO A 246 21.67 14.92 26.49
CA PRO A 246 22.93 14.38 27.02
C PRO A 246 22.82 14.07 28.50
N LEU A 247 23.38 12.93 28.92
CA LEU A 247 23.23 12.57 30.34
C LEU A 247 24.47 11.97 31.00
N GLU A 248 25.11 10.98 30.39
CA GLU A 248 26.28 10.37 31.03
C GLU A 248 27.56 11.15 30.74
N VAL A 249 28.51 11.03 31.67
CA VAL A 249 29.67 11.92 31.74
C VAL A 249 30.79 11.49 30.82
N PRO A 250 31.71 12.40 30.46
CA PRO A 250 32.90 12.02 29.69
C PRO A 250 33.76 10.98 30.39
N THR A 251 34.71 10.44 29.62
CA THR A 251 35.56 9.33 30.05
C THR A 251 36.32 9.68 31.34
N ASP A 260 35.60 9.62 41.58
CA ASP A 260 34.21 9.17 41.69
C ASP A 260 34.10 7.70 41.26
N TRP A 261 33.10 7.01 41.81
CA TRP A 261 32.83 5.65 41.36
C TRP A 261 32.12 5.66 40.00
N GLN A 262 31.20 6.60 39.82
CA GLN A 262 30.57 6.92 38.54
C GLN A 262 30.03 5.67 37.82
N GLU A 263 29.03 5.06 38.45
CA GLU A 263 28.25 3.99 37.82
C GLU A 263 26.78 4.36 37.97
N GLN A 264 26.31 5.24 37.09
CA GLN A 264 25.15 6.08 37.37
C GLN A 264 23.87 5.26 37.51
N LEU A 265 23.05 5.65 38.49
CA LEU A 265 21.69 5.13 38.66
C LEU A 265 20.69 6.20 38.27
N VAL A 266 19.71 5.84 37.46
CA VAL A 266 18.57 6.69 37.16
C VAL A 266 17.30 5.99 37.60
N VAL A 267 16.43 6.71 38.29
CA VAL A 267 15.14 6.20 38.74
C VAL A 267 14.03 7.05 38.14
N GLY A 268 12.90 6.42 37.84
CA GLY A 268 11.76 7.13 37.33
C GLY A 268 10.48 6.37 37.60
N HIS A 269 9.41 6.84 36.97
CA HIS A 269 8.13 6.13 36.93
C HIS A 269 7.76 5.91 35.46
N ASN A 270 7.62 4.64 35.07
CA ASN A 270 7.70 4.24 33.66
C ASN A 270 9.02 4.70 33.04
N VAL A 271 10.11 4.54 33.80
CA VAL A 271 11.40 5.12 33.46
C VAL A 271 11.91 4.76 32.06
N SER A 272 11.47 3.64 31.48
CA SER A 272 11.96 3.26 30.15
C SER A 272 11.58 4.27 29.06
N PHE A 273 10.44 4.94 29.20
CA PHE A 273 10.14 6.04 28.28
C PHE A 273 11.14 7.18 28.40
N ASP A 274 11.54 7.52 29.63
CA ASP A 274 12.56 8.55 29.79
C ASP A 274 13.92 8.08 29.29
N ARG A 275 14.23 6.80 29.47
CA ARG A 275 15.47 6.23 28.92
C ARG A 275 15.53 6.38 27.41
N ALA A 276 14.39 6.23 26.74
CA ALA A 276 14.37 6.28 25.28
C ALA A 276 14.85 7.61 24.71
N HIS A 277 14.89 8.68 25.51
CA HIS A 277 15.28 9.99 25.02
C HIS A 277 16.73 10.37 25.29
N ILE A 278 17.57 9.44 25.73
CA ILE A 278 18.94 9.75 26.14
C ILE A 278 19.88 9.43 24.98
N ARG A 279 20.69 10.42 24.57
CA ARG A 279 21.47 10.29 23.35
C ARG A 279 22.52 9.17 23.45
N GLU A 280 23.28 9.14 24.55
CA GLU A 280 24.37 8.18 24.68
C GLU A 280 23.88 6.75 24.74
N GLN A 281 22.60 6.54 25.05
CA GLN A 281 22.04 5.19 25.17
C GLN A 281 22.01 4.45 23.83
N TYR A 282 22.14 5.15 22.71
CA TYR A 282 22.09 4.52 21.39
C TYR A 282 23.45 4.07 20.85
N LEU A 283 24.56 4.44 21.48
CA LEU A 283 25.86 3.97 21.01
C LEU A 283 25.94 2.46 21.04
N ILE A 284 26.68 1.89 20.10
CA ILE A 284 26.72 0.44 19.92
C ILE A 284 27.48 -0.24 21.06
N GLN A 285 28.52 0.39 21.58
CA GLN A 285 29.16 -0.16 22.76
C GLN A 285 28.29 0.07 23.99
N GLY A 286 28.54 -0.71 25.03
CA GLY A 286 27.81 -0.60 26.27
C GLY A 286 28.03 0.70 27.02
N SER A 287 27.35 0.79 28.16
CA SER A 287 27.45 1.91 29.07
C SER A 287 27.31 1.39 30.49
N ARG A 288 27.87 2.15 31.44
CA ARG A 288 27.69 1.82 32.85
C ARG A 288 26.25 2.02 33.34
N MET A 289 25.50 2.91 32.70
CA MET A 289 24.23 3.39 33.25
C MET A 289 23.23 2.24 33.44
N ARG A 290 22.43 2.34 34.50
CA ARG A 290 21.36 1.39 34.78
C ARG A 290 20.14 2.13 35.33
N PHE A 291 18.98 1.48 35.22
CA PHE A 291 17.69 2.12 35.46
C PHE A 291 16.82 1.31 36.40
N LEU A 292 16.09 2.01 37.26
CA LEU A 292 15.21 1.42 38.27
C LEU A 292 13.85 2.07 38.19
N ASP A 293 12.78 1.27 38.25
CA ASP A 293 11.43 1.74 37.94
C ASP A 293 10.52 1.56 39.14
N THR A 294 9.97 2.68 39.64
CA THR A 294 9.02 2.67 40.74
C THR A 294 7.78 1.82 40.44
N MET A 295 7.34 1.79 39.19
CA MET A 295 6.17 0.98 38.83
C MET A 295 6.44 -0.50 38.99
N SER A 296 7.66 -0.95 38.69
CA SER A 296 7.97 -2.37 38.83
C SER A 296 8.09 -2.78 40.29
N MET A 297 8.65 -1.91 41.13
CA MET A 297 8.66 -2.17 42.56
C MET A 297 7.27 -2.15 43.18
N HIS A 298 6.38 -1.28 42.70
CA HIS A 298 4.97 -1.41 43.06
C HIS A 298 4.40 -2.75 42.64
N MET A 299 4.70 -3.21 41.42
CA MET A 299 4.16 -4.49 40.98
C MET A 299 4.65 -5.65 41.83
N ALA A 300 5.90 -5.59 42.30
CA ALA A 300 6.37 -6.63 43.23
C ALA A 300 5.66 -6.56 44.57
N ILE A 301 5.58 -5.37 45.18
CA ILE A 301 4.89 -5.16 46.45
C ILE A 301 3.46 -4.69 46.21
N SER A 302 2.49 -5.56 46.43
CA SER A 302 1.06 -5.24 46.42
C SER A 302 0.49 -4.93 45.03
N GLY A 303 1.18 -5.28 43.95
CA GLY A 303 0.53 -5.32 42.65
C GLY A 303 -0.69 -6.23 42.64
N LEU A 304 -1.67 -5.85 41.82
CA LEU A 304 -2.98 -6.51 41.76
C LEU A 304 -3.14 -7.35 40.51
N SER A 305 -3.85 -8.47 40.66
CA SER A 305 -4.33 -9.26 39.53
C SER A 305 -5.20 -8.40 38.60
N SER A 306 -5.24 -8.81 37.33
CA SER A 306 -6.09 -8.13 36.35
C SER A 306 -7.57 -8.18 36.71
N PHE A 307 -8.03 -9.28 37.31
CA PHE A 307 -9.41 -9.32 37.79
C PHE A 307 -9.58 -8.46 39.04
N GLN A 308 -8.62 -8.55 39.96
CA GLN A 308 -8.61 -7.67 41.12
C GLN A 308 -8.63 -6.21 40.70
N ARG A 309 -8.02 -5.87 39.56
CA ARG A 309 -8.06 -4.50 39.07
C ARG A 309 -9.49 -4.03 38.82
N SER A 310 -10.28 -4.83 38.10
CA SER A 310 -11.64 -4.43 37.80
C SER A 310 -12.51 -4.43 39.04
N LEU A 311 -12.29 -5.38 39.95
CA LEU A 311 -12.97 -5.32 41.25
C LEU A 311 -12.62 -4.05 42.01
N TRP A 312 -11.34 -3.68 42.02
CA TRP A 312 -10.88 -2.53 42.78
C TRP A 312 -11.41 -1.23 42.21
N ILE A 313 -11.53 -1.16 40.89
CA ILE A 313 -12.14 0.01 40.25
C ILE A 313 -13.64 0.07 40.53
N ALA A 314 -14.32 -1.08 40.49
CA ALA A 314 -15.75 -1.08 40.82
C ALA A 314 -16.01 -0.69 42.28
N ALA A 315 -15.09 -1.03 43.18
CA ALA A 315 -15.22 -0.58 44.58
C ALA A 315 -14.89 0.89 44.78
N LYS A 316 -14.53 1.61 43.73
CA LYS A 316 -14.21 3.03 43.86
C LYS A 316 -14.91 3.80 42.75
N ILE A 342 -14.70 -11.17 46.58
CA ILE A 342 -16.08 -11.60 46.73
C ILE A 342 -16.60 -11.28 48.12
N SER A 343 -15.89 -11.73 49.16
CA SER A 343 -16.42 -11.60 50.51
C SER A 343 -15.33 -11.30 51.55
N SER A 344 -14.06 -11.51 51.21
CA SER A 344 -13.00 -11.06 52.11
C SER A 344 -12.93 -9.54 52.16
N TRP A 345 -12.65 -8.92 51.02
CA TRP A 345 -12.51 -7.48 50.85
C TRP A 345 -11.44 -6.83 51.73
N ASP A 346 -10.63 -7.62 52.43
CA ASP A 346 -9.59 -7.04 53.27
C ASP A 346 -8.38 -6.56 52.49
N TRP A 347 -8.16 -7.11 51.29
CA TRP A 347 -7.00 -6.78 50.48
C TRP A 347 -7.04 -5.37 49.88
N LEU A 348 -8.22 -4.76 49.76
CA LEU A 348 -8.34 -3.49 49.04
C LEU A 348 -7.59 -2.36 49.71
N ASP A 349 -7.44 -2.38 51.04
CA ASP A 349 -6.80 -1.27 51.73
C ASP A 349 -5.28 -1.25 51.57
N ILE A 350 -4.67 -2.33 51.10
CA ILE A 350 -3.22 -2.46 51.03
C ILE A 350 -2.72 -2.45 49.59
N SER A 351 -3.56 -2.12 48.63
CA SER A 351 -3.27 -2.33 47.22
C SER A 351 -3.80 -1.16 46.39
N SER A 352 -3.31 -1.04 45.16
CA SER A 352 -3.79 -0.01 44.24
C SER A 352 -3.40 -0.37 42.81
N VAL A 353 -3.98 0.38 41.87
CA VAL A 353 -3.55 0.46 40.48
C VAL A 353 -2.20 1.14 40.33
N ASN A 354 -1.67 1.16 39.10
CA ASN A 354 -0.28 1.49 38.80
C ASN A 354 -0.03 2.98 38.56
N SER A 355 -1.08 3.79 38.40
CA SER A 355 -0.88 5.21 38.13
C SER A 355 -0.14 5.90 39.29
N LEU A 356 0.62 6.93 38.93
CA LEU A 356 1.48 7.61 39.91
C LEU A 356 0.68 8.19 41.07
N ALA A 357 -0.51 8.73 40.80
CA ALA A 357 -1.32 9.33 41.85
C ALA A 357 -1.73 8.32 42.92
N GLU A 358 -2.24 7.17 42.50
CA GLU A 358 -2.65 6.15 43.47
C GLU A 358 -1.47 5.54 44.21
N VAL A 359 -0.32 5.45 43.56
CA VAL A 359 0.88 4.93 44.22
C VAL A 359 1.38 5.91 45.28
N HIS A 360 1.38 7.20 44.97
CA HIS A 360 1.70 8.19 45.99
C HIS A 360 0.69 8.15 47.13
N ARG A 361 -0.59 8.00 46.80
CA ARG A 361 -1.62 7.99 47.83
C ARG A 361 -1.43 6.83 48.80
N LEU A 362 -1.13 5.63 48.28
CA LEU A 362 -0.90 4.48 49.15
C LEU A 362 0.39 4.61 49.95
N TYR A 363 1.52 4.88 49.29
CA TYR A 363 2.79 4.85 50.01
C TYR A 363 3.08 6.12 50.81
N VAL A 364 2.61 7.28 50.36
CA VAL A 364 2.97 8.55 50.97
C VAL A 364 1.79 9.22 51.66
N GLY A 365 0.63 9.24 51.02
CA GLY A 365 -0.48 10.03 51.54
C GLY A 365 -0.22 11.53 51.42
N GLY A 366 -0.95 12.30 52.23
CA GLY A 366 -0.96 13.73 52.12
C GLY A 366 -1.95 14.25 51.10
N PRO A 367 -1.82 15.52 50.71
CA PRO A 367 -2.76 16.12 49.77
C PRO A 367 -2.62 15.50 48.38
N PRO A 368 -3.74 15.27 47.70
CA PRO A 368 -3.71 14.65 46.37
C PRO A 368 -2.86 15.42 45.36
N LEU A 369 -2.41 14.70 44.35
CA LEU A 369 -1.67 15.27 43.23
C LEU A 369 -2.63 15.85 42.20
N GLU A 370 -2.20 16.94 41.56
CA GLU A 370 -3.03 17.67 40.60
C GLU A 370 -2.48 17.48 39.20
N LYS A 371 -3.34 17.09 38.27
CA LYS A 371 -3.04 17.14 36.84
C LYS A 371 -3.35 18.52 36.25
N GLU A 372 -2.64 18.87 35.19
CA GLU A 372 -3.11 19.92 34.30
C GLU A 372 -4.41 19.47 33.63
N PRO A 373 -5.45 20.29 33.65
CA PRO A 373 -6.74 19.86 33.10
C PRO A 373 -6.82 19.85 31.58
N ARG A 374 -6.06 20.71 30.91
CA ARG A 374 -6.21 20.89 29.47
C ARG A 374 -5.27 20.02 28.65
N GLU A 375 -4.29 19.35 29.27
CA GLU A 375 -3.49 18.31 28.62
C GLU A 375 -2.70 18.79 27.41
N LEU A 376 -2.00 19.92 27.58
CA LEU A 376 -1.38 20.59 26.44
C LEU A 376 -0.38 19.71 25.69
N PHE A 377 0.33 18.82 26.37
CA PHE A 377 1.35 18.02 25.70
C PHE A 377 0.76 16.95 24.78
N VAL A 378 -0.43 16.43 25.10
CA VAL A 378 -1.02 15.42 24.23
C VAL A 378 -1.98 16.03 23.21
N LYS A 379 -2.56 17.19 23.49
CA LYS A 379 -3.58 17.78 22.64
C LYS A 379 -3.29 19.20 22.17
N GLY A 380 -2.33 19.91 22.76
CA GLY A 380 -2.04 21.27 22.38
C GLY A 380 -1.13 21.38 21.16
N THR A 381 -0.48 22.53 21.05
CA THR A 381 0.54 22.75 20.03
C THR A 381 1.65 23.60 20.62
N MET A 382 2.80 23.61 19.92
CA MET A 382 4.02 24.21 20.44
C MET A 382 3.83 25.67 20.86
N LYS A 383 2.96 26.42 20.17
CA LYS A 383 2.58 27.75 20.62
C LYS A 383 2.08 27.74 22.06
N ASP A 384 1.24 26.75 22.41
CA ASP A 384 0.71 26.65 23.76
C ASP A 384 1.82 26.34 24.76
N ILE A 385 2.79 25.52 24.34
CA ILE A 385 3.91 25.20 25.23
C ILE A 385 4.73 26.46 25.50
N ARG A 386 4.96 27.27 24.45
CA ARG A 386 5.67 28.52 24.64
C ARG A 386 4.91 29.47 25.56
N GLU A 387 3.58 29.49 25.48
CA GLU A 387 2.81 30.44 26.28
C GLU A 387 2.62 29.99 27.73
N ASN A 388 2.32 28.71 27.96
CA ASN A 388 2.09 28.15 29.29
C ASN A 388 3.36 27.66 30.00
N PHE A 389 4.54 28.07 29.55
CA PHE A 389 5.82 27.48 29.93
C PHE A 389 5.98 27.25 31.44
N GLN A 390 5.89 28.32 32.23
CA GLN A 390 6.13 28.22 33.67
C GLN A 390 5.22 27.20 34.34
N ASP A 391 3.94 27.16 33.97
CA ASP A 391 3.02 26.22 34.60
C ASP A 391 3.38 24.77 34.28
N LEU A 392 3.83 24.52 33.05
CA LEU A 392 4.18 23.16 32.67
C LEU A 392 5.44 22.70 33.40
N MET A 393 6.47 23.54 33.45
CA MET A 393 7.67 23.15 34.19
C MET A 393 7.38 22.97 35.68
N GLN A 394 6.44 23.76 36.22
CA GLN A 394 6.00 23.53 37.59
C GLN A 394 5.38 22.15 37.77
N TYR A 395 4.41 21.79 36.91
CA TYR A 395 3.79 20.47 37.03
C TYR A 395 4.80 19.33 36.87
N CYS A 396 5.84 19.56 36.05
CA CYS A 396 6.88 18.55 35.89
C CYS A 396 7.68 18.39 37.18
N ALA A 397 8.06 19.49 37.81
CA ALA A 397 8.74 19.39 39.11
C ALA A 397 7.86 18.72 40.15
N GLN A 398 6.54 18.93 40.06
CA GLN A 398 5.63 18.30 41.02
C GLN A 398 5.67 16.78 40.90
N ASP A 399 5.54 16.28 39.67
CA ASP A 399 5.61 14.84 39.47
C ASP A 399 6.97 14.27 39.87
N VAL A 400 8.05 15.00 39.56
CA VAL A 400 9.39 14.57 39.98
C VAL A 400 9.48 14.42 41.50
N TRP A 401 9.06 15.44 42.24
CA TRP A 401 9.05 15.37 43.70
C TRP A 401 8.21 14.20 44.22
N ALA A 402 7.02 14.00 43.67
CA ALA A 402 6.21 12.87 44.12
C ALA A 402 6.89 11.53 43.85
N THR A 403 7.64 11.42 42.75
CA THR A 403 8.38 10.19 42.48
C THR A 403 9.49 9.98 43.49
N HIS A 404 10.22 11.04 43.81
CA HIS A 404 11.24 10.96 44.87
C HIS A 404 10.63 10.51 46.20
N GLU A 405 9.48 11.07 46.57
CA GLU A 405 8.82 10.67 47.81
C GLU A 405 8.42 9.19 47.80
N VAL A 406 7.88 8.71 46.68
CA VAL A 406 7.49 7.30 46.61
C VAL A 406 8.70 6.37 46.72
N PHE A 407 9.79 6.69 46.03
CA PHE A 407 10.98 5.84 46.05
C PHE A 407 11.51 5.59 47.46
N GLN A 408 11.62 6.63 48.28
CA GLN A 408 12.13 6.48 49.65
C GLN A 408 11.33 5.48 50.48
N GLN A 409 10.01 5.42 50.29
CA GLN A 409 9.20 4.46 51.03
C GLN A 409 9.36 3.02 50.51
N GLN A 410 9.35 2.84 49.19
CA GLN A 410 9.27 1.48 48.63
C GLN A 410 10.51 0.65 48.89
N LEU A 411 11.70 1.26 48.81
CA LEU A 411 12.92 0.46 48.74
C LEU A 411 13.15 -0.49 49.93
N PRO A 412 12.96 -0.07 51.19
CA PRO A 412 13.16 -1.06 52.28
C PRO A 412 12.19 -2.22 52.25
N LEU A 413 10.95 -2.00 51.80
CA LEU A 413 10.02 -3.12 51.66
C LEU A 413 10.46 -4.09 50.58
N PHE A 414 10.93 -3.58 49.44
CA PHE A 414 11.44 -4.45 48.40
C PHE A 414 12.66 -5.24 48.87
N LEU A 415 13.61 -4.55 49.51
CA LEU A 415 14.78 -5.22 50.06
C LEU A 415 14.42 -6.25 51.12
N GLU A 416 13.26 -6.11 51.77
CA GLU A 416 12.80 -7.14 52.70
C GLU A 416 12.15 -8.33 51.99
N ARG A 417 11.20 -8.06 51.09
CA ARG A 417 10.39 -9.14 50.53
C ARG A 417 11.07 -9.92 49.42
N CYS A 418 12.10 -9.38 48.78
CA CYS A 418 12.96 -10.12 47.85
C CYS A 418 14.41 -9.92 48.25
N PRO A 419 14.88 -10.65 49.26
CA PRO A 419 16.21 -10.36 49.82
C PRO A 419 17.38 -10.89 49.00
N HIS A 420 17.19 -11.98 48.27
CA HIS A 420 18.29 -12.59 47.52
C HIS A 420 18.78 -11.61 46.44
N PRO A 421 20.09 -11.33 46.39
CA PRO A 421 20.61 -10.35 45.43
C PRO A 421 20.38 -10.70 43.96
N VAL A 422 20.15 -11.98 43.65
CA VAL A 422 19.92 -12.39 42.26
C VAL A 422 18.71 -11.66 41.68
N THR A 423 17.66 -11.46 42.47
CA THR A 423 16.46 -10.81 41.95
C THR A 423 16.74 -9.38 41.50
N LEU A 424 17.42 -8.62 42.35
CA LEU A 424 17.74 -7.23 42.00
C LEU A 424 18.68 -7.17 40.80
N ALA A 425 19.71 -8.02 40.77
CA ALA A 425 20.62 -8.02 39.62
C ALA A 425 19.88 -8.37 38.32
N GLY A 426 19.00 -9.37 38.37
CA GLY A 426 18.16 -9.68 37.22
C GLY A 426 17.32 -8.51 36.75
N MET A 427 16.57 -7.89 37.67
CA MET A 427 15.79 -6.71 37.30
C MET A 427 16.65 -5.62 36.69
N LEU A 428 17.84 -5.39 37.25
CA LEU A 428 18.70 -4.32 36.75
C LEU A 428 19.27 -4.61 35.38
N GLU A 429 19.54 -5.88 35.07
CA GLU A 429 19.96 -6.25 33.72
C GLU A 429 18.83 -6.29 32.71
N MET A 430 17.59 -6.58 33.14
CA MET A 430 16.46 -6.56 32.22
C MET A 430 16.18 -5.19 31.59
N GLY A 431 16.69 -4.11 32.17
CA GLY A 431 16.40 -2.76 31.71
C GLY A 431 17.23 -2.19 30.57
N VAL A 432 17.99 -3.00 29.84
CA VAL A 432 18.95 -2.47 28.87
C VAL A 432 18.90 -3.20 27.52
N SER A 433 17.70 -3.54 27.07
CA SER A 433 17.55 -4.15 25.74
C SER A 433 17.94 -3.16 24.63
N TYR A 434 18.25 -3.73 23.45
CA TYR A 434 18.83 -2.98 22.34
C TYR A 434 18.54 -3.71 21.03
N LEU A 435 17.79 -3.08 20.13
CA LEU A 435 17.48 -3.69 18.82
C LEU A 435 18.13 -2.96 17.66
N PRO A 436 19.07 -3.56 16.94
CA PRO A 436 19.69 -2.89 15.78
C PRO A 436 18.83 -2.96 14.53
N VAL A 437 18.86 -1.87 13.74
CA VAL A 437 18.09 -1.78 12.50
C VAL A 437 18.88 -1.00 11.46
N ASN A 438 18.51 -1.20 10.18
CA ASN A 438 19.10 -0.44 9.07
C ASN A 438 18.02 0.16 8.18
N GLN A 439 18.42 0.76 7.05
CA GLN A 439 17.51 1.41 6.11
C GLN A 439 16.43 0.48 5.55
N ASN A 440 16.60 -0.83 5.61
CA ASN A 440 15.54 -1.74 5.17
C ASN A 440 14.24 -1.58 5.97
N TRP A 441 14.32 -1.04 7.19
CA TRP A 441 13.11 -0.80 7.99
C TRP A 441 12.11 0.10 7.28
N GLU A 442 12.58 1.19 6.67
CA GLU A 442 11.70 2.09 5.94
C GLU A 442 11.00 1.39 4.78
N ARG A 443 11.76 0.61 4.02
CA ARG A 443 11.18 -0.12 2.90
C ARG A 443 10.17 -1.16 3.37
N TYR A 444 10.49 -1.87 4.46
CA TYR A 444 9.53 -2.80 5.05
C TYR A 444 8.21 -2.11 5.41
N LEU A 445 8.31 -0.93 6.02
CA LEU A 445 7.10 -0.19 6.39
C LEU A 445 6.28 0.19 5.16
N ALA A 446 6.95 0.74 4.14
CA ALA A 446 6.25 1.12 2.91
C ALA A 446 5.58 -0.06 2.24
N GLU A 447 6.30 -1.17 2.07
CA GLU A 447 5.74 -2.34 1.40
C GLU A 447 4.56 -2.93 2.17
N ALA A 448 4.64 -2.94 3.51
CA ALA A 448 3.53 -3.43 4.30
C ALA A 448 2.29 -2.54 4.13
N GLN A 449 2.48 -1.23 4.27
CA GLN A 449 1.35 -0.31 4.12
C GLN A 449 0.70 -0.44 2.75
N GLY A 450 1.50 -0.47 1.68
CA GLY A 450 0.94 -0.62 0.35
C GLY A 450 0.17 -1.92 0.13
N THR A 451 0.71 -3.04 0.63
CA THR A 451 0.01 -4.31 0.46
C THR A 451 -1.30 -4.34 1.25
N TYR A 452 -1.30 -3.81 2.46
CA TYR A 452 -2.53 -3.73 3.24
C TYR A 452 -3.57 -2.88 2.51
N GLU A 453 -3.15 -1.73 2.00
CA GLU A 453 -4.07 -0.83 1.30
C GLU A 453 -4.70 -1.50 0.08
N GLU A 454 -3.89 -2.17 -0.74
CA GLU A 454 -4.47 -2.82 -1.92
C GLU A 454 -5.44 -3.94 -1.55
N LEU A 455 -5.12 -4.76 -0.54
CA LEU A 455 -6.05 -5.82 -0.16
C LEU A 455 -7.34 -5.26 0.43
N GLN A 456 -7.24 -4.20 1.23
CA GLN A 456 -8.43 -3.58 1.80
C GLN A 456 -9.28 -2.92 0.72
N ARG A 457 -8.65 -2.30 -0.28
CA ARG A 457 -9.40 -1.75 -1.41
C ARG A 457 -10.15 -2.84 -2.18
N GLU A 458 -9.49 -3.96 -2.45
CA GLU A 458 -10.17 -5.08 -3.11
C GLU A 458 -11.40 -5.52 -2.32
N MET A 459 -11.29 -5.61 -0.99
CA MET A 459 -12.43 -6.04 -0.18
C MET A 459 -13.55 -4.99 -0.17
N LYS A 460 -13.19 -3.72 0.01
CA LYS A 460 -14.15 -2.63 0.02
C LYS A 460 -14.92 -2.52 -1.28
N LYS A 461 -14.25 -2.60 -2.43
CA LYS A 461 -14.96 -2.57 -3.71
C LYS A 461 -16.10 -3.58 -3.77
N SER A 462 -15.81 -4.81 -3.35
CA SER A 462 -16.81 -5.89 -3.40
C SER A 462 -17.97 -5.62 -2.47
N LEU A 463 -17.71 -5.13 -1.26
CA LEU A 463 -18.84 -4.79 -0.38
C LEU A 463 -19.63 -3.58 -0.88
N MET A 464 -18.95 -2.56 -1.38
CA MET A 464 -19.61 -1.36 -1.89
C MET A 464 -20.53 -1.65 -3.07
N ASP A 465 -20.15 -2.58 -3.95
CA ASP A 465 -21.07 -2.92 -5.04
C ASP A 465 -22.37 -3.53 -4.54
N LEU A 466 -22.29 -4.42 -3.55
CA LEU A 466 -23.50 -4.99 -2.95
C LEU A 466 -24.34 -3.91 -2.29
N ALA A 467 -23.69 -2.99 -1.58
CA ALA A 467 -24.43 -1.90 -0.94
C ALA A 467 -25.12 -1.02 -1.97
N ASN A 468 -24.42 -0.66 -3.04
CA ASN A 468 -25.02 0.12 -4.12
C ASN A 468 -26.25 -0.57 -4.68
N ASP A 469 -26.11 -1.84 -5.09
CA ASP A 469 -27.24 -2.52 -5.73
C ASP A 469 -28.41 -2.76 -4.79
N ALA A 470 -28.17 -2.93 -3.49
CA ALA A 470 -29.28 -3.15 -2.55
C ALA A 470 -30.26 -1.98 -2.48
N CYS A 471 -29.82 -0.76 -2.78
CA CYS A 471 -30.71 0.40 -2.77
C CYS A 471 -31.94 0.23 -3.67
N GLN A 472 -31.84 -0.58 -4.73
CA GLN A 472 -32.98 -0.81 -5.61
C GLN A 472 -34.15 -1.56 -4.99
N LEU A 473 -33.98 -2.19 -3.81
CA LEU A 473 -35.12 -2.86 -3.17
C LEU A 473 -36.11 -1.90 -2.53
N LEU A 474 -35.81 -0.60 -2.46
CA LEU A 474 -36.76 0.35 -1.89
C LEU A 474 -38.05 0.41 -2.70
N SER A 475 -37.95 0.37 -4.02
CA SER A 475 -39.12 0.53 -4.89
C SER A 475 -40.15 -0.58 -4.67
N GLY A 476 -41.40 -0.18 -4.49
CA GLY A 476 -42.50 -1.10 -4.26
C GLY A 476 -42.51 -1.82 -2.93
N GLU A 477 -41.70 -1.39 -1.97
CA GLU A 477 -41.59 -2.06 -0.67
C GLU A 477 -41.26 -3.54 -0.81
N ARG A 478 -40.43 -3.86 -1.82
CA ARG A 478 -40.03 -5.23 -2.06
C ARG A 478 -39.15 -5.78 -0.94
N TYR A 479 -38.44 -4.89 -0.23
CA TYR A 479 -37.58 -5.32 0.88
C TYR A 479 -38.35 -6.09 1.95
N LYS A 480 -39.65 -5.86 2.09
CA LYS A 480 -40.41 -6.60 3.09
C LYS A 480 -40.40 -8.11 2.83
N GLU A 481 -40.10 -8.53 1.61
CA GLU A 481 -40.08 -9.95 1.26
C GLU A 481 -38.68 -10.57 1.30
N ASP A 482 -37.64 -9.77 1.44
CA ASP A 482 -36.28 -10.31 1.48
C ASP A 482 -35.98 -10.90 2.87
N PRO A 483 -35.71 -12.19 2.97
CA PRO A 483 -35.40 -12.78 4.28
C PRO A 483 -34.15 -12.23 4.96
N TRP A 484 -33.36 -11.40 4.30
CA TRP A 484 -32.46 -10.49 4.96
C TRP A 484 -32.88 -9.04 4.71
N LEU A 485 -32.42 -8.14 5.58
CA LEU A 485 -32.61 -6.70 5.42
C LEU A 485 -34.04 -6.22 5.65
N TRP A 486 -34.99 -7.14 5.82
CA TRP A 486 -36.38 -6.77 6.07
C TRP A 486 -36.54 -5.90 7.32
N ASP A 487 -35.57 -5.89 8.23
CA ASP A 487 -35.70 -5.18 9.50
C ASP A 487 -34.79 -3.95 9.61
N LEU A 488 -34.17 -3.53 8.52
CA LEU A 488 -33.38 -2.30 8.53
C LEU A 488 -34.29 -1.06 8.57
N GLU A 489 -33.67 0.09 8.82
CA GLU A 489 -34.30 1.40 8.65
C GLU A 489 -34.52 1.68 7.16
N TRP A 490 -35.72 1.41 6.69
CA TRP A 490 -36.13 1.73 5.32
C TRP A 490 -36.95 3.02 5.26
N ASP A 491 -36.38 4.13 5.73
CA ASP A 491 -37.11 5.38 5.78
C ASP A 491 -36.41 6.51 5.02
N LEU A 492 -37.23 7.39 4.45
CA LEU A 492 -36.79 8.57 3.72
C LEU A 492 -37.10 9.83 4.50
N GLN A 493 -36.14 10.75 4.55
CA GLN A 493 -36.26 11.99 5.29
C GLN A 493 -36.54 13.15 4.35
N GLU A 494 -37.51 13.99 4.71
CA GLU A 494 -37.89 15.11 3.85
C GLU A 494 -36.81 16.19 3.84
N PHE A 495 -36.71 16.89 2.71
CA PHE A 495 -35.78 18.00 2.58
C PHE A 495 -36.35 19.25 3.25
N LYS A 496 -35.56 19.88 4.10
CA LYS A 496 -36.04 20.91 5.02
C LYS A 496 -35.68 22.31 4.51
N GLN A 497 -36.69 23.16 4.35
CA GLN A 497 -36.52 24.56 4.02
C GLN A 497 -36.56 25.42 5.29
N LYS A 498 -36.13 26.67 5.14
CA LYS A 498 -36.55 27.73 6.04
C LYS A 498 -37.98 28.17 5.75
N LYS A 499 -38.61 28.79 6.74
CA LYS A 499 -40.03 29.10 6.69
C LYS A 499 -40.38 30.05 5.54
N LEU A 530 -37.09 26.43 -38.88
CA LEU A 530 -35.86 26.95 -38.29
C LEU A 530 -34.65 26.58 -39.14
N GLY A 531 -33.52 27.19 -38.83
CA GLY A 531 -32.29 26.94 -39.55
C GLY A 531 -31.46 28.20 -39.80
N PRO A 532 -31.15 28.95 -38.74
CA PRO A 532 -30.50 30.25 -38.93
C PRO A 532 -29.02 30.09 -39.31
N CYS A 533 -28.41 31.22 -39.61
CA CYS A 533 -26.98 31.30 -39.87
C CYS A 533 -26.18 31.33 -38.57
N SER A 534 -24.86 31.54 -38.70
CA SER A 534 -24.02 31.95 -37.60
C SER A 534 -24.62 33.11 -36.80
N GLU A 535 -24.34 33.12 -35.50
CA GLU A 535 -24.82 34.11 -34.57
C GLU A 535 -24.13 35.47 -34.79
N GLU A 536 -24.73 36.50 -34.19
CA GLU A 536 -24.13 37.82 -34.04
C GLU A 536 -24.26 38.28 -32.60
N GLU A 537 -23.24 38.99 -32.11
CA GLU A 537 -23.14 39.37 -30.69
C GLU A 537 -23.19 38.15 -29.76
N GLU A 538 -22.41 37.13 -30.09
CA GLU A 538 -22.24 35.99 -29.18
C GLU A 538 -21.77 36.40 -27.79
N PHE A 539 -20.96 37.47 -27.70
CA PHE A 539 -20.51 37.98 -26.42
C PHE A 539 -21.66 38.49 -25.57
N GLN A 540 -22.77 38.89 -26.21
CA GLN A 540 -23.94 39.29 -25.43
C GLN A 540 -24.67 38.07 -24.86
N GLN A 541 -24.88 37.03 -25.66
CA GLN A 541 -25.53 35.84 -25.12
C GLN A 541 -24.69 35.23 -24.01
N ASP A 542 -23.36 35.34 -24.14
CA ASP A 542 -22.44 34.90 -23.09
C ASP A 542 -22.69 35.64 -21.79
N VAL A 543 -22.62 36.97 -21.82
CA VAL A 543 -22.80 37.71 -20.58
C VAL A 543 -24.23 37.58 -20.04
N MET A 544 -25.22 37.47 -20.94
CA MET A 544 -26.60 37.22 -20.52
C MET A 544 -26.71 35.96 -19.65
N ALA A 545 -26.24 34.84 -20.17
CA ALA A 545 -26.33 33.59 -19.42
C ALA A 545 -25.51 33.63 -18.14
N ARG A 546 -24.29 34.19 -18.19
CA ARG A 546 -23.51 34.30 -16.97
C ARG A 546 -24.21 35.12 -15.89
N ALA A 547 -24.81 36.26 -16.27
CA ALA A 547 -25.52 37.08 -15.28
C ALA A 547 -26.79 36.39 -14.76
N CYS A 548 -27.51 35.68 -15.62
CA CYS A 548 -28.63 34.86 -15.14
C CYS A 548 -28.16 33.87 -14.09
N LEU A 549 -27.02 33.24 -14.33
CA LEU A 549 -26.52 32.25 -13.39
C LEU A 549 -26.10 32.88 -12.07
N GLN A 550 -25.40 34.01 -12.13
CA GLN A 550 -25.01 34.70 -10.90
C GLN A 550 -26.22 35.15 -10.09
N LYS A 551 -27.25 35.67 -10.78
CA LYS A 551 -28.50 36.04 -10.13
C LYS A 551 -29.13 34.87 -9.40
N LEU A 552 -29.20 33.71 -10.05
CA LEU A 552 -29.84 32.59 -9.37
C LEU A 552 -28.94 32.00 -8.28
N LYS A 553 -27.62 32.06 -8.49
CA LYS A 553 -26.64 31.65 -7.49
C LYS A 553 -26.75 32.43 -6.19
N GLY A 554 -27.17 33.69 -6.26
CA GLY A 554 -27.20 34.50 -5.05
C GLY A 554 -28.31 34.18 -4.05
N THR A 555 -29.28 33.33 -4.42
CA THR A 555 -30.39 32.97 -3.53
C THR A 555 -29.95 32.10 -2.32
N THR A 556 -28.65 31.85 -2.16
CA THR A 556 -28.14 31.06 -1.04
C THR A 556 -28.60 31.54 0.34
N GLU A 557 -28.94 32.81 0.49
CA GLU A 557 -29.34 33.35 1.79
C GLU A 557 -30.54 32.64 2.43
N LEU A 558 -31.33 31.90 1.66
CA LEU A 558 -32.48 31.19 2.21
C LEU A 558 -32.17 29.74 2.61
N LEU A 559 -30.94 29.27 2.47
CA LEU A 559 -30.69 27.91 2.94
C LEU A 559 -30.38 27.89 4.44
N PRO A 560 -30.85 26.84 5.12
CA PRO A 560 -30.37 26.56 6.49
C PRO A 560 -28.86 26.42 6.57
N LYS A 561 -28.32 26.81 7.73
CA LYS A 561 -26.88 26.91 7.90
C LYS A 561 -26.21 25.54 8.03
N ARG A 562 -26.87 24.59 8.69
CA ARG A 562 -26.33 23.22 8.78
C ARG A 562 -26.72 22.39 7.57
N PRO A 563 -25.76 21.97 6.74
CA PRO A 563 -26.09 21.14 5.58
C PRO A 563 -26.60 19.76 6.00
N GLN A 564 -27.75 19.39 5.46
CA GLN A 564 -28.36 18.11 5.76
C GLN A 564 -27.57 16.98 5.09
N HIS A 565 -27.65 15.78 5.67
CA HIS A 565 -26.85 14.65 5.22
C HIS A 565 -27.73 13.57 4.61
N LEU A 566 -27.63 13.41 3.27
CA LEU A 566 -28.25 12.38 2.45
C LEU A 566 -29.68 12.03 2.83
N PRO A 567 -30.58 13.00 2.98
CA PRO A 567 -31.93 12.67 3.47
C PRO A 567 -32.72 11.77 2.54
N GLY A 568 -32.44 11.79 1.24
CA GLY A 568 -33.17 10.92 0.32
C GLY A 568 -32.64 9.50 0.19
N HIS A 569 -31.47 9.21 0.73
CA HIS A 569 -31.01 7.83 0.84
C HIS A 569 -31.60 7.16 2.06
N PRO A 570 -31.71 5.83 2.04
CA PRO A 570 -32.19 5.10 3.23
C PRO A 570 -31.25 5.26 4.42
N GLY A 571 -31.83 5.18 5.61
CA GLY A 571 -31.05 5.37 6.84
C GLY A 571 -29.88 4.42 6.99
N TRP A 572 -30.10 3.12 6.72
CA TRP A 572 -28.98 2.18 6.78
C TRP A 572 -27.87 2.59 5.82
N TYR A 573 -28.22 2.96 4.59
CA TYR A 573 -27.19 3.34 3.64
C TYR A 573 -26.56 4.65 4.09
N ARG A 574 -27.40 5.55 4.63
CA ARG A 574 -26.93 6.84 5.13
C ARG A 574 -25.79 6.68 6.12
N LYS A 575 -25.88 5.68 7.00
CA LYS A 575 -24.84 5.51 8.02
C LYS A 575 -23.49 5.11 7.43
N LEU A 576 -23.48 4.48 6.26
CA LEU A 576 -22.24 3.96 5.68
C LEU A 576 -21.41 5.02 4.98
N CYS A 577 -21.89 6.25 4.86
CA CYS A 577 -21.23 7.26 4.06
C CYS A 577 -20.65 8.37 4.93
N PRO A 578 -19.41 8.79 4.70
CA PRO A 578 -18.88 9.96 5.41
C PRO A 578 -19.66 11.23 5.10
N ARG A 579 -19.36 12.27 5.88
CA ARG A 579 -19.89 13.61 5.64
C ARG A 579 -18.94 14.41 4.74
N LEU A 580 -19.54 15.28 3.93
CA LEU A 580 -18.77 16.15 3.04
C LEU A 580 -17.80 17.05 3.81
N ASP A 581 -18.08 17.33 5.09
CA ASP A 581 -17.17 18.11 5.91
C ASP A 581 -15.90 17.35 6.28
N ASP A 582 -15.92 16.03 6.27
CA ASP A 582 -14.74 15.26 6.67
C ASP A 582 -13.62 15.43 5.65
N PRO A 583 -12.42 15.81 6.08
CA PRO A 583 -11.27 15.84 5.15
C PRO A 583 -10.91 14.49 4.57
N ALA A 584 -11.49 13.40 5.07
CA ALA A 584 -11.26 12.06 4.55
C ALA A 584 -12.47 11.51 3.80
N TRP A 585 -13.36 12.38 3.32
CA TRP A 585 -14.48 11.96 2.50
C TRP A 585 -14.01 11.24 1.24
N THR A 586 -14.77 10.21 0.86
CA THR A 586 -14.66 9.57 -0.45
C THR A 586 -16.06 9.23 -0.92
N PRO A 587 -16.25 9.07 -2.22
CA PRO A 587 -17.59 8.72 -2.72
C PRO A 587 -18.01 7.31 -2.31
N GLY A 588 -19.33 7.12 -2.30
CA GLY A 588 -19.92 5.85 -1.96
C GLY A 588 -19.92 5.52 -0.48
N PRO A 589 -20.41 4.31 -0.15
CA PRO A 589 -20.47 3.83 1.25
C PRO A 589 -19.16 3.23 1.76
N SER A 590 -18.08 3.99 1.66
CA SER A 590 -16.73 3.49 1.88
C SER A 590 -16.35 3.34 3.36
N LEU A 591 -17.30 3.38 4.29
CA LEU A 591 -17.05 3.03 5.69
C LEU A 591 -17.32 1.56 6.01
N LEU A 592 -17.81 0.78 5.06
CA LEU A 592 -18.25 -0.59 5.34
C LEU A 592 -17.08 -1.52 5.65
N SER A 593 -17.35 -2.52 6.51
CA SER A 593 -16.37 -3.50 6.95
C SER A 593 -17.05 -4.86 7.07
N LEU A 594 -16.24 -5.93 7.08
CA LEU A 594 -16.76 -7.25 7.39
C LEU A 594 -17.32 -7.34 8.80
N GLN A 595 -16.72 -6.63 9.76
CA GLN A 595 -17.11 -6.75 11.15
C GLN A 595 -18.31 -5.90 11.54
N MET A 596 -18.91 -5.17 10.60
CA MET A 596 -20.18 -4.51 10.87
C MET A 596 -21.33 -5.49 10.72
N ARG A 597 -22.34 -5.34 11.60
CA ARG A 597 -23.45 -6.28 11.63
C ARG A 597 -24.29 -6.27 10.35
N VAL A 598 -24.23 -5.20 9.55
CA VAL A 598 -24.98 -5.17 8.30
C VAL A 598 -24.38 -6.12 7.26
N THR A 599 -23.04 -6.25 7.25
CA THR A 599 -22.36 -6.94 6.16
C THR A 599 -22.84 -8.37 5.92
N PRO A 600 -22.98 -9.25 6.92
CA PRO A 600 -23.48 -10.61 6.63
C PRO A 600 -24.91 -10.66 6.13
N LYS A 601 -25.72 -9.63 6.35
CA LYS A 601 -27.03 -9.58 5.72
C LYS A 601 -26.91 -9.29 4.22
N LEU A 602 -25.99 -8.41 3.84
CA LEU A 602 -25.76 -8.14 2.42
C LEU A 602 -25.30 -9.39 1.68
N MET A 603 -24.27 -10.07 2.19
CA MET A 603 -23.80 -11.29 1.55
C MET A 603 -24.78 -12.44 1.66
N ALA A 604 -25.90 -12.28 2.36
CA ALA A 604 -26.93 -13.30 2.48
C ALA A 604 -26.36 -14.62 2.98
N LEU A 605 -25.58 -14.55 4.06
CA LEU A 605 -24.88 -15.74 4.55
C LEU A 605 -25.87 -16.78 5.06
N THR A 606 -25.54 -18.03 4.84
CA THR A 606 -26.42 -19.15 5.09
C THR A 606 -25.66 -20.22 5.87
N TRP A 607 -26.32 -20.85 6.84
CA TRP A 607 -25.73 -21.95 7.61
C TRP A 607 -26.61 -23.19 7.49
N ASP A 608 -26.05 -24.26 6.92
CA ASP A 608 -26.77 -25.51 6.66
C ASP A 608 -28.07 -25.30 5.90
N GLY A 609 -28.14 -24.24 5.09
CA GLY A 609 -29.36 -23.86 4.41
C GLY A 609 -30.21 -22.81 5.09
N PHE A 610 -29.87 -22.41 6.32
CA PHE A 610 -30.71 -21.46 7.05
C PHE A 610 -30.11 -20.06 7.08
N PRO A 611 -30.93 -19.02 6.91
CA PRO A 611 -30.40 -17.64 6.96
C PRO A 611 -29.91 -17.26 8.35
N LEU A 612 -28.81 -16.52 8.39
CA LEU A 612 -28.34 -15.95 9.64
C LEU A 612 -29.31 -14.91 10.20
N HIS A 613 -29.27 -14.75 11.53
CA HIS A 613 -30.01 -13.73 12.26
C HIS A 613 -29.18 -13.30 13.46
N TYR A 614 -29.27 -12.03 13.81
CA TYR A 614 -28.57 -11.49 14.97
C TYR A 614 -29.55 -11.27 16.12
N SER A 615 -29.27 -11.89 17.26
CA SER A 615 -30.06 -11.75 18.48
C SER A 615 -29.31 -10.81 19.42
N GLU A 616 -30.03 -9.81 19.97
CA GLU A 616 -29.40 -8.86 20.87
C GLU A 616 -28.85 -9.52 22.13
N ARG A 617 -29.59 -10.46 22.71
CA ARG A 617 -29.05 -11.22 23.85
C ARG A 617 -27.94 -12.18 23.44
N HIS A 618 -28.19 -12.98 22.41
CA HIS A 618 -27.42 -14.20 22.16
C HIS A 618 -26.42 -14.09 21.01
N GLY A 619 -26.31 -12.93 20.38
CA GLY A 619 -25.40 -12.76 19.25
C GLY A 619 -25.89 -13.41 17.97
N TRP A 620 -24.94 -13.83 17.14
CA TRP A 620 -25.28 -14.47 15.87
C TRP A 620 -25.80 -15.89 16.03
N GLY A 621 -26.84 -16.20 15.26
CA GLY A 621 -27.39 -17.53 15.09
C GLY A 621 -28.05 -17.68 13.73
N TYR A 622 -28.98 -18.61 13.59
CA TYR A 622 -29.70 -18.78 12.34
C TYR A 622 -31.14 -19.12 12.64
N LEU A 623 -32.00 -18.89 11.64
CA LEU A 623 -33.44 -19.13 11.75
C LEU A 623 -33.82 -20.41 11.04
N VAL A 624 -34.43 -21.34 11.77
CA VAL A 624 -34.96 -22.57 11.20
C VAL A 624 -36.45 -22.37 11.01
N PRO A 625 -36.97 -22.45 9.79
CA PRO A 625 -38.40 -22.28 9.55
C PRO A 625 -39.19 -23.53 9.94
N GLY A 626 -40.51 -23.37 9.95
CA GLY A 626 -41.43 -24.49 9.97
C GLY A 626 -42.40 -24.53 11.13
N ARG A 627 -42.40 -23.56 12.05
CA ARG A 627 -43.08 -23.70 13.34
C ARG A 627 -44.41 -22.98 13.31
N ARG A 628 -45.50 -23.74 13.43
CA ARG A 628 -46.78 -23.17 13.79
C ARG A 628 -46.74 -22.66 15.23
N ASP A 629 -47.83 -21.99 15.63
CA ASP A 629 -48.01 -21.47 16.99
C ASP A 629 -47.00 -20.38 17.33
N ASN A 630 -46.38 -19.78 16.31
CA ASN A 630 -45.47 -18.64 16.43
C ASN A 630 -44.23 -18.92 17.26
N LEU A 631 -44.03 -20.16 17.71
CA LEU A 631 -42.91 -20.50 18.58
C LEU A 631 -41.55 -20.12 17.97
N VAL A 645 -41.83 -9.54 9.91
CA VAL A 645 -43.23 -9.23 10.17
C VAL A 645 -44.06 -9.53 8.93
N VAL A 646 -43.40 -9.66 7.78
CA VAL A 646 -44.02 -10.13 6.55
C VAL A 646 -43.24 -11.32 6.02
N CYS A 647 -41.93 -11.34 6.29
CA CYS A 647 -41.13 -12.53 6.06
C CYS A 647 -41.61 -13.79 6.78
N PRO A 648 -42.15 -13.74 8.01
CA PRO A 648 -42.43 -14.97 8.74
C PRO A 648 -43.26 -16.00 7.98
N TYR A 649 -42.84 -17.26 8.09
CA TYR A 649 -43.54 -18.44 7.59
C TYR A 649 -43.69 -18.49 6.07
N ARG A 650 -42.94 -17.68 5.31
CA ARG A 650 -43.27 -17.59 3.89
C ARG A 650 -42.05 -17.68 2.98
N ALA A 651 -41.18 -16.67 3.03
CA ALA A 651 -40.03 -16.64 2.12
C ALA A 651 -38.94 -17.63 2.55
N ILE A 652 -38.69 -17.74 3.86
CA ILE A 652 -37.66 -18.64 4.35
C ILE A 652 -38.06 -20.09 4.16
N GLU A 653 -39.34 -20.40 4.35
CA GLU A 653 -39.85 -21.74 4.03
C GLU A 653 -39.55 -22.09 2.58
N SER A 654 -39.85 -21.18 1.65
CA SER A 654 -39.58 -21.43 0.24
C SER A 654 -38.10 -21.64 -0.02
N LEU A 655 -37.25 -20.75 0.50
CA LEU A 655 -35.81 -20.86 0.29
C LEU A 655 -35.25 -22.19 0.79
N TYR A 656 -35.70 -22.64 1.95
CA TYR A 656 -35.16 -23.93 2.42
C TYR A 656 -35.75 -25.10 1.65
N ARG A 657 -37.05 -25.03 1.29
CA ARG A 657 -37.60 -26.06 0.43
C ARG A 657 -36.79 -26.19 -0.86
N LYS A 658 -36.34 -25.06 -1.40
CA LYS A 658 -35.47 -25.07 -2.58
C LYS A 658 -34.14 -25.74 -2.30
N HIS A 659 -33.56 -25.47 -1.13
CA HIS A 659 -32.29 -26.12 -0.78
C HIS A 659 -32.47 -27.63 -0.65
N CYS A 660 -33.58 -28.07 -0.06
CA CYS A 660 -33.86 -29.49 0.08
C CYS A 660 -34.18 -30.16 -1.25
N LEU A 661 -34.74 -29.39 -2.19
CA LEU A 661 -34.90 -29.87 -3.55
C LEU A 661 -33.56 -30.04 -4.27
N GLU A 662 -32.61 -29.14 -3.99
CA GLU A 662 -31.34 -29.21 -4.71
C GLU A 662 -30.54 -30.46 -4.34
N GLN A 663 -30.45 -30.78 -3.06
CA GLN A 663 -29.73 -32.00 -2.66
C GLN A 663 -30.46 -33.25 -3.12
N PRO A 730 -40.82 -30.97 19.29
CA PRO A 730 -40.24 -31.69 18.15
C PRO A 730 -39.53 -30.77 17.17
N SER A 731 -38.76 -31.36 16.26
CA SER A 731 -38.04 -30.63 15.23
C SER A 731 -37.34 -31.59 14.28
N TYR A 732 -36.51 -31.06 13.39
CA TYR A 732 -35.67 -31.85 12.50
C TYR A 732 -34.21 -31.43 12.59
N HIS A 733 -33.83 -30.73 13.66
CA HIS A 733 -32.54 -30.09 13.77
C HIS A 733 -32.14 -30.04 15.24
N HIS A 734 -30.85 -29.98 15.50
CA HIS A 734 -30.34 -30.01 16.86
C HIS A 734 -29.11 -29.12 16.98
N GLY A 735 -28.90 -28.60 18.18
CA GLY A 735 -27.65 -27.96 18.54
C GLY A 735 -27.76 -26.48 18.83
N ASN A 736 -27.37 -26.08 20.04
CA ASN A 736 -27.78 -24.80 20.63
C ASN A 736 -29.29 -24.60 20.49
N GLY A 737 -30.03 -25.54 21.07
CA GLY A 737 -31.43 -25.74 20.80
C GLY A 737 -32.30 -24.51 20.99
N PRO A 738 -33.54 -24.59 20.51
CA PRO A 738 -34.36 -23.39 20.29
C PRO A 738 -34.56 -22.58 21.57
N TYR A 739 -34.11 -21.33 21.52
CA TYR A 739 -34.43 -20.35 22.56
C TYR A 739 -35.76 -19.69 22.23
N ASN A 740 -36.78 -19.98 23.03
CA ASN A 740 -38.06 -19.31 22.88
C ASN A 740 -38.03 -17.88 23.41
N ASP A 741 -36.89 -17.43 23.93
CA ASP A 741 -36.76 -16.05 24.36
C ASP A 741 -36.78 -15.09 23.18
N VAL A 742 -36.08 -15.43 22.11
CA VAL A 742 -36.23 -14.75 20.82
C VAL A 742 -37.52 -15.25 20.18
N ASP A 743 -38.34 -14.32 19.70
CA ASP A 743 -39.75 -14.59 19.40
C ASP A 743 -40.09 -14.19 17.97
N ILE A 744 -39.27 -14.63 17.02
CA ILE A 744 -39.64 -14.48 15.61
C ILE A 744 -40.78 -15.43 15.29
N PRO A 745 -41.86 -14.96 14.67
CA PRO A 745 -42.93 -15.89 14.27
C PRO A 745 -42.46 -16.86 13.19
N GLY A 746 -43.08 -18.03 13.18
CA GLY A 746 -42.73 -19.09 12.24
C GLY A 746 -41.45 -19.86 12.49
N CYS A 747 -40.34 -19.17 12.79
CA CYS A 747 -39.05 -19.80 12.94
C CYS A 747 -38.76 -20.27 14.37
N TRP A 748 -37.69 -21.05 14.51
CA TRP A 748 -36.93 -21.20 15.75
C TRP A 748 -35.55 -20.58 15.56
N PHE A 749 -34.98 -20.08 16.65
CA PHE A 749 -33.64 -19.51 16.65
C PHE A 749 -32.65 -20.43 17.35
N PHE A 750 -31.52 -20.68 16.69
CA PHE A 750 -30.41 -21.46 17.24
C PHE A 750 -29.16 -20.60 17.21
N LYS A 751 -28.33 -20.71 18.24
CA LYS A 751 -27.04 -20.02 18.21
C LYS A 751 -26.07 -20.70 17.26
N LEU A 752 -25.13 -19.91 16.73
CA LEU A 752 -23.92 -20.48 16.17
C LEU A 752 -23.04 -21.08 17.27
N PRO A 753 -22.41 -22.22 17.02
CA PRO A 753 -21.46 -22.77 18.01
C PRO A 753 -20.20 -21.92 18.11
N HIS A 754 -19.63 -21.90 19.30
CA HIS A 754 -18.43 -21.12 19.57
C HIS A 754 -17.31 -22.07 20.00
N LYS A 755 -16.07 -21.69 19.70
CA LYS A 755 -14.92 -22.50 20.08
C LYS A 755 -14.84 -22.74 21.59
N ASP A 756 -15.41 -21.84 22.40
CA ASP A 756 -15.37 -21.95 23.86
C ASP A 756 -16.68 -22.44 24.45
N GLY A 757 -17.57 -23.01 23.65
CA GLY A 757 -18.80 -23.58 24.16
C GLY A 757 -19.98 -22.62 24.18
N ASN A 758 -21.12 -23.19 24.57
CA ASN A 758 -22.43 -22.61 24.27
C ASN A 758 -22.64 -21.24 24.90
N SER A 759 -21.99 -20.96 26.04
CA SER A 759 -22.29 -19.73 26.76
C SER A 759 -21.57 -18.51 26.23
N CYS A 760 -20.53 -18.67 25.42
CA CYS A 760 -20.01 -17.54 24.66
C CYS A 760 -20.95 -17.15 23.51
N ASN A 761 -20.84 -15.89 23.10
CA ASN A 761 -21.58 -15.34 21.98
C ASN A 761 -20.65 -15.16 20.78
N VAL A 762 -21.10 -15.59 19.61
CA VAL A 762 -20.39 -15.34 18.36
C VAL A 762 -20.53 -13.87 17.95
N GLY A 763 -19.39 -13.18 17.86
CA GLY A 763 -19.37 -11.77 17.52
C GLY A 763 -19.20 -11.44 16.06
N SER A 764 -18.80 -12.41 15.22
CA SER A 764 -18.71 -12.24 13.77
C SER A 764 -18.49 -13.60 13.11
N PRO A 765 -19.30 -13.94 12.09
CA PRO A 765 -19.04 -15.18 11.34
C PRO A 765 -17.73 -15.20 10.55
N PHE A 766 -17.07 -14.05 10.35
CA PHE A 766 -15.82 -14.02 9.60
C PHE A 766 -14.60 -14.41 10.43
N ALA A 767 -14.77 -14.80 11.70
CA ALA A 767 -13.64 -15.22 12.52
C ALA A 767 -13.02 -16.52 12.01
N LYS A 768 -11.70 -16.63 12.20
CA LYS A 768 -10.91 -17.78 11.76
C LYS A 768 -11.63 -19.11 11.92
N ASP A 769 -12.21 -19.33 13.10
CA ASP A 769 -12.76 -20.62 13.50
C ASP A 769 -13.86 -21.11 12.56
N PHE A 770 -14.44 -20.24 11.74
CA PHE A 770 -15.45 -20.66 10.77
C PHE A 770 -14.89 -21.02 9.40
N LEU A 771 -13.62 -20.70 9.11
CA LEU A 771 -13.08 -21.02 7.80
C LEU A 771 -13.15 -22.51 7.44
N PRO A 772 -12.90 -23.46 8.34
CA PRO A 772 -13.15 -24.87 8.00
C PRO A 772 -14.58 -25.15 7.54
N LYS A 773 -15.58 -24.55 8.19
CA LYS A 773 -16.97 -24.79 7.82
C LYS A 773 -17.35 -24.14 6.50
N MET A 774 -16.62 -23.12 6.07
CA MET A 774 -16.78 -22.59 4.71
C MET A 774 -16.26 -23.56 3.66
N GLU A 775 -15.02 -24.04 3.84
CA GLU A 775 -14.48 -25.02 2.89
C GLU A 775 -15.27 -26.31 2.88
N ASP A 776 -15.80 -26.72 4.03
CA ASP A 776 -16.70 -27.87 4.09
C ASP A 776 -18.02 -27.63 3.39
N GLY A 777 -18.40 -26.39 3.15
CA GLY A 777 -19.69 -26.09 2.57
C GLY A 777 -20.85 -26.06 3.54
N THR A 778 -20.59 -25.83 4.83
CA THR A 778 -21.66 -25.61 5.79
C THR A 778 -22.08 -24.15 5.91
N LEU A 779 -21.14 -23.23 5.78
CA LEU A 779 -21.43 -21.81 5.68
C LEU A 779 -21.28 -21.37 4.24
N GLN A 780 -22.31 -20.70 3.69
CA GLN A 780 -22.32 -20.36 2.27
C GLN A 780 -22.85 -18.95 2.08
N ALA A 781 -22.38 -18.32 1.01
CA ALA A 781 -22.87 -17.01 0.57
C ALA A 781 -23.83 -17.14 -0.60
N GLY A 782 -24.61 -16.09 -0.81
CA GLY A 782 -25.50 -15.99 -1.94
C GLY A 782 -24.81 -15.64 -3.26
N PRO A 783 -23.95 -14.60 -3.28
CA PRO A 783 -23.35 -14.16 -4.55
C PRO A 783 -22.45 -15.19 -5.22
N GLY A 784 -22.27 -16.36 -4.63
CA GLY A 784 -21.69 -17.48 -5.31
C GLY A 784 -20.39 -17.95 -4.67
N GLY A 785 -19.98 -19.15 -5.11
CA GLY A 785 -18.99 -19.97 -4.44
C GLY A 785 -17.59 -19.38 -4.35
N ALA A 786 -17.29 -18.35 -5.14
CA ALA A 786 -15.99 -17.70 -5.02
C ALA A 786 -15.91 -16.64 -3.92
N SER A 787 -17.02 -15.98 -3.57
CA SER A 787 -16.89 -14.73 -2.83
C SER A 787 -16.69 -14.94 -1.33
N GLY A 788 -17.44 -15.86 -0.72
CA GLY A 788 -17.31 -16.19 0.68
C GLY A 788 -15.90 -16.53 1.14
N PRO A 789 -15.34 -17.61 0.58
CA PRO A 789 -14.00 -18.01 1.00
C PRO A 789 -12.95 -16.96 0.70
N ARG A 790 -13.12 -16.18 -0.38
CA ARG A 790 -12.13 -15.15 -0.67
C ARG A 790 -12.16 -14.04 0.37
N ALA A 791 -13.36 -13.66 0.81
CA ALA A 791 -13.47 -12.67 1.87
C ALA A 791 -12.84 -13.17 3.17
N LEU A 792 -13.09 -14.44 3.52
CA LEU A 792 -12.45 -15.01 4.70
C LEU A 792 -10.93 -15.08 4.57
N GLU A 793 -10.44 -15.45 3.39
CA GLU A 793 -9.01 -15.42 3.11
C GLU A 793 -8.42 -14.05 3.39
N ILE A 794 -9.02 -13.00 2.82
CA ILE A 794 -8.48 -11.66 2.98
C ILE A 794 -8.48 -11.24 4.44
N ASN A 795 -9.56 -11.57 5.15
CA ASN A 795 -9.64 -11.25 6.57
C ASN A 795 -8.50 -11.89 7.36
N LYS A 796 -8.30 -13.20 7.17
CA LYS A 796 -7.14 -13.87 7.76
C LYS A 796 -5.83 -13.19 7.38
N MET A 797 -5.70 -12.77 6.12
CA MET A 797 -4.45 -12.16 5.66
C MET A 797 -4.15 -10.83 6.34
N ILE A 798 -5.17 -10.08 6.74
CA ILE A 798 -4.96 -8.70 7.17
C ILE A 798 -5.24 -8.46 8.66
N SER A 799 -5.76 -9.46 9.38
CA SER A 799 -6.18 -9.24 10.77
C SER A 799 -5.04 -8.75 11.67
N PHE A 800 -3.84 -9.33 11.54
CA PHE A 800 -2.71 -8.88 12.36
C PHE A 800 -2.29 -7.44 12.06
N TRP A 801 -2.22 -7.06 10.78
CA TRP A 801 -1.79 -5.70 10.45
C TRP A 801 -2.82 -4.67 10.88
N ARG A 802 -4.10 -4.98 10.73
CA ARG A 802 -5.15 -4.08 11.23
C ARG A 802 -4.92 -3.65 12.68
N ASN A 803 -4.61 -4.59 13.57
CA ASN A 803 -4.48 -4.27 14.99
C ASN A 803 -3.16 -3.63 15.40
N ALA A 804 -2.08 -3.79 14.63
CA ALA A 804 -0.77 -3.38 15.12
C ALA A 804 -0.09 -2.25 14.34
N HIS A 805 -0.62 -1.83 13.20
CA HIS A 805 0.15 -0.96 12.31
C HIS A 805 0.49 0.40 12.93
N LYS A 806 -0.37 0.95 13.78
CA LYS A 806 -0.03 2.20 14.46
C LYS A 806 1.17 2.05 15.37
N ARG A 807 1.16 1.02 16.23
CA ARG A 807 2.29 0.74 17.11
C ARG A 807 3.58 0.52 16.33
N ILE A 808 3.53 -0.30 15.29
CA ILE A 808 4.73 -0.68 14.54
C ILE A 808 5.30 0.52 13.80
N SER A 809 4.46 1.25 13.07
CA SER A 809 4.96 2.34 12.24
C SER A 809 5.46 3.53 13.03
N SER A 810 5.01 3.73 14.27
CA SER A 810 5.47 4.83 15.10
C SER A 810 6.59 4.46 16.07
N GLN A 811 7.26 3.33 15.87
CA GLN A 811 8.51 3.07 16.59
C GLN A 811 9.49 4.21 16.39
N MET A 812 10.18 4.59 17.47
CA MET A 812 11.17 5.66 17.45
C MET A 812 12.52 5.12 17.03
N VAL A 813 13.10 5.71 15.98
CA VAL A 813 14.36 5.25 15.41
C VAL A 813 15.34 6.41 15.39
N VAL A 814 16.59 6.15 15.77
CA VAL A 814 17.68 7.13 15.73
C VAL A 814 18.78 6.60 14.83
N TRP A 815 19.27 7.44 13.94
CA TRP A 815 20.26 7.05 12.94
C TRP A 815 21.64 7.57 13.33
N LEU A 816 22.63 6.68 13.36
CA LEU A 816 23.96 6.99 13.87
C LEU A 816 24.84 7.56 12.76
N PRO A 817 25.42 8.75 12.94
CA PRO A 817 26.32 9.30 11.93
C PRO A 817 27.64 8.56 11.85
N ARG A 818 28.38 8.84 10.78
CA ARG A 818 29.72 8.32 10.52
C ARG A 818 30.63 8.29 11.75
N SER A 819 30.84 9.46 12.37
CA SER A 819 31.80 9.59 13.47
C SER A 819 31.44 8.73 14.68
N ALA A 820 30.21 8.24 14.77
CA ALA A 820 29.79 7.46 15.92
C ALA A 820 30.07 5.97 15.79
N LEU A 821 30.22 5.45 14.57
CA LEU A 821 30.26 4.01 14.39
C LEU A 821 31.58 3.42 14.86
N PRO A 822 31.58 2.15 15.26
CA PRO A 822 32.85 1.44 15.50
C PRO A 822 33.69 1.33 14.23
N ARG A 823 35.02 1.28 14.43
CA ARG A 823 35.93 1.05 13.31
C ARG A 823 35.77 -0.35 12.73
N ALA A 824 35.45 -1.34 13.58
CA ALA A 824 35.13 -2.68 13.12
C ALA A 824 33.92 -2.73 12.20
N VAL A 825 33.11 -1.68 12.17
CA VAL A 825 32.06 -1.54 11.14
C VAL A 825 32.63 -0.89 9.89
N ILE A 826 33.19 0.32 10.01
CA ILE A 826 33.52 1.10 8.84
C ILE A 826 34.64 0.46 8.03
N ARG A 827 35.62 -0.13 8.70
CA ARG A 827 36.67 -0.90 8.01
C ARG A 827 36.27 -2.38 7.95
N HIS A 828 35.23 -2.64 7.15
CA HIS A 828 34.76 -3.99 6.96
C HIS A 828 34.39 -4.19 5.49
N PRO A 829 34.62 -5.39 4.94
CA PRO A 829 34.24 -5.64 3.54
C PRO A 829 32.75 -5.47 3.28
N ASP A 830 31.90 -5.81 4.24
CA ASP A 830 30.46 -5.82 4.04
C ASP A 830 29.81 -4.47 4.31
N TYR A 831 30.56 -3.52 4.87
CA TYR A 831 30.06 -2.16 5.04
C TYR A 831 29.71 -1.55 3.69
N ASP A 832 28.68 -0.70 3.69
CA ASP A 832 28.30 0.09 2.54
C ASP A 832 28.21 1.56 2.93
N GLU A 833 28.58 2.43 2.00
CA GLU A 833 28.17 3.82 2.05
C GLU A 833 26.73 3.97 1.56
N GLU A 834 26.12 5.11 1.93
CA GLU A 834 24.71 5.40 1.70
C GLU A 834 23.76 4.40 2.36
N GLY A 835 24.27 3.47 3.16
CA GLY A 835 23.43 2.76 4.10
C GLY A 835 23.10 3.58 5.33
N LEU A 836 22.17 3.05 6.12
CA LEU A 836 21.78 3.63 7.40
C LEU A 836 21.98 2.60 8.50
N TYR A 837 22.39 3.07 9.68
CA TYR A 837 22.49 2.21 10.85
C TYR A 837 21.91 2.90 12.07
N GLY A 838 21.12 2.17 12.84
CA GLY A 838 20.47 2.74 14.01
C GLY A 838 19.90 1.66 14.89
N ALA A 839 19.11 2.09 15.89
CA ALA A 839 18.56 1.14 16.84
C ALA A 839 17.23 1.63 17.38
N ILE A 840 16.47 0.69 17.93
CA ILE A 840 15.25 0.96 18.70
C ILE A 840 15.45 0.44 20.12
N LEU A 841 15.06 1.25 21.11
CA LEU A 841 15.14 0.83 22.50
C LEU A 841 13.75 0.46 23.02
N PRO A 842 13.43 -0.82 23.16
CA PRO A 842 12.11 -1.21 23.66
C PRO A 842 11.81 -0.66 25.04
N GLN A 843 10.55 -0.27 25.24
CA GLN A 843 10.09 0.33 26.49
C GLN A 843 9.51 -0.75 27.41
N VAL A 844 10.41 -1.61 27.89
CA VAL A 844 10.03 -2.71 28.77
C VAL A 844 9.81 -2.18 30.18
N VAL A 845 8.71 -2.60 30.81
CA VAL A 845 8.55 -2.53 32.25
C VAL A 845 9.03 -3.84 32.88
N THR A 846 10.08 -3.73 33.70
CA THR A 846 10.78 -4.92 34.20
C THR A 846 9.88 -5.83 35.05
N ALA A 847 8.84 -5.29 35.67
CA ALA A 847 7.85 -6.13 36.34
C ALA A 847 6.46 -5.55 36.11
N GLY A 848 5.67 -6.21 35.25
CA GLY A 848 4.38 -5.70 34.86
C GLY A 848 3.23 -6.60 35.27
N THR A 849 3.54 -7.73 35.90
CA THR A 849 2.55 -8.74 36.22
C THR A 849 2.74 -9.19 37.67
N ILE A 850 1.69 -9.79 38.23
CA ILE A 850 1.81 -10.41 39.55
C ILE A 850 2.91 -11.46 39.60
N THR A 851 3.21 -12.11 38.47
CA THR A 851 4.32 -13.05 38.42
C THR A 851 5.66 -12.36 38.19
N ARG A 852 5.69 -11.03 38.15
CA ARG A 852 6.88 -10.22 37.93
C ARG A 852 7.48 -10.35 36.53
N ARG A 853 6.73 -10.86 35.55
CA ARG A 853 7.20 -10.90 34.17
C ARG A 853 7.31 -9.50 33.57
N ALA A 854 8.16 -9.38 32.55
CA ALA A 854 8.23 -8.18 31.73
C ALA A 854 6.95 -7.97 30.91
N VAL A 855 6.68 -6.70 30.59
CA VAL A 855 5.61 -6.31 29.68
C VAL A 855 6.13 -5.20 28.76
N GLU A 856 5.72 -5.26 27.48
CA GLU A 856 6.09 -4.27 26.47
C GLU A 856 4.94 -4.20 25.48
N PRO A 857 4.54 -3.01 25.03
CA PRO A 857 3.36 -2.91 24.16
C PRO A 857 3.52 -3.56 22.78
N THR A 858 4.74 -3.64 22.24
CA THR A 858 4.92 -4.10 20.87
C THR A 858 5.65 -5.43 20.79
N TRP A 859 6.90 -5.48 21.26
CA TRP A 859 7.83 -6.54 20.85
C TRP A 859 7.51 -7.87 21.51
N LEU A 860 6.86 -7.86 22.67
CA LEU A 860 6.50 -9.10 23.34
C LEU A 860 5.22 -9.74 22.78
N THR A 861 4.54 -9.07 21.85
CA THR A 861 3.40 -9.67 21.16
C THR A 861 3.60 -9.70 19.64
N ALA A 862 4.81 -9.47 19.16
CA ALA A 862 5.12 -9.54 17.74
C ALA A 862 4.93 -10.95 17.21
N SER A 863 4.19 -11.08 16.11
CA SER A 863 3.95 -12.38 15.51
C SER A 863 5.22 -12.91 14.83
N ASN A 864 5.34 -14.22 14.81
CA ASN A 864 6.41 -14.89 14.07
C ASN A 864 6.07 -14.97 12.59
N ALA A 865 7.10 -14.96 11.76
CA ALA A 865 6.92 -15.00 10.31
C ALA A 865 6.07 -16.19 9.88
N ARG A 866 5.04 -15.90 9.10
CA ARG A 866 4.06 -16.89 8.67
C ARG A 866 3.67 -16.58 7.22
N PRO A 867 3.53 -17.60 6.39
CA PRO A 867 2.89 -17.40 5.08
C PRO A 867 1.41 -17.10 5.21
N ASP A 868 0.91 -16.28 4.27
CA ASP A 868 -0.44 -15.71 4.21
C ASP A 868 -0.75 -14.71 5.34
N ARG A 869 0.25 -14.21 6.06
CA ARG A 869 0.02 -13.13 7.01
C ARG A 869 0.89 -11.93 6.62
N VAL A 870 0.24 -10.80 6.36
CA VAL A 870 0.85 -9.67 5.66
C VAL A 870 2.06 -9.10 6.39
N GLY A 871 2.01 -8.98 7.71
CA GLY A 871 3.05 -8.28 8.42
C GLY A 871 4.18 -9.08 9.05
N SER A 872 4.19 -10.40 8.89
CA SER A 872 4.81 -11.28 9.87
C SER A 872 6.33 -11.11 9.99
N GLU A 873 7.00 -10.60 8.97
CA GLU A 873 8.46 -10.50 8.97
C GLU A 873 9.01 -9.37 9.84
N LEU A 874 8.18 -8.78 10.71
CA LEU A 874 8.60 -7.72 11.61
C LEU A 874 9.94 -7.98 12.30
N LYS A 875 10.06 -9.13 12.96
CA LYS A 875 11.26 -9.45 13.74
C LYS A 875 12.51 -9.60 12.86
N ALA A 876 12.36 -10.19 11.68
CA ALA A 876 13.49 -10.37 10.77
C ALA A 876 14.11 -9.04 10.32
N MET A 877 13.41 -7.92 10.49
CA MET A 877 14.00 -6.63 10.21
C MET A 877 15.01 -6.17 11.25
N VAL A 878 15.10 -6.83 12.40
CA VAL A 878 16.17 -6.57 13.36
C VAL A 878 17.44 -7.28 12.89
N GLN A 879 18.45 -6.52 12.51
CA GLN A 879 19.53 -7.04 11.66
C GLN A 879 20.87 -6.54 12.17
N ALA A 880 21.76 -7.48 12.48
CA ALA A 880 23.07 -7.13 13.02
C ALA A 880 23.87 -6.32 12.00
N PRO A 881 24.61 -5.30 12.44
CA PRO A 881 25.47 -4.54 11.52
C PRO A 881 26.64 -5.37 11.04
N PRO A 882 27.25 -4.97 9.92
CA PRO A 882 28.48 -5.64 9.45
C PRO A 882 29.52 -5.87 10.55
N GLY A 883 29.94 -7.11 10.69
CA GLY A 883 30.88 -7.50 11.72
C GLY A 883 30.30 -7.87 13.07
N TYR A 884 28.97 -7.86 13.20
CA TYR A 884 28.32 -8.31 14.43
C TYR A 884 27.29 -9.38 14.10
N THR A 885 26.88 -10.11 15.13
CA THR A 885 26.03 -11.28 14.94
C THR A 885 25.13 -11.44 16.16
N LEU A 886 24.01 -12.15 15.97
CA LEU A 886 23.08 -12.48 17.05
C LEU A 886 23.25 -13.92 17.47
N VAL A 887 23.41 -14.15 18.77
CA VAL A 887 23.54 -15.48 19.34
C VAL A 887 22.52 -15.64 20.46
N GLY A 888 21.86 -16.80 20.52
CA GLY A 888 20.86 -17.02 21.55
C GLY A 888 20.24 -18.40 21.44
N ALA A 889 19.33 -18.69 22.37
CA ALA A 889 18.71 -20.01 22.49
C ALA A 889 17.43 -19.91 23.30
N ASP A 890 16.65 -20.99 23.27
CA ASP A 890 15.32 -21.07 23.84
C ASP A 890 15.24 -22.28 24.77
N VAL A 891 14.76 -22.08 25.99
CA VAL A 891 14.71 -23.14 26.99
C VAL A 891 13.71 -24.22 26.59
N ASP A 892 14.17 -25.46 26.56
CA ASP A 892 13.36 -26.62 26.19
C ASP A 892 12.40 -27.06 27.30
N SER A 893 11.09 -27.00 27.02
CA SER A 893 10.04 -27.54 27.90
C SER A 893 10.13 -27.08 29.35
N GLN A 894 10.44 -25.80 29.54
CA GLN A 894 10.84 -25.29 30.85
C GLN A 894 9.84 -25.61 31.96
N GLU A 895 8.57 -25.26 31.75
CA GLU A 895 7.60 -25.31 32.83
C GLU A 895 7.16 -26.73 33.18
N LEU A 896 7.16 -27.64 32.22
CA LEU A 896 6.94 -29.05 32.52
C LEU A 896 8.07 -29.58 33.40
N TRP A 897 9.31 -29.30 33.03
CA TRP A 897 10.44 -29.74 33.84
C TRP A 897 10.36 -29.19 35.26
N ILE A 898 10.09 -27.89 35.40
CA ILE A 898 9.96 -27.29 36.73
C ILE A 898 8.90 -28.01 37.57
N ALA A 899 7.71 -28.24 36.99
CA ALA A 899 6.68 -28.95 37.73
C ALA A 899 7.10 -30.38 38.08
N ALA A 900 7.79 -31.05 37.17
CA ALA A 900 8.19 -32.42 37.42
C ALA A 900 9.20 -32.48 38.55
N VAL A 901 10.26 -31.69 38.48
CA VAL A 901 11.31 -31.74 39.48
C VAL A 901 10.79 -31.29 40.84
N LEU A 902 9.81 -30.36 40.88
CA LEU A 902 9.16 -30.06 42.16
C LEU A 902 8.43 -31.28 42.72
N GLY A 903 7.72 -32.02 41.86
CA GLY A 903 7.06 -33.23 42.32
C GLY A 903 8.05 -34.28 42.82
N ASP A 904 9.17 -34.43 42.13
CA ASP A 904 10.22 -35.35 42.56
C ASP A 904 10.79 -34.95 43.92
N ALA A 905 11.14 -33.67 44.07
CA ALA A 905 11.69 -33.20 45.35
C ALA A 905 10.70 -33.36 46.50
N HIS A 906 9.40 -33.26 46.22
CA HIS A 906 8.44 -33.46 47.30
C HIS A 906 8.27 -34.92 47.69
N PHE A 907 8.32 -35.84 46.71
CA PHE A 907 8.00 -37.23 47.00
C PHE A 907 9.12 -37.96 47.72
N ALA A 908 10.29 -38.07 47.10
CA ALA A 908 11.31 -38.96 47.64
C ALA A 908 12.75 -38.49 47.43
N GLY A 909 12.97 -37.33 46.82
CA GLY A 909 14.31 -36.78 46.75
C GLY A 909 15.21 -37.41 45.71
N MET A 910 14.63 -38.09 44.72
CA MET A 910 15.38 -38.67 43.62
C MET A 910 14.76 -38.20 42.32
N HIS A 911 15.61 -37.93 41.32
CA HIS A 911 15.10 -37.61 39.99
C HIS A 911 14.35 -38.80 39.41
N GLY A 912 13.13 -38.54 38.94
CA GLY A 912 12.30 -39.58 38.37
C GLY A 912 11.61 -40.48 39.36
N CYS A 913 11.49 -40.07 40.63
CA CYS A 913 10.80 -40.89 41.61
C CYS A 913 9.29 -40.89 41.41
N THR A 914 8.73 -39.82 40.86
CA THR A 914 7.32 -39.82 40.48
C THR A 914 7.14 -40.20 39.02
N ALA A 915 5.99 -40.81 38.73
CA ALA A 915 5.68 -41.27 37.37
C ALA A 915 5.69 -40.12 36.37
N PHE A 916 5.10 -38.98 36.73
CA PHE A 916 5.13 -37.81 35.86
C PHE A 916 6.56 -37.34 35.57
N GLY A 917 7.43 -37.39 36.58
CA GLY A 917 8.84 -37.08 36.34
C GLY A 917 9.51 -38.03 35.37
N TRP A 918 9.38 -39.33 35.61
CA TRP A 918 9.91 -40.33 34.68
C TRP A 918 9.41 -40.09 33.26
N MET A 919 8.09 -40.01 33.09
CA MET A 919 7.53 -39.80 31.76
C MET A 919 8.09 -38.54 31.12
N THR A 920 8.30 -37.49 31.92
CA THR A 920 8.89 -36.27 31.38
C THR A 920 10.32 -36.51 30.92
N LEU A 921 11.06 -37.38 31.61
CA LEU A 921 12.44 -37.66 31.24
C LEU A 921 12.60 -38.79 30.21
N GLN A 922 11.76 -39.83 30.25
CA GLN A 922 12.07 -41.08 29.58
C GLN A 922 11.12 -41.45 28.45
N GLY A 923 10.05 -40.69 28.23
CA GLY A 923 9.19 -40.93 27.08
C GLY A 923 9.82 -40.48 25.78
N ARG A 924 10.05 -41.41 24.85
CA ARG A 924 10.76 -41.11 23.62
C ARG A 924 9.86 -41.23 22.38
N LYS A 925 8.55 -41.16 22.58
CA LYS A 925 7.54 -41.08 21.51
C LYS A 925 7.41 -42.32 20.64
N SER A 926 8.49 -43.09 20.46
CA SER A 926 8.40 -44.25 19.59
C SER A 926 7.67 -45.41 20.25
N ARG A 927 8.03 -45.72 21.50
CA ARG A 927 7.16 -46.51 22.35
C ARG A 927 5.93 -45.70 22.76
N GLY A 928 4.92 -46.41 23.24
CA GLY A 928 3.68 -45.78 23.68
C GLY A 928 3.75 -45.17 25.06
N THR A 929 4.79 -44.40 25.36
CA THR A 929 5.12 -44.13 26.76
C THR A 929 5.46 -42.67 27.06
N ASP A 930 5.19 -41.73 26.16
CA ASP A 930 5.23 -40.33 26.55
C ASP A 930 3.90 -39.92 27.21
N LEU A 931 3.88 -38.70 27.73
CA LEU A 931 2.68 -38.18 28.40
C LEU A 931 1.43 -38.32 27.54
N HIS A 932 1.52 -37.89 26.28
CA HIS A 932 0.34 -37.83 25.44
C HIS A 932 -0.11 -39.22 24.99
N SER A 933 0.84 -40.10 24.66
CA SER A 933 0.47 -41.48 24.36
C SER A 933 -0.22 -42.14 25.54
N LYS A 934 0.25 -41.87 26.75
CA LYS A 934 -0.35 -42.48 27.93
C LYS A 934 -1.77 -41.97 28.15
N THR A 935 -1.95 -40.65 28.08
CA THR A 935 -3.29 -40.08 28.17
C THR A 935 -4.22 -40.68 27.13
N ALA A 936 -3.80 -40.67 25.86
CA ALA A 936 -4.58 -41.30 24.80
C ALA A 936 -4.77 -42.79 25.00
N THR A 937 -3.99 -43.42 25.88
CA THR A 937 -4.15 -44.84 26.15
C THR A 937 -5.18 -45.10 27.24
N THR A 938 -5.26 -44.21 28.24
CA THR A 938 -6.23 -44.44 29.31
C THR A 938 -7.67 -44.37 28.80
N VAL A 939 -7.92 -43.55 27.78
CA VAL A 939 -9.23 -43.42 27.17
C VAL A 939 -9.02 -43.11 25.69
N GLY A 940 -9.93 -43.59 24.85
CA GLY A 940 -9.70 -43.57 23.43
C GLY A 940 -9.85 -42.21 22.80
N ILE A 941 -8.75 -41.47 22.69
CA ILE A 941 -8.66 -40.23 21.95
C ILE A 941 -7.33 -40.21 21.20
N SER A 942 -7.24 -39.36 20.20
CA SER A 942 -5.97 -39.18 19.51
C SER A 942 -4.95 -38.50 20.42
N ARG A 943 -3.68 -38.69 20.09
CA ARG A 943 -2.58 -38.01 20.77
C ARG A 943 -2.65 -36.48 20.63
N GLU A 944 -3.18 -35.98 19.52
CA GLU A 944 -3.32 -34.55 19.34
C GLU A 944 -4.42 -33.95 20.22
N HIS A 945 -5.49 -34.69 20.48
CA HIS A 945 -6.47 -34.23 21.47
C HIS A 945 -5.91 -34.31 22.88
N ALA A 946 -5.19 -35.39 23.20
CA ALA A 946 -4.60 -35.53 24.51
C ALA A 946 -3.64 -34.39 24.83
N LYS A 947 -2.91 -33.90 23.81
CA LYS A 947 -2.10 -32.70 24.01
C LYS A 947 -2.92 -31.56 24.60
N ILE A 948 -4.14 -31.39 24.11
CA ILE A 948 -5.01 -30.31 24.55
C ILE A 948 -5.49 -30.56 25.97
N PHE A 949 -5.96 -31.77 26.24
CA PHE A 949 -6.42 -32.09 27.60
C PHE A 949 -5.30 -31.91 28.61
N ASN A 950 -4.08 -32.34 28.28
CA ASN A 950 -2.96 -32.24 29.20
C ASN A 950 -2.63 -30.80 29.52
N TYR A 951 -2.46 -29.97 28.49
CA TYR A 951 -2.16 -28.56 28.76
C TYR A 951 -3.29 -27.85 29.48
N GLY A 952 -4.55 -28.23 29.22
CA GLY A 952 -5.65 -27.67 30.00
C GLY A 952 -5.56 -28.04 31.47
N ARG A 953 -5.36 -29.33 31.76
CA ARG A 953 -5.29 -29.82 33.13
C ARG A 953 -4.15 -29.17 33.92
N ILE A 954 -3.01 -28.94 33.26
CA ILE A 954 -1.87 -28.33 33.96
C ILE A 954 -2.21 -26.93 34.49
N TYR A 955 -2.98 -26.15 33.74
CA TYR A 955 -3.43 -24.85 34.24
C TYR A 955 -4.58 -24.92 35.25
N GLY A 956 -5.03 -26.11 35.62
CA GLY A 956 -6.02 -26.22 36.68
C GLY A 956 -7.45 -26.40 36.20
N ALA A 957 -7.65 -26.82 34.96
CA ALA A 957 -8.95 -27.23 34.46
C ALA A 957 -9.56 -28.34 35.31
N GLY A 958 -10.87 -28.51 35.17
CA GLY A 958 -11.56 -29.62 35.80
C GLY A 958 -12.60 -30.26 34.90
N GLN A 959 -13.52 -31.01 35.49
CA GLN A 959 -14.56 -31.70 34.72
C GLN A 959 -15.38 -30.83 33.77
N PRO A 960 -15.78 -29.61 34.10
CA PRO A 960 -16.45 -28.78 33.08
C PRO A 960 -15.65 -28.56 31.80
N PHE A 961 -14.36 -28.25 31.93
CA PHE A 961 -13.49 -28.08 30.77
C PHE A 961 -13.38 -29.37 29.97
N ALA A 962 -13.15 -30.49 30.65
CA ALA A 962 -12.86 -31.72 29.94
C ALA A 962 -14.12 -32.28 29.31
N GLU A 963 -15.23 -32.28 30.07
CA GLU A 963 -16.51 -32.74 29.55
C GLU A 963 -16.95 -31.92 28.34
N ARG A 964 -16.68 -30.60 28.36
CA ARG A 964 -16.94 -29.79 27.17
C ARG A 964 -16.09 -30.25 26.00
N LEU A 965 -14.77 -30.33 26.17
CA LEU A 965 -13.93 -30.73 25.05
C LEU A 965 -14.27 -32.14 24.53
N LEU A 966 -14.66 -33.05 25.42
CA LEU A 966 -15.14 -34.36 25.01
C LEU A 966 -16.35 -34.23 24.09
N MET A 967 -17.37 -33.49 24.52
CA MET A 967 -18.53 -33.31 23.65
C MET A 967 -18.12 -32.68 22.32
N GLN A 968 -17.19 -31.72 22.37
CA GLN A 968 -16.73 -30.98 21.21
C GLN A 968 -15.83 -31.78 20.27
N PHE A 969 -15.39 -32.97 20.67
CA PHE A 969 -14.56 -33.79 19.80
C PHE A 969 -15.17 -35.11 19.35
N ASN A 970 -16.29 -35.55 19.94
CA ASN A 970 -16.96 -36.76 19.50
C ASN A 970 -18.46 -36.52 19.65
N HIS A 971 -19.13 -36.28 18.52
CA HIS A 971 -20.54 -35.91 18.54
C HIS A 971 -21.46 -37.04 18.97
N ARG A 972 -20.98 -38.28 18.94
CA ARG A 972 -21.81 -39.42 19.35
C ARG A 972 -21.96 -39.52 20.86
N LEU A 973 -21.08 -38.88 21.63
CA LEU A 973 -21.11 -39.01 23.08
C LEU A 973 -22.37 -38.37 23.67
N THR A 974 -23.02 -39.10 24.56
CA THR A 974 -23.95 -38.47 25.50
C THR A 974 -23.19 -37.66 26.54
N GLN A 975 -23.92 -36.74 27.19
CA GLN A 975 -23.33 -35.93 28.25
C GLN A 975 -22.94 -36.76 29.47
N GLN A 976 -23.74 -37.79 29.79
CA GLN A 976 -23.36 -38.71 30.87
C GLN A 976 -22.08 -39.47 30.57
N GLU A 977 -21.91 -39.92 29.32
CA GLU A 977 -20.67 -40.59 28.96
C GLU A 977 -19.48 -39.66 29.09
N ALA A 978 -19.62 -38.40 28.64
CA ALA A 978 -18.55 -37.43 28.80
C ALA A 978 -18.21 -37.21 30.27
N ALA A 979 -19.23 -37.08 31.12
CA ALA A 979 -18.99 -36.90 32.55
C ALA A 979 -18.28 -38.09 33.18
N GLU A 980 -18.68 -39.31 32.81
CA GLU A 980 -18.04 -40.50 33.36
C GLU A 980 -16.60 -40.65 32.86
N LYS A 981 -16.37 -40.44 31.56
CA LYS A 981 -15.01 -40.53 31.04
C LYS A 981 -14.11 -39.45 31.59
N ALA A 982 -14.64 -38.25 31.83
CA ALA A 982 -13.86 -37.22 32.52
C ALA A 982 -13.52 -37.65 33.95
N GLN A 983 -14.52 -38.16 34.67
CA GLN A 983 -14.27 -38.70 36.01
C GLN A 983 -13.12 -39.71 36.01
N GLN A 984 -13.18 -40.69 35.11
CA GLN A 984 -12.11 -41.68 35.02
C GLN A 984 -10.77 -41.07 34.62
N MET A 985 -10.76 -40.16 33.64
CA MET A 985 -9.51 -39.50 33.25
C MET A 985 -8.86 -38.76 34.41
N TYR A 986 -9.67 -38.09 35.24
CA TYR A 986 -9.11 -37.36 36.36
C TYR A 986 -8.69 -38.27 37.51
N ALA A 987 -9.41 -39.36 37.73
CA ALA A 987 -8.94 -40.35 38.71
C ALA A 987 -7.60 -40.93 38.28
N ALA A 988 -7.48 -41.29 37.00
CA ALA A 988 -6.22 -41.81 36.46
C ALA A 988 -5.08 -40.81 36.59
N THR A 989 -5.34 -39.53 36.27
CA THR A 989 -4.24 -38.57 36.24
C THR A 989 -3.88 -38.04 37.63
N LYS A 990 -4.81 -37.35 38.27
CA LYS A 990 -4.50 -36.71 39.55
C LYS A 990 -5.01 -37.48 40.77
N GLY A 991 -5.92 -38.43 40.61
CA GLY A 991 -6.32 -39.28 41.70
C GLY A 991 -7.56 -38.80 42.45
N LEU A 992 -7.65 -39.23 43.71
CA LEU A 992 -8.79 -38.93 44.57
C LEU A 992 -8.39 -37.90 45.63
N ARG A 993 -9.35 -37.04 45.98
CA ARG A 993 -9.03 -35.83 46.73
C ARG A 993 -8.62 -36.10 48.17
N TRP A 994 -9.09 -37.17 48.80
CA TRP A 994 -8.44 -37.57 50.04
C TRP A 994 -8.52 -39.06 50.27
N TYR A 995 -7.60 -39.53 51.12
CA TYR A 995 -7.27 -40.93 51.40
C TYR A 995 -8.32 -41.69 52.21
N ARG A 996 -9.42 -41.05 52.64
CA ARG A 996 -10.35 -41.67 53.57
C ARG A 996 -11.77 -41.60 53.02
N LEU A 997 -12.47 -42.73 53.11
CA LEU A 997 -13.94 -42.81 53.09
C LEU A 997 -14.64 -41.78 52.21
N TRP A 1049 -4.31 -35.09 47.63
CA TRP A 1049 -4.43 -35.95 46.46
C TRP A 1049 -3.65 -37.25 46.67
N LYS A 1050 -4.26 -38.36 46.27
CA LYS A 1050 -3.60 -39.65 46.37
C LYS A 1050 -3.91 -40.49 45.14
N GLY A 1051 -2.90 -41.22 44.65
CA GLY A 1051 -3.12 -42.30 43.72
C GLY A 1051 -3.05 -41.94 42.26
N GLY A 1052 -2.61 -40.72 41.92
CA GLY A 1052 -2.43 -40.36 40.53
C GLY A 1052 -0.98 -40.20 40.11
N THR A 1053 -0.75 -40.30 38.80
CA THR A 1053 0.58 -40.05 38.23
C THR A 1053 1.13 -38.67 38.64
N GLU A 1054 0.24 -37.72 38.91
CA GLU A 1054 0.64 -36.33 39.15
C GLU A 1054 0.34 -35.82 40.55
N SER A 1055 -0.16 -36.67 41.44
CA SER A 1055 -0.72 -36.21 42.72
C SER A 1055 0.28 -35.40 43.54
N GLU A 1056 1.54 -35.84 43.58
CA GLU A 1056 2.50 -35.21 44.50
C GLU A 1056 2.90 -33.81 44.05
N MET A 1057 2.98 -33.56 42.75
CA MET A 1057 3.22 -32.21 42.25
C MET A 1057 2.11 -31.25 42.67
N PHE A 1058 0.84 -31.65 42.50
CA PHE A 1058 -0.26 -30.82 42.97
C PHE A 1058 -0.25 -30.64 44.49
N ASN A 1059 0.04 -31.71 45.23
CA ASN A 1059 0.19 -31.58 46.68
C ASN A 1059 1.22 -30.52 47.05
N LYS A 1060 2.39 -30.57 46.42
CA LYS A 1060 3.45 -29.60 46.68
C LYS A 1060 3.02 -28.18 46.35
N LEU A 1061 2.38 -27.98 45.18
CA LEU A 1061 1.96 -26.63 44.81
C LEU A 1061 0.89 -26.09 45.75
N GLU A 1062 -0.07 -26.92 46.16
CA GLU A 1062 -1.05 -26.45 47.12
C GLU A 1062 -0.43 -26.18 48.48
N SER A 1063 0.61 -26.95 48.83
CA SER A 1063 1.34 -26.71 50.08
C SER A 1063 1.96 -25.34 50.08
N ILE A 1064 2.67 -25.00 49.00
CA ILE A 1064 3.30 -23.68 48.93
C ILE A 1064 2.24 -22.59 48.94
N ALA A 1065 1.17 -22.76 48.16
CA ALA A 1065 0.17 -21.72 48.04
C ALA A 1065 -0.65 -21.50 49.31
N THR A 1066 -0.75 -22.49 50.19
CA THR A 1066 -1.49 -22.33 51.44
C THR A 1066 -0.66 -21.75 52.58
N SER A 1067 0.67 -21.67 52.42
CA SER A 1067 1.52 -21.15 53.49
C SER A 1067 1.15 -19.73 53.90
N ASP A 1068 1.45 -19.40 55.16
CA ASP A 1068 1.16 -18.06 55.70
C ASP A 1068 1.89 -16.97 54.92
N ILE A 1069 3.09 -17.26 54.45
CA ILE A 1069 3.82 -16.35 53.56
C ILE A 1069 4.38 -17.18 52.42
N PRO A 1070 3.66 -17.32 51.31
CA PRO A 1070 4.20 -18.06 50.16
C PRO A 1070 5.46 -17.41 49.62
N ARG A 1071 6.48 -18.23 49.38
CA ARG A 1071 7.74 -17.81 48.81
C ARG A 1071 8.12 -18.75 47.68
N THR A 1072 8.81 -18.21 46.68
CA THR A 1072 9.20 -19.03 45.54
C THR A 1072 10.26 -20.03 45.97
N PRO A 1073 10.10 -21.32 45.66
CA PRO A 1073 10.90 -22.35 46.33
C PRO A 1073 12.41 -22.19 46.16
N VAL A 1074 12.87 -21.68 45.02
CA VAL A 1074 14.30 -21.59 44.79
C VAL A 1074 14.88 -20.31 45.39
N LEU A 1075 14.28 -19.16 45.11
CA LEU A 1075 14.92 -17.89 45.40
C LEU A 1075 14.25 -17.10 46.52
N GLY A 1076 13.07 -17.52 46.98
CA GLY A 1076 12.50 -16.97 48.19
C GLY A 1076 11.85 -15.61 48.11
N CYS A 1077 11.57 -15.10 46.91
CA CYS A 1077 10.73 -13.90 46.82
C CYS A 1077 9.33 -14.18 47.37
N CYS A 1078 8.80 -13.25 48.16
CA CYS A 1078 7.44 -13.35 48.63
C CYS A 1078 6.44 -13.05 47.52
N ILE A 1079 5.28 -13.71 47.59
CA ILE A 1079 4.13 -13.27 46.81
C ILE A 1079 3.68 -11.88 47.29
N SER A 1080 2.88 -11.22 46.45
CA SER A 1080 2.30 -9.93 46.79
C SER A 1080 1.43 -10.00 48.04
N ARG A 1081 1.52 -8.95 48.88
CA ARG A 1081 0.67 -8.84 50.06
C ARG A 1081 -0.81 -8.96 49.75
N ALA A 1082 -1.23 -8.48 48.57
CA ALA A 1082 -2.62 -8.53 48.12
C ALA A 1082 -3.12 -9.95 47.87
N LEU A 1083 -2.29 -10.97 48.04
CA LEU A 1083 -2.73 -12.35 47.83
C LEU A 1083 -2.37 -13.27 48.97
N GLU A 1084 -1.73 -12.77 50.02
CA GLU A 1084 -1.45 -13.59 51.20
C GLU A 1084 -2.76 -14.04 51.84
N PRO A 1085 -2.78 -15.25 52.42
CA PRO A 1085 -4.05 -15.81 52.91
C PRO A 1085 -4.71 -14.98 54.01
N SER A 1086 -3.95 -14.14 54.72
CA SER A 1086 -4.54 -13.19 55.65
C SER A 1086 -5.54 -12.26 54.96
N ALA A 1087 -5.15 -11.69 53.82
CA ALA A 1087 -6.01 -10.73 53.14
C ALA A 1087 -7.03 -11.39 52.23
N VAL A 1088 -6.88 -12.69 51.95
CA VAL A 1088 -7.64 -13.39 50.92
C VAL A 1088 -7.76 -14.84 51.37
N GLN A 1089 -8.92 -15.23 51.88
CA GLN A 1089 -9.04 -16.54 52.50
C GLN A 1089 -8.89 -17.67 51.48
N GLU A 1090 -9.85 -17.83 50.58
CA GLU A 1090 -9.78 -18.86 49.55
C GLU A 1090 -10.14 -18.36 48.16
N GLU A 1091 -10.24 -17.05 47.97
CA GLU A 1091 -10.39 -16.47 46.65
C GLU A 1091 -9.08 -16.48 45.86
N PHE A 1092 -9.21 -16.38 44.53
CA PHE A 1092 -8.09 -16.27 43.60
C PHE A 1092 -7.14 -17.47 43.66
N MET A 1093 -7.67 -18.66 43.95
CA MET A 1093 -6.83 -19.81 44.28
C MET A 1093 -6.01 -20.30 43.10
N THR A 1094 -6.62 -20.37 41.90
CA THR A 1094 -5.89 -20.82 40.72
C THR A 1094 -4.77 -19.87 40.30
N SER A 1095 -4.98 -18.56 40.47
CA SER A 1095 -3.90 -17.60 40.25
C SER A 1095 -2.75 -17.83 41.21
N ARG A 1096 -3.06 -18.06 42.49
CA ARG A 1096 -2.01 -18.32 43.48
C ARG A 1096 -1.25 -19.60 43.16
N VAL A 1097 -1.94 -20.64 42.69
CA VAL A 1097 -1.26 -21.87 42.32
C VAL A 1097 -0.36 -21.68 41.10
N ASN A 1098 -0.86 -21.02 40.05
CA ASN A 1098 -0.04 -20.76 38.87
C ASN A 1098 1.17 -19.87 39.16
N TRP A 1099 1.05 -18.98 40.14
CA TRP A 1099 2.14 -18.08 40.49
C TRP A 1099 3.43 -18.82 40.88
N VAL A 1100 3.32 -19.96 41.55
CA VAL A 1100 4.52 -20.68 41.98
C VAL A 1100 5.42 -21.02 40.79
N VAL A 1101 4.81 -21.57 39.73
CA VAL A 1101 5.57 -21.95 38.55
C VAL A 1101 6.03 -20.73 37.77
N GLN A 1102 5.13 -19.79 37.51
CA GLN A 1102 5.52 -18.62 36.71
C GLN A 1102 6.65 -17.83 37.37
N SER A 1103 6.56 -17.60 38.69
CA SER A 1103 7.65 -16.92 39.39
C SER A 1103 8.93 -17.74 39.43
N SER A 1104 8.83 -19.07 39.47
CA SER A 1104 10.04 -19.87 39.36
C SER A 1104 10.73 -19.66 38.01
N ALA A 1105 9.94 -19.65 36.92
CA ALA A 1105 10.51 -19.35 35.61
C ALA A 1105 11.12 -17.96 35.53
N VAL A 1106 10.56 -16.99 36.26
CA VAL A 1106 11.19 -15.67 36.31
C VAL A 1106 12.53 -15.71 37.05
N ASP A 1107 12.62 -16.49 38.13
CA ASP A 1107 13.91 -16.66 38.79
C ASP A 1107 14.94 -17.31 37.88
N TYR A 1108 14.50 -18.29 37.10
CA TYR A 1108 15.37 -18.95 36.12
C TYR A 1108 15.93 -17.93 35.12
N LEU A 1109 15.07 -17.07 34.59
CA LEU A 1109 15.52 -15.97 33.73
C LEU A 1109 16.56 -15.07 34.41
N HIS A 1110 16.31 -14.69 35.66
CA HIS A 1110 17.27 -13.82 36.35
C HIS A 1110 18.62 -14.51 36.54
N LEU A 1111 18.60 -15.80 36.87
CA LEU A 1111 19.85 -16.54 37.04
C LEU A 1111 20.64 -16.61 35.74
N MET A 1112 19.96 -16.87 34.62
CA MET A 1112 20.66 -16.88 33.34
C MET A 1112 21.28 -15.53 33.00
N LEU A 1113 20.55 -14.44 33.26
CA LEU A 1113 21.13 -13.11 33.02
C LEU A 1113 22.36 -12.85 33.87
N VAL A 1114 22.32 -13.21 35.15
CA VAL A 1114 23.48 -13.01 36.03
C VAL A 1114 24.68 -13.80 35.54
N ALA A 1115 24.46 -15.05 35.15
CA ALA A 1115 25.57 -15.89 34.68
C ALA A 1115 26.18 -15.36 33.39
N MET A 1116 25.34 -14.95 32.43
CA MET A 1116 25.91 -14.44 31.18
C MET A 1116 26.70 -13.16 31.40
N LYS A 1117 26.23 -12.29 32.31
CA LYS A 1117 26.98 -11.07 32.56
C LYS A 1117 28.32 -11.37 33.19
N TRP A 1118 28.34 -12.34 34.10
CA TRP A 1118 29.60 -12.76 34.72
C TRP A 1118 30.58 -13.26 33.67
N LEU A 1119 30.18 -14.27 32.89
CA LEU A 1119 31.13 -14.88 31.97
C LEU A 1119 31.62 -13.90 30.90
N PHE A 1120 30.73 -13.01 30.42
CA PHE A 1120 31.19 -11.99 29.48
C PHE A 1120 32.20 -11.04 30.10
N GLU A 1121 31.99 -10.60 31.34
CA GLU A 1121 32.99 -9.72 31.92
C GLU A 1121 34.26 -10.46 32.31
N GLU A 1122 34.17 -11.76 32.56
CA GLU A 1122 35.34 -12.51 33.02
C GLU A 1122 36.30 -12.86 31.88
N PHE A 1123 35.79 -13.30 30.73
CA PHE A 1123 36.65 -13.63 29.61
C PHE A 1123 36.79 -12.51 28.58
N ALA A 1124 36.47 -11.28 28.98
CA ALA A 1124 36.53 -10.10 28.11
C ALA A 1124 35.86 -10.30 26.77
N ILE A 1125 34.74 -11.05 26.77
CA ILE A 1125 34.00 -11.28 25.54
C ILE A 1125 33.36 -9.97 25.08
N ASP A 1126 33.48 -9.69 23.78
CA ASP A 1126 32.93 -8.45 23.20
C ASP A 1126 31.50 -8.70 22.70
N GLY A 1127 30.54 -8.57 23.61
CA GLY A 1127 29.15 -8.72 23.22
C GLY A 1127 28.21 -8.05 24.20
N ARG A 1128 26.92 -8.08 23.86
CA ARG A 1128 25.91 -7.27 24.52
C ARG A 1128 24.61 -8.07 24.60
N PHE A 1129 23.86 -7.88 25.69
CA PHE A 1129 22.50 -8.39 25.76
C PHE A 1129 21.59 -7.69 24.75
N CYS A 1130 20.82 -8.48 24.01
CA CYS A 1130 19.91 -7.91 23.02
C CYS A 1130 18.49 -7.75 23.54
N ILE A 1131 17.81 -8.86 23.82
CA ILE A 1131 16.42 -8.82 24.27
C ILE A 1131 16.09 -10.19 24.86
N SER A 1132 14.99 -10.26 25.62
CA SER A 1132 14.46 -11.52 26.08
C SER A 1132 12.94 -11.55 25.93
N ILE A 1133 12.39 -12.75 25.76
CA ILE A 1133 10.93 -12.90 25.65
C ILE A 1133 10.51 -14.08 26.53
N HIS A 1134 10.49 -13.84 27.83
CA HIS A 1134 10.06 -14.77 28.89
C HIS A 1134 10.89 -16.04 29.01
N ASP A 1135 11.14 -16.74 27.89
CA ASP A 1135 11.95 -17.95 27.92
C ASP A 1135 13.00 -17.98 26.80
N GLU A 1136 13.34 -16.84 26.22
CA GLU A 1136 14.44 -16.76 25.27
C GLU A 1136 15.37 -15.61 25.65
N VAL A 1137 16.63 -15.73 25.25
CA VAL A 1137 17.59 -14.65 25.39
C VAL A 1137 18.40 -14.55 24.10
N ARG A 1138 18.82 -13.33 23.78
CA ARG A 1138 19.58 -13.04 22.58
C ARG A 1138 20.70 -12.08 22.94
N TYR A 1139 21.84 -12.25 22.28
CA TYR A 1139 22.99 -11.38 22.51
C TYR A 1139 23.58 -10.93 21.18
N LEU A 1140 23.93 -9.65 21.11
CA LEU A 1140 24.65 -9.11 19.96
C LEU A 1140 26.15 -9.23 20.22
N VAL A 1141 26.86 -9.82 19.27
CA VAL A 1141 28.25 -10.23 19.45
C VAL A 1141 29.05 -9.82 18.24
N ARG A 1142 30.26 -9.32 18.46
CA ARG A 1142 31.21 -9.17 17.36
C ARG A 1142 31.61 -10.55 16.82
N GLU A 1143 31.62 -10.69 15.50
CA GLU A 1143 31.67 -12.00 14.84
C GLU A 1143 32.83 -12.88 15.30
N GLU A 1144 33.95 -12.28 15.68
CA GLU A 1144 35.11 -13.07 16.10
C GLU A 1144 34.84 -13.92 17.34
N ASP A 1145 33.99 -13.45 18.26
CA ASP A 1145 33.68 -14.18 19.48
C ASP A 1145 32.46 -15.09 19.38
N ARG A 1146 31.80 -15.13 18.22
CA ARG A 1146 30.52 -15.81 18.09
C ARG A 1146 30.55 -17.27 18.55
N TYR A 1147 31.65 -17.98 18.34
CA TYR A 1147 31.72 -19.36 18.80
C TYR A 1147 32.00 -19.49 20.29
N ARG A 1148 32.72 -18.54 20.88
CA ARG A 1148 32.89 -18.52 22.33
C ARG A 1148 31.58 -18.22 23.05
N ALA A 1149 30.77 -17.33 22.48
CA ALA A 1149 29.47 -17.01 23.07
C ALA A 1149 28.59 -18.25 23.21
N ALA A 1150 28.60 -19.14 22.23
CA ALA A 1150 27.79 -20.35 22.30
C ALA A 1150 28.20 -21.25 23.46
N LEU A 1151 29.51 -21.33 23.73
CA LEU A 1151 29.99 -22.09 24.88
C LEU A 1151 29.60 -21.43 26.19
N ALA A 1152 29.70 -20.10 26.26
CA ALA A 1152 29.27 -19.41 27.48
C ALA A 1152 27.77 -19.63 27.74
N LEU A 1153 26.94 -19.58 26.69
CA LEU A 1153 25.52 -19.91 26.83
C LEU A 1153 25.31 -21.32 27.36
N GLN A 1154 26.02 -22.30 26.80
CA GLN A 1154 25.86 -23.68 27.26
C GLN A 1154 26.27 -23.85 28.72
N ILE A 1155 27.38 -23.24 29.12
CA ILE A 1155 27.79 -23.27 30.52
C ILE A 1155 26.75 -22.60 31.41
N THR A 1156 26.17 -21.48 30.96
CA THR A 1156 25.12 -20.83 31.73
C THR A 1156 23.91 -21.73 31.91
N ASN A 1157 23.52 -22.42 30.85
CA ASN A 1157 22.41 -23.38 30.95
C ASN A 1157 22.69 -24.46 31.98
N LEU A 1158 23.87 -25.08 31.89
CA LEU A 1158 24.24 -26.12 32.86
C LEU A 1158 24.21 -25.59 34.29
N LEU A 1159 24.87 -24.46 34.54
CA LEU A 1159 24.93 -23.92 35.90
C LEU A 1159 23.54 -23.54 36.42
N THR A 1160 22.67 -23.04 35.55
CA THR A 1160 21.30 -22.74 35.96
C THR A 1160 20.54 -24.00 36.33
N ARG A 1161 20.60 -25.02 35.47
CA ARG A 1161 19.91 -26.28 35.77
C ARG A 1161 20.38 -26.89 37.08
N CYS A 1162 21.69 -26.93 37.30
CA CYS A 1162 22.22 -27.50 38.55
C CYS A 1162 21.83 -26.66 39.76
N MET A 1163 21.89 -25.33 39.66
CA MET A 1163 21.47 -24.47 40.76
C MET A 1163 20.03 -24.73 41.19
N PHE A 1164 19.14 -24.89 40.22
CA PHE A 1164 17.72 -25.14 40.51
C PHE A 1164 17.53 -26.40 41.37
N ALA A 1165 18.13 -27.51 40.94
CA ALA A 1165 18.04 -28.76 41.71
C ALA A 1165 18.66 -28.65 43.10
N TYR A 1166 19.76 -27.91 43.23
CA TYR A 1166 20.44 -27.80 44.52
C TYR A 1166 19.53 -27.23 45.61
N LYS A 1167 18.81 -26.14 45.32
CA LYS A 1167 17.90 -25.56 46.31
C LYS A 1167 16.72 -26.47 46.66
N LEU A 1168 16.44 -27.48 45.86
CA LEU A 1168 15.42 -28.47 46.20
C LEU A 1168 15.96 -29.64 47.02
N GLY A 1169 17.26 -29.71 47.25
CA GLY A 1169 17.83 -30.78 48.04
C GLY A 1169 18.15 -32.03 47.26
N LEU A 1170 18.34 -31.92 45.95
CA LEU A 1170 18.82 -33.00 45.10
C LEU A 1170 20.24 -32.64 44.65
N ASN A 1171 21.18 -33.58 44.85
CA ASN A 1171 22.58 -33.32 44.58
C ASN A 1171 23.05 -33.85 43.22
N ASP A 1172 22.15 -33.92 42.24
CA ASP A 1172 22.52 -34.50 40.95
C ASP A 1172 21.56 -33.96 39.89
N LEU A 1173 21.92 -34.20 38.62
CA LEU A 1173 21.07 -33.80 37.50
C LEU A 1173 21.07 -34.86 36.40
N PRO A 1174 19.90 -35.19 35.85
CA PRO A 1174 19.85 -36.04 34.66
C PRO A 1174 20.61 -35.44 33.48
N GLN A 1175 21.39 -36.29 32.81
CA GLN A 1175 22.29 -35.86 31.74
C GLN A 1175 21.52 -35.28 30.54
N SER A 1176 20.27 -35.68 30.35
CA SER A 1176 19.51 -35.26 29.16
C SER A 1176 19.16 -33.78 29.16
N VAL A 1177 18.97 -33.15 30.33
CA VAL A 1177 18.56 -31.75 30.36
C VAL A 1177 19.72 -30.77 30.46
N ALA A 1178 20.96 -31.26 30.54
CA ALA A 1178 22.09 -30.42 30.91
C ALA A 1178 22.41 -29.33 29.90
N PHE A 1179 21.97 -29.45 28.65
CA PHE A 1179 22.40 -28.49 27.62
C PHE A 1179 21.26 -28.14 26.67
N PHE A 1180 21.40 -26.97 26.03
CA PHE A 1180 20.48 -26.57 24.98
C PHE A 1180 20.62 -27.48 23.76
N SER A 1181 19.48 -27.96 23.27
CA SER A 1181 19.48 -28.82 22.08
C SER A 1181 20.22 -28.18 20.90
N ALA A 1182 20.10 -26.87 20.74
CA ALA A 1182 20.98 -26.14 19.84
C ALA A 1182 21.13 -24.69 20.30
N VAL A 1183 22.23 -24.08 19.88
CA VAL A 1183 22.42 -22.63 19.94
C VAL A 1183 22.33 -22.08 18.52
N ASP A 1184 21.68 -20.93 18.36
CA ASP A 1184 21.46 -20.33 17.06
C ASP A 1184 22.48 -19.21 16.82
N ILE A 1185 23.13 -19.24 15.67
CA ILE A 1185 23.99 -18.16 15.18
C ILE A 1185 23.35 -17.61 13.92
N ASP A 1186 23.03 -16.32 13.92
CA ASP A 1186 22.20 -15.75 12.87
C ASP A 1186 22.48 -14.27 12.72
N ARG A 1187 22.13 -13.74 11.55
CA ARG A 1187 22.19 -12.31 11.27
C ARG A 1187 20.88 -11.58 11.57
N CYS A 1188 19.78 -12.30 11.71
CA CYS A 1188 18.50 -11.70 12.08
C CYS A 1188 17.77 -12.62 13.06
N LEU A 1189 16.72 -12.10 13.67
CA LEU A 1189 15.92 -12.88 14.62
C LEU A 1189 14.91 -13.74 13.89
N ARG A 1190 14.84 -15.01 14.25
CA ARG A 1190 13.98 -15.98 13.61
C ARG A 1190 13.56 -17.04 14.62
N LYS A 1191 12.38 -17.61 14.41
CA LYS A 1191 12.02 -18.79 15.19
C LYS A 1191 12.84 -20.01 14.81
N GLU A 1192 13.24 -20.13 13.53
CA GLU A 1192 14.12 -21.20 13.11
C GLU A 1192 15.13 -20.69 12.09
N VAL A 1193 16.31 -21.31 12.13
CA VAL A 1193 17.48 -20.84 11.39
C VAL A 1193 17.30 -20.92 9.88
N THR A 1194 16.50 -21.87 9.40
CA THR A 1194 16.35 -22.07 7.95
C THR A 1194 15.22 -21.29 7.32
N MET A 1195 14.37 -20.63 8.10
CA MET A 1195 13.17 -20.01 7.55
C MET A 1195 13.56 -18.86 6.62
N ASP A 1196 12.98 -18.85 5.41
CA ASP A 1196 13.25 -17.78 4.45
C ASP A 1196 12.24 -16.64 4.58
N CYS A 1197 11.17 -16.82 5.34
CA CYS A 1197 10.22 -15.76 5.68
C CYS A 1197 9.66 -15.07 4.43
N LYS A 1198 9.15 -15.88 3.51
CA LYS A 1198 8.28 -15.34 2.46
C LYS A 1198 6.90 -15.03 3.05
N THR A 1199 6.39 -13.84 2.73
CA THR A 1199 5.04 -13.43 3.11
C THR A 1199 4.41 -12.70 1.93
N PRO A 1200 3.09 -12.47 1.95
CA PRO A 1200 2.49 -11.63 0.89
C PRO A 1200 3.11 -10.25 0.74
N SER A 1201 3.79 -9.75 1.77
CA SER A 1201 4.46 -8.47 1.69
C SER A 1201 5.93 -8.58 1.30
N ASN A 1202 6.49 -9.79 1.24
CA ASN A 1202 7.84 -10.01 0.69
C ASN A 1202 7.91 -11.38 0.04
N PRO A 1203 7.18 -11.59 -1.06
CA PRO A 1203 7.05 -12.95 -1.62
C PRO A 1203 8.35 -13.53 -2.15
N THR A 1204 9.36 -12.71 -2.45
CA THR A 1204 10.66 -13.21 -2.87
C THR A 1204 11.54 -13.61 -1.69
N GLY A 1205 11.17 -13.28 -0.46
CA GLY A 1205 11.88 -13.75 0.71
C GLY A 1205 13.12 -12.93 1.05
N MET A 1206 13.65 -13.24 2.24
CA MET A 1206 14.72 -12.45 2.84
C MET A 1206 16.01 -12.55 2.04
N GLU A 1207 16.29 -13.72 1.47
CA GLU A 1207 17.55 -13.98 0.79
C GLU A 1207 17.67 -13.24 -0.54
N ARG A 1208 16.55 -12.93 -1.18
CA ARG A 1208 16.61 -12.20 -2.44
C ARG A 1208 16.40 -10.70 -2.26
N ARG A 1209 15.52 -10.27 -1.36
CA ARG A 1209 15.33 -8.85 -1.15
C ARG A 1209 16.53 -8.22 -0.46
N TYR A 1210 17.16 -8.93 0.48
CA TYR A 1210 18.21 -8.33 1.29
C TYR A 1210 19.50 -9.12 1.32
N GLY A 1211 19.53 -10.36 0.84
CA GLY A 1211 20.74 -11.14 0.80
C GLY A 1211 21.19 -11.71 2.12
N ILE A 1212 20.35 -11.69 3.14
CA ILE A 1212 20.67 -12.30 4.42
C ILE A 1212 20.62 -13.81 4.27
N PRO A 1213 21.72 -14.52 4.49
CA PRO A 1213 21.70 -15.98 4.39
C PRO A 1213 21.08 -16.61 5.63
N GLN A 1214 20.86 -17.93 5.53
CA GLN A 1214 20.57 -18.76 6.69
C GLN A 1214 21.82 -18.94 7.56
N GLY A 1215 21.59 -19.45 8.77
CA GLY A 1215 22.62 -19.55 9.79
C GLY A 1215 22.95 -20.96 10.21
N GLU A 1216 23.49 -21.12 11.41
CA GLU A 1216 23.93 -22.40 11.96
C GLU A 1216 23.19 -22.70 13.26
N ALA A 1217 22.95 -23.99 13.52
CA ALA A 1217 22.31 -24.44 14.76
C ALA A 1217 23.13 -25.59 15.34
N LEU A 1218 23.91 -25.29 16.38
CA LEU A 1218 25.00 -26.14 16.84
C LEU A 1218 24.65 -26.72 18.21
N ASP A 1219 24.77 -28.04 18.34
CA ASP A 1219 24.79 -28.69 19.65
C ASP A 1219 26.12 -28.48 20.36
N ILE A 1220 26.21 -29.00 21.58
CA ILE A 1220 27.41 -28.84 22.41
C ILE A 1220 28.65 -29.40 21.71
N TYR A 1221 28.54 -30.56 21.07
CA TYR A 1221 29.72 -31.22 20.52
C TYR A 1221 30.35 -30.40 19.40
N GLN A 1222 29.53 -29.86 18.51
CA GLN A 1222 30.03 -28.95 17.48
C GLN A 1222 30.68 -27.71 18.09
N ILE A 1223 30.18 -27.26 19.25
CA ILE A 1223 30.81 -26.13 19.92
C ILE A 1223 32.17 -26.52 20.50
N ILE A 1224 32.26 -27.75 21.00
CA ILE A 1224 33.56 -28.25 21.48
C ILE A 1224 34.55 -28.27 20.32
N GLU A 1225 34.18 -28.93 19.22
CA GLU A 1225 35.10 -29.06 18.10
C GLU A 1225 35.38 -27.72 17.44
N LEU A 1226 34.56 -26.69 17.70
CA LEU A 1226 34.88 -25.34 17.27
C LEU A 1226 35.75 -24.58 18.25
N THR A 1227 35.81 -25.01 19.52
CA THR A 1227 36.42 -24.21 20.57
C THR A 1227 37.47 -24.93 21.38
N LYS A 1228 37.60 -26.25 21.24
CA LYS A 1228 38.42 -27.10 22.11
C LYS A 1228 38.04 -26.99 23.58
N GLY A 1229 36.83 -26.50 23.87
CA GLY A 1229 36.35 -26.42 25.23
C GLY A 1229 36.90 -25.31 26.10
N SER A 1230 37.47 -24.26 25.51
CA SER A 1230 38.02 -23.17 26.30
C SER A 1230 37.45 -21.83 25.82
N LEU A 1231 37.21 -20.93 26.78
CA LEU A 1231 36.75 -19.58 26.51
C LEU A 1231 37.89 -18.61 26.32
N GLU A 1232 39.13 -19.03 26.57
CA GLU A 1232 40.28 -18.15 26.43
C GLU A 1232 40.42 -17.64 25.01
N LYS A 1233 40.78 -16.35 24.89
CA LYS A 1233 40.95 -15.72 23.58
C LYS A 1233 42.05 -16.39 22.78
N ARG A 1234 43.02 -17.02 23.43
CA ARG A 1234 44.07 -17.77 22.74
C ARG A 1234 43.54 -19.00 22.03
N SER A 1235 42.30 -19.42 22.31
CA SER A 1235 41.81 -20.76 22.00
C SER A 1235 42.70 -21.83 22.63
N GLU B 64 -24.30 -16.03 -25.19
CA GLU B 64 -25.50 -15.25 -24.97
C GLU B 64 -25.17 -13.83 -24.52
N GLY B 65 -24.98 -13.66 -23.21
CA GLY B 65 -24.58 -12.39 -22.63
C GLY B 65 -23.66 -11.53 -23.46
N SER B 66 -22.73 -12.16 -24.17
CA SER B 66 -21.80 -11.44 -25.01
C SER B 66 -22.49 -10.75 -26.19
N GLU B 67 -23.48 -11.40 -26.82
CA GLU B 67 -24.16 -10.74 -27.94
C GLU B 67 -25.08 -9.63 -27.46
N ALA B 68 -25.74 -9.81 -26.31
CA ALA B 68 -26.51 -8.72 -25.73
C ALA B 68 -25.62 -7.52 -25.40
N LEU B 69 -24.39 -7.78 -24.97
CA LEU B 69 -23.44 -6.69 -24.75
C LEU B 69 -23.09 -5.97 -26.04
N LEU B 70 -22.84 -6.72 -27.12
CA LEU B 70 -22.48 -6.10 -28.40
C LEU B 70 -23.66 -5.38 -29.04
N GLU B 71 -24.88 -5.87 -28.84
CA GLU B 71 -26.06 -5.10 -29.24
C GLU B 71 -26.06 -3.71 -28.62
N ILE B 72 -25.82 -3.63 -27.31
CA ILE B 72 -25.75 -2.34 -26.63
C ILE B 72 -24.63 -1.47 -27.18
N CYS B 73 -23.43 -2.05 -27.31
CA CYS B 73 -22.26 -1.27 -27.71
C CYS B 73 -22.40 -0.64 -29.10
N GLN B 74 -23.08 -1.29 -30.03
CA GLN B 74 -23.35 -0.65 -31.31
C GLN B 74 -24.47 0.39 -31.22
N ARG B 75 -25.58 0.04 -30.56
CA ARG B 75 -26.72 0.96 -30.47
C ARG B 75 -26.39 2.26 -29.74
N ARG B 76 -25.46 2.24 -28.79
CA ARG B 76 -24.98 3.47 -28.17
C ARG B 76 -23.66 3.95 -28.74
N HIS B 77 -23.26 3.46 -29.91
CA HIS B 77 -22.15 4.02 -30.67
C HIS B 77 -20.81 3.95 -29.93
N PHE B 78 -20.59 2.85 -29.20
CA PHE B 78 -19.22 2.53 -28.80
C PHE B 78 -18.45 1.89 -29.95
N LEU B 79 -19.06 0.94 -30.65
CA LEU B 79 -18.50 0.29 -31.82
C LEU B 79 -19.06 0.91 -33.10
N SER B 80 -18.75 0.30 -34.23
CA SER B 80 -19.26 0.77 -35.52
C SER B 80 -19.29 -0.38 -36.50
N GLY B 81 -20.11 -0.22 -37.54
CA GLY B 81 -20.29 -1.24 -38.55
C GLY B 81 -21.33 -2.29 -38.19
N SER B 82 -21.55 -3.20 -39.14
CA SER B 82 -22.59 -4.21 -39.03
C SER B 82 -22.17 -5.35 -38.11
N LYS B 83 -23.16 -6.18 -37.76
CA LYS B 83 -22.93 -7.40 -37.00
C LYS B 83 -21.82 -8.25 -37.62
N GLN B 84 -21.82 -8.38 -38.95
CA GLN B 84 -20.84 -9.23 -39.63
C GLN B 84 -19.41 -8.75 -39.43
N GLN B 85 -19.21 -7.46 -39.21
CA GLN B 85 -17.87 -6.90 -39.04
C GLN B 85 -17.39 -6.94 -37.59
N LEU B 86 -18.22 -7.38 -36.65
CA LEU B 86 -17.94 -7.23 -35.23
C LEU B 86 -17.83 -8.57 -34.51
N SER B 87 -17.62 -9.66 -35.24
CA SER B 87 -17.33 -10.95 -34.62
C SER B 87 -15.98 -10.92 -33.89
N ARG B 88 -15.84 -11.88 -32.97
CA ARG B 88 -14.71 -11.92 -32.05
C ARG B 88 -13.36 -11.82 -32.75
N ASP B 89 -13.19 -12.58 -33.83
CA ASP B 89 -11.92 -12.58 -34.56
C ASP B 89 -11.56 -11.19 -35.10
N SER B 90 -12.55 -10.49 -35.66
CA SER B 90 -12.30 -9.15 -36.18
C SER B 90 -11.85 -8.19 -35.07
N LEU B 91 -12.55 -8.21 -33.94
CA LEU B 91 -12.18 -7.32 -32.83
C LEU B 91 -10.80 -7.64 -32.27
N LEU B 92 -10.51 -8.93 -32.07
CA LEU B 92 -9.19 -9.31 -31.53
C LEU B 92 -8.07 -9.01 -32.52
N SER B 93 -8.32 -9.16 -33.82
CA SER B 93 -7.26 -8.93 -34.80
C SER B 93 -6.96 -7.45 -35.01
N GLY B 94 -7.95 -6.58 -34.80
CA GLY B 94 -7.75 -5.18 -35.12
C GLY B 94 -8.00 -4.80 -36.56
N CYS B 95 -8.97 -5.44 -37.22
CA CYS B 95 -9.35 -5.11 -38.59
C CYS B 95 -10.86 -4.90 -38.68
N HIS B 96 -11.47 -4.43 -37.60
CA HIS B 96 -12.83 -3.94 -37.59
C HIS B 96 -12.91 -2.55 -38.24
N PRO B 97 -14.12 -2.05 -38.50
CA PRO B 97 -14.25 -0.74 -39.18
C PRO B 97 -13.77 0.45 -38.36
N GLY B 98 -13.60 0.30 -37.05
CA GLY B 98 -13.31 1.42 -36.17
C GLY B 98 -14.30 1.53 -35.03
N PHE B 99 -13.93 2.39 -34.07
CA PHE B 99 -14.75 2.71 -32.91
C PHE B 99 -15.65 3.92 -33.14
N GLY B 100 -16.86 3.85 -32.58
CA GLY B 100 -17.75 4.99 -32.51
C GLY B 100 -17.28 6.02 -31.50
N PRO B 101 -17.89 7.22 -31.54
CA PRO B 101 -17.33 8.36 -30.78
C PRO B 101 -17.18 8.12 -29.28
N LEU B 102 -18.11 7.39 -28.67
CA LEU B 102 -17.96 7.06 -27.25
C LEU B 102 -16.75 6.17 -27.02
N GLY B 103 -16.47 5.25 -27.95
CA GLY B 103 -15.28 4.43 -27.81
C GLY B 103 -14.02 5.25 -27.94
N VAL B 104 -14.02 6.22 -28.85
CA VAL B 104 -12.88 7.13 -29.01
C VAL B 104 -12.62 7.90 -27.72
N GLU B 105 -13.68 8.38 -27.07
CA GLU B 105 -13.49 9.08 -25.80
C GLU B 105 -13.04 8.15 -24.68
N LEU B 106 -13.59 6.94 -24.62
CA LEU B 106 -13.15 5.96 -23.64
C LEU B 106 -11.65 5.66 -23.80
N ARG B 107 -11.21 5.42 -25.03
CA ARG B 107 -9.79 5.19 -25.30
C ARG B 107 -8.95 6.40 -24.91
N LYS B 108 -9.41 7.61 -25.22
CA LYS B 108 -8.64 8.80 -24.83
C LYS B 108 -8.49 8.91 -23.31
N ASN B 109 -9.57 8.64 -22.57
CA ASN B 109 -9.47 8.61 -21.11
C ASN B 109 -8.47 7.57 -20.64
N LEU B 110 -8.56 6.35 -21.17
CA LEU B 110 -7.65 5.28 -20.76
C LEU B 110 -6.19 5.67 -21.02
N ALA B 111 -5.92 6.24 -22.20
CA ALA B 111 -4.57 6.70 -22.52
C ALA B 111 -4.11 7.83 -21.60
N ALA B 112 -5.03 8.67 -21.14
CA ALA B 112 -4.61 9.75 -20.25
C ALA B 112 -4.33 9.25 -18.83
N GLU B 113 -5.11 8.28 -18.35
CA GLU B 113 -4.77 7.60 -17.11
C GLU B 113 -3.41 6.91 -17.19
N TRP B 114 -3.13 6.25 -18.32
CA TRP B 114 -1.83 5.62 -18.50
C TRP B 114 -0.71 6.65 -18.47
N TRP B 115 -0.88 7.76 -19.20
CA TRP B 115 0.14 8.81 -19.21
C TRP B 115 0.34 9.40 -17.83
N THR B 116 -0.73 9.55 -17.06
CA THR B 116 -0.62 10.05 -15.69
C THR B 116 0.22 9.11 -14.82
N SER B 117 -0.11 7.82 -14.84
CA SER B 117 0.59 6.88 -13.96
C SER B 117 2.03 6.62 -14.39
N VAL B 118 2.33 6.66 -15.68
CA VAL B 118 3.67 6.25 -16.11
C VAL B 118 4.64 7.42 -16.20
N VAL B 119 4.20 8.61 -16.62
CA VAL B 119 5.12 9.68 -17.03
C VAL B 119 5.06 10.90 -16.12
N VAL B 120 3.86 11.34 -15.73
CA VAL B 120 3.71 12.65 -15.10
C VAL B 120 4.51 12.74 -13.82
N PHE B 121 4.34 11.76 -12.92
CA PHE B 121 5.01 11.80 -11.64
C PHE B 121 6.43 11.25 -11.67
N ARG B 122 6.86 10.69 -12.80
CA ARG B 122 8.10 9.90 -12.88
C ARG B 122 9.22 10.83 -13.33
N GLU B 123 9.92 11.39 -12.33
CA GLU B 123 10.91 12.45 -12.51
C GLU B 123 11.89 12.24 -13.66
N GLN B 124 12.11 11.01 -14.12
CA GLN B 124 13.16 10.73 -15.09
C GLN B 124 12.69 10.04 -16.35
N VAL B 125 11.39 9.89 -16.57
CA VAL B 125 10.85 9.45 -17.86
C VAL B 125 10.61 10.69 -18.74
N PHE B 126 10.69 10.49 -20.06
CA PHE B 126 10.51 11.55 -21.03
C PHE B 126 9.72 11.02 -22.23
N PRO B 127 8.98 11.88 -22.92
CA PRO B 127 8.28 11.46 -24.14
C PRO B 127 9.23 11.28 -25.32
N VAL B 128 8.83 10.39 -26.24
CA VAL B 128 9.54 10.16 -27.50
C VAL B 128 8.52 10.06 -28.63
N ASP B 129 8.99 10.22 -29.86
CA ASP B 129 8.13 10.18 -31.05
C ASP B 129 8.84 9.39 -32.17
N ALA B 130 8.64 8.08 -32.19
CA ALA B 130 9.05 7.26 -33.32
C ALA B 130 8.10 7.43 -34.50
N LEU B 131 8.69 7.59 -35.69
CA LEU B 131 7.92 7.67 -36.93
C LEU B 131 7.22 6.35 -37.23
N HIS B 132 6.20 6.43 -38.11
CA HIS B 132 5.41 5.26 -38.47
C HIS B 132 6.09 4.33 -39.48
N HIS B 133 7.11 4.78 -40.21
CA HIS B 133 7.72 3.93 -41.22
C HIS B 133 9.24 3.93 -41.06
N LYS B 134 9.86 2.87 -41.58
CA LYS B 134 11.31 2.75 -41.63
C LYS B 134 11.82 3.13 -43.01
N PRO B 135 12.66 4.14 -43.15
CA PRO B 135 13.22 4.49 -44.45
C PRO B 135 14.44 3.63 -44.79
N GLY B 136 15.01 3.88 -45.97
CA GLY B 136 16.30 3.35 -46.33
C GLY B 136 16.31 1.88 -46.69
N PRO B 137 17.51 1.32 -46.83
CA PRO B 137 17.64 -0.09 -47.21
C PRO B 137 17.38 -1.04 -46.07
N LEU B 138 16.90 -2.23 -46.41
CA LEU B 138 16.31 -3.16 -45.46
C LEU B 138 16.85 -4.56 -45.71
N LEU B 139 16.77 -5.40 -44.69
CA LEU B 139 17.26 -6.77 -44.82
C LEU B 139 16.36 -7.56 -45.78
N PRO B 140 16.93 -8.39 -46.64
CA PRO B 140 16.12 -9.22 -47.52
C PRO B 140 15.49 -10.39 -46.78
N GLY B 141 14.32 -10.80 -47.25
CA GLY B 141 13.69 -12.03 -46.83
C GLY B 141 12.59 -11.89 -45.79
N ASP B 142 12.40 -10.70 -45.21
CA ASP B 142 11.20 -10.46 -44.43
C ASP B 142 9.98 -10.36 -45.33
N SER B 143 8.89 -10.99 -44.91
CA SER B 143 7.85 -11.42 -45.85
C SER B 143 6.86 -10.32 -46.20
N ALA B 144 6.69 -9.33 -45.33
CA ALA B 144 5.47 -8.54 -45.33
C ALA B 144 5.42 -7.52 -46.46
N PHE B 145 4.30 -6.81 -46.54
CA PHE B 145 4.09 -5.71 -47.46
C PHE B 145 5.13 -4.61 -47.28
N ARG B 146 5.39 -3.90 -48.38
CA ARG B 146 6.35 -2.82 -48.42
C ARG B 146 5.77 -1.70 -49.29
N LEU B 147 6.31 -0.49 -49.13
CA LEU B 147 5.73 0.69 -49.75
C LEU B 147 6.08 0.84 -51.23
N VAL B 148 6.04 -0.25 -51.99
CA VAL B 148 6.40 -0.27 -53.40
C VAL B 148 5.38 0.52 -54.22
N SER B 149 5.66 0.73 -55.50
CA SER B 149 4.72 1.45 -56.36
C SER B 149 4.83 0.94 -57.79
N ALA B 150 3.75 1.15 -58.54
CA ALA B 150 3.72 0.89 -59.98
C ALA B 150 4.63 1.83 -60.76
N GLU B 151 4.88 3.03 -60.24
CA GLU B 151 5.81 3.94 -60.89
C GLU B 151 7.23 3.40 -60.87
N THR B 152 7.70 2.95 -59.71
CA THR B 152 9.05 2.41 -59.61
C THR B 152 9.20 1.04 -60.24
N LEU B 153 8.11 0.42 -60.69
CA LEU B 153 8.16 -0.92 -61.28
C LEU B 153 8.96 -0.97 -62.57
N ARG B 154 9.18 0.17 -63.23
CA ARG B 154 9.78 0.20 -64.56
C ARG B 154 11.25 -0.20 -64.59
N GLU B 155 11.89 -0.42 -63.44
CA GLU B 155 13.31 -0.73 -63.41
C GLU B 155 13.62 -2.16 -63.81
N ILE B 156 12.61 -2.96 -64.18
CA ILE B 156 12.81 -4.19 -64.93
C ILE B 156 12.20 -4.09 -66.32
N LEU B 157 11.58 -2.95 -66.64
CA LEU B 157 10.85 -2.76 -67.90
C LEU B 157 11.63 -1.90 -68.88
N GLN B 158 12.93 -1.72 -68.65
CA GLN B 158 13.78 -0.97 -69.58
C GLN B 158 13.62 -1.47 -71.02
N ASP B 159 13.47 -2.78 -71.19
CA ASP B 159 12.98 -3.34 -72.45
C ASP B 159 11.66 -4.05 -72.22
N LYS B 160 10.62 -3.60 -72.93
CA LYS B 160 9.27 -4.09 -72.72
C LYS B 160 9.08 -5.54 -73.14
N GLU B 161 9.93 -6.03 -74.05
CA GLU B 161 9.84 -7.40 -74.54
C GLU B 161 10.54 -8.42 -73.65
N LEU B 162 11.18 -8.00 -72.55
CA LEU B 162 11.62 -8.96 -71.55
C LEU B 162 10.42 -9.66 -70.94
N SER B 163 10.60 -10.94 -70.59
CA SER B 163 9.53 -11.73 -70.02
C SER B 163 10.07 -13.02 -69.39
N LYS B 164 9.18 -14.00 -69.22
CA LYS B 164 9.53 -15.36 -68.81
C LYS B 164 10.02 -15.45 -67.37
N GLU B 165 10.09 -16.66 -66.83
CA GLU B 165 10.24 -16.93 -65.40
C GLU B 165 11.58 -16.47 -64.84
N GLN B 166 12.44 -15.87 -65.67
CA GLN B 166 13.63 -15.15 -65.23
C GLN B 166 13.33 -13.99 -64.27
N LEU B 167 12.06 -13.59 -64.12
CA LEU B 167 11.71 -12.34 -63.43
C LEU B 167 12.20 -12.26 -61.99
N VAL B 168 12.47 -13.39 -61.33
CA VAL B 168 12.66 -13.41 -59.88
C VAL B 168 13.81 -12.52 -59.42
N ALA B 169 14.71 -12.12 -60.32
CA ALA B 169 15.70 -11.07 -60.02
C ALA B 169 15.07 -9.83 -59.39
N PHE B 170 13.88 -9.45 -59.82
CA PHE B 170 13.23 -8.22 -59.34
C PHE B 170 12.84 -8.28 -57.87
N LEU B 171 12.79 -9.48 -57.28
CA LEU B 171 12.58 -9.61 -55.84
C LEU B 171 13.69 -8.93 -55.07
N GLU B 172 14.92 -9.02 -55.56
CA GLU B 172 16.04 -8.39 -54.86
C GLU B 172 15.90 -6.87 -54.90
N ASN B 173 15.43 -6.34 -56.02
CA ASN B 173 15.23 -4.89 -56.14
C ASN B 173 14.17 -4.40 -55.17
N VAL B 174 13.00 -5.04 -55.14
CA VAL B 174 11.95 -4.58 -54.24
C VAL B 174 12.32 -4.76 -52.77
N LEU B 175 13.08 -5.80 -52.44
CA LEU B 175 13.57 -5.95 -51.07
C LEU B 175 14.57 -4.88 -50.68
N LYS B 176 15.48 -4.52 -51.58
CA LYS B 176 16.60 -3.67 -51.18
C LYS B 176 16.22 -2.21 -50.95
N THR B 177 15.25 -1.67 -51.69
CA THR B 177 15.04 -0.21 -51.68
C THR B 177 13.56 0.15 -51.53
N SER B 178 12.80 -0.57 -50.71
CA SER B 178 11.46 -0.13 -50.38
C SER B 178 11.23 -0.12 -48.87
N GLY B 179 10.49 0.90 -48.41
CA GLY B 179 10.23 1.12 -47.01
C GLY B 179 9.18 0.19 -46.42
N LYS B 180 9.11 0.22 -45.09
CA LYS B 180 8.23 -0.66 -44.32
C LYS B 180 7.47 0.17 -43.29
N LEU B 181 6.24 -0.27 -42.99
CA LEU B 181 5.49 0.25 -41.85
C LEU B 181 5.98 -0.37 -40.55
N ARG B 182 6.10 0.45 -39.51
CA ARG B 182 6.62 -0.03 -38.24
C ARG B 182 5.72 -1.10 -37.64
N GLU B 183 6.34 -2.05 -36.96
CA GLU B 183 5.64 -3.12 -36.26
C GLU B 183 5.70 -2.99 -34.75
N ASN B 184 6.65 -2.22 -34.22
CA ASN B 184 6.80 -2.02 -32.79
C ASN B 184 7.39 -0.63 -32.55
N LEU B 185 7.32 -0.20 -31.29
CA LEU B 185 7.80 1.11 -30.88
C LEU B 185 9.21 1.09 -30.29
N LEU B 186 9.70 -0.09 -29.88
CA LEU B 186 11.02 -0.19 -29.27
C LEU B 186 12.13 0.34 -30.18
N HIS B 187 12.15 -0.10 -31.44
CA HIS B 187 13.31 0.16 -32.31
C HIS B 187 13.55 1.65 -32.50
N GLY B 188 12.49 2.43 -32.75
CA GLY B 188 12.68 3.85 -32.89
C GLY B 188 13.03 4.55 -31.61
N ALA B 189 12.66 3.96 -30.46
CA ALA B 189 13.10 4.53 -29.20
C ALA B 189 14.60 4.30 -29.02
N LEU B 190 15.07 3.11 -29.38
CA LEU B 190 16.50 2.82 -29.29
C LEU B 190 17.31 3.74 -30.19
N GLU B 191 16.72 4.16 -31.31
CA GLU B 191 17.43 5.13 -32.16
C GLU B 191 17.67 6.47 -31.46
N HIS B 192 16.96 6.76 -30.36
CA HIS B 192 17.12 8.01 -29.63
C HIS B 192 17.97 7.91 -28.38
N TYR B 193 18.36 6.69 -27.96
CA TYR B 193 19.12 6.50 -26.74
C TYR B 193 20.33 7.42 -26.64
N VAL B 194 21.17 7.44 -27.67
CA VAL B 194 22.41 8.22 -27.60
C VAL B 194 22.11 9.70 -27.42
N ASN B 195 21.10 10.21 -28.10
CA ASN B 195 20.80 11.65 -28.04
C ASN B 195 20.12 12.06 -26.74
N CYS B 196 19.19 11.26 -26.23
CA CYS B 196 18.45 11.65 -25.04
C CYS B 196 19.19 11.36 -23.73
N LEU B 197 20.21 10.51 -23.76
CA LEU B 197 21.04 10.29 -22.58
C LEU B 197 21.71 11.57 -22.07
N ASP B 198 21.83 12.59 -22.93
CA ASP B 198 22.25 13.92 -22.47
C ASP B 198 21.27 14.57 -21.49
N LEU B 199 19.97 14.30 -21.63
CA LEU B 199 18.96 14.99 -20.82
C LEU B 199 19.15 14.78 -19.32
N VAL B 200 19.83 13.72 -18.90
CA VAL B 200 19.84 13.32 -17.49
C VAL B 200 21.28 13.21 -17.02
N ASN B 201 22.19 13.85 -17.74
CA ASN B 201 23.63 13.79 -17.47
C ASN B 201 24.10 12.35 -17.27
N LYS B 202 23.67 11.48 -18.17
CA LYS B 202 24.06 10.08 -18.26
C LYS B 202 23.67 9.25 -17.05
N ARG B 203 22.90 9.80 -16.11
CA ARG B 203 22.47 9.04 -14.95
C ARG B 203 21.56 7.90 -15.39
N LEU B 204 22.01 6.67 -15.20
CA LEU B 204 21.57 5.54 -16.02
C LEU B 204 20.09 5.14 -15.91
N PRO B 205 19.45 5.19 -14.74
CA PRO B 205 18.00 4.95 -14.73
C PRO B 205 17.22 6.09 -15.37
N TYR B 206 16.84 5.90 -16.63
CA TYR B 206 15.96 6.84 -17.34
C TYR B 206 15.13 6.07 -18.35
N GLY B 207 14.00 6.66 -18.76
CA GLY B 207 13.07 5.97 -19.64
C GLY B 207 12.53 6.87 -20.74
N LEU B 208 12.05 6.20 -21.80
CA LEU B 208 11.35 6.84 -22.91
C LEU B 208 9.99 6.16 -23.11
N ALA B 209 8.94 6.96 -23.27
CA ALA B 209 7.59 6.44 -23.44
C ALA B 209 6.88 7.15 -24.59
N GLN B 210 6.03 6.40 -25.29
CA GLN B 210 5.16 6.97 -26.31
C GLN B 210 3.93 6.09 -26.49
N ILE B 211 2.92 6.65 -27.14
CA ILE B 211 1.70 5.94 -27.53
C ILE B 211 1.46 6.13 -29.03
N GLY B 212 1.03 5.08 -29.69
CA GLY B 212 0.76 5.17 -31.13
C GLY B 212 0.22 3.86 -31.68
N VAL B 213 -0.16 3.91 -32.97
CA VAL B 213 -0.66 2.76 -33.71
C VAL B 213 0.48 1.91 -34.25
N CYS B 214 0.25 0.58 -34.29
CA CYS B 214 1.12 -0.39 -34.91
C CYS B 214 0.36 -1.21 -35.94
N PHE B 215 1.08 -1.72 -36.94
CA PHE B 215 0.50 -2.47 -38.04
C PHE B 215 0.97 -3.92 -38.01
N HIS B 216 0.02 -4.86 -38.12
CA HIS B 216 0.31 -6.28 -38.03
C HIS B 216 -0.28 -7.02 -39.23
N PRO B 217 0.51 -7.84 -39.93
CA PRO B 217 -0.07 -8.72 -40.96
C PRO B 217 -0.90 -9.83 -40.32
N VAL B 218 -2.09 -10.08 -40.86
CA VAL B 218 -2.98 -11.11 -40.36
C VAL B 218 -3.61 -11.86 -41.55
N PHE B 219 -4.07 -13.07 -41.26
CA PHE B 219 -4.73 -13.91 -42.27
C PHE B 219 -5.79 -14.81 -41.64
N GLY B 227 -8.95 -12.05 -49.38
CA GLY B 227 -8.75 -13.43 -49.73
C GLY B 227 -7.31 -13.90 -49.61
N VAL B 228 -6.43 -12.99 -49.17
CA VAL B 228 -5.00 -13.29 -49.08
C VAL B 228 -4.43 -12.68 -47.80
N LYS B 229 -4.65 -11.39 -47.61
CA LYS B 229 -3.97 -10.65 -46.55
C LYS B 229 -4.84 -9.47 -46.12
N SER B 230 -4.66 -9.06 -44.86
CA SER B 230 -5.25 -7.83 -44.38
C SER B 230 -4.30 -7.18 -43.38
N ILE B 231 -4.51 -5.88 -43.15
CA ILE B 231 -3.74 -5.12 -42.16
C ILE B 231 -4.52 -5.08 -40.86
N GLY B 232 -3.89 -5.48 -39.77
CA GLY B 232 -4.36 -5.12 -38.44
C GLY B 232 -3.74 -3.82 -37.96
N GLU B 233 -4.58 -2.94 -37.42
CA GLU B 233 -4.12 -1.73 -36.74
C GLU B 233 -4.38 -1.85 -35.25
N LYS B 234 -3.34 -1.60 -34.44
CA LYS B 234 -3.44 -1.70 -32.99
C LYS B 234 -2.81 -0.48 -32.35
N THR B 235 -3.50 0.11 -31.37
CA THR B 235 -2.93 1.18 -30.55
C THR B 235 -2.20 0.59 -29.36
N GLU B 236 -0.95 1.01 -29.17
CA GLU B 236 -0.08 0.42 -28.16
C GLU B 236 0.64 1.51 -27.39
N ALA B 237 0.97 1.21 -26.13
CA ALA B 237 1.71 2.11 -25.27
C ALA B 237 2.96 1.39 -24.76
N SER B 238 4.11 2.05 -24.85
CA SER B 238 5.39 1.40 -24.62
C SER B 238 6.25 2.24 -23.69
N LEU B 239 6.87 1.58 -22.72
CA LEU B 239 7.98 2.13 -21.96
C LEU B 239 9.26 1.36 -22.27
N VAL B 240 10.34 2.07 -22.54
CA VAL B 240 11.68 1.50 -22.59
C VAL B 240 12.50 2.09 -21.45
N TRP B 241 12.99 1.23 -20.57
CA TRP B 241 13.59 1.61 -19.30
C TRP B 241 15.01 1.08 -19.24
N PHE B 242 15.97 1.98 -19.01
CA PHE B 242 17.39 1.63 -18.99
C PHE B 242 17.87 1.47 -17.56
N THR B 243 18.52 0.33 -17.28
CA THR B 243 18.90 -0.04 -15.92
C THR B 243 20.33 -0.57 -15.88
N PRO B 244 21.07 -0.25 -14.82
CA PRO B 244 22.37 -0.89 -14.62
C PRO B 244 22.20 -2.38 -14.39
N PRO B 245 23.07 -3.20 -14.99
CA PRO B 245 22.77 -4.64 -15.11
C PRO B 245 22.42 -5.37 -13.82
N ARG B 246 23.01 -5.01 -12.68
CA ARG B 246 22.70 -5.73 -11.46
C ARG B 246 21.27 -5.50 -10.96
N THR B 247 20.66 -4.36 -11.29
CA THR B 247 19.33 -4.02 -10.80
C THR B 247 18.20 -4.61 -11.62
N SER B 248 18.52 -5.30 -12.72
CA SER B 248 17.55 -5.60 -13.76
C SER B 248 16.35 -6.41 -13.25
N ASN B 249 16.61 -7.42 -12.41
CA ASN B 249 15.49 -8.20 -11.86
C ASN B 249 14.71 -7.43 -10.82
N GLN B 250 15.37 -6.55 -10.08
CA GLN B 250 14.66 -5.68 -9.14
C GLN B 250 13.67 -4.79 -9.87
N TRP B 251 14.14 -4.12 -10.93
CA TRP B 251 13.27 -3.27 -11.72
C TRP B 251 12.19 -4.06 -12.44
N LEU B 252 12.51 -5.27 -12.94
CA LEU B 252 11.47 -6.13 -13.49
C LEU B 252 10.34 -6.38 -12.50
N ASP B 253 10.69 -6.79 -11.27
CA ASP B 253 9.65 -7.06 -10.27
C ASP B 253 8.89 -5.80 -9.89
N PHE B 254 9.60 -4.68 -9.76
CA PHE B 254 8.97 -3.39 -9.49
C PHE B 254 7.92 -3.04 -10.54
N TRP B 255 8.32 -3.00 -11.82
CA TRP B 255 7.38 -2.61 -12.86
C TRP B 255 6.27 -3.63 -13.05
N LEU B 256 6.54 -4.92 -12.83
CA LEU B 256 5.48 -5.92 -12.87
C LEU B 256 4.39 -5.63 -11.84
N ARG B 257 4.79 -5.35 -10.60
CA ARG B 257 3.81 -5.01 -9.56
C ARG B 257 3.10 -3.71 -9.90
N HIS B 258 3.85 -2.69 -10.31
CA HIS B 258 3.26 -1.40 -10.63
C HIS B 258 2.18 -1.51 -11.71
N ARG B 259 2.50 -2.15 -12.83
CA ARG B 259 1.52 -2.22 -13.92
C ARG B 259 0.36 -3.15 -13.58
N LEU B 260 0.60 -4.25 -12.86
CA LEU B 260 -0.51 -5.11 -12.50
C LEU B 260 -1.48 -4.40 -11.56
N GLN B 261 -0.97 -3.62 -10.60
CA GLN B 261 -1.86 -2.87 -9.75
C GLN B 261 -2.56 -1.75 -10.52
N TRP B 262 -1.87 -1.11 -11.47
CA TRP B 262 -2.53 -0.12 -12.32
C TRP B 262 -3.74 -0.71 -13.05
N TRP B 263 -3.58 -1.89 -13.66
CA TRP B 263 -4.72 -2.55 -14.30
C TRP B 263 -5.82 -2.91 -13.30
N ARG B 264 -5.46 -3.44 -12.14
CA ARG B 264 -6.47 -3.81 -11.14
C ARG B 264 -7.21 -2.60 -10.55
N LYS B 265 -6.54 -1.45 -10.46
CA LYS B 265 -7.12 -0.25 -9.87
C LYS B 265 -8.49 0.11 -10.45
N PHE B 266 -8.62 0.10 -11.78
CA PHE B 266 -9.90 0.46 -12.38
C PHE B 266 -10.88 -0.71 -12.47
N ALA B 267 -10.40 -1.93 -12.30
CA ALA B 267 -11.25 -3.10 -12.53
C ALA B 267 -12.34 -3.21 -11.47
N MET B 268 -13.52 -3.65 -11.91
CA MET B 268 -14.58 -4.02 -10.98
C MET B 268 -14.38 -5.40 -10.37
N SER B 269 -13.81 -6.35 -11.13
CA SER B 269 -13.40 -7.65 -10.60
C SER B 269 -11.91 -7.86 -10.87
N PRO B 270 -11.04 -7.22 -10.08
CA PRO B 270 -9.59 -7.30 -10.35
C PRO B 270 -9.01 -8.70 -10.27
N SER B 271 -9.74 -9.67 -9.72
CA SER B 271 -9.33 -11.08 -9.81
C SER B 271 -9.34 -11.62 -11.24
N ASN B 272 -10.05 -10.98 -12.17
CA ASN B 272 -9.98 -11.41 -13.56
C ASN B 272 -8.70 -10.99 -14.26
N PHE B 273 -7.87 -10.16 -13.65
CA PHE B 273 -6.52 -9.87 -14.13
C PHE B 273 -5.51 -10.76 -13.43
N SER B 274 -4.47 -11.16 -14.17
CA SER B 274 -3.49 -12.11 -13.65
C SER B 274 -2.19 -12.00 -14.44
N SER B 275 -1.14 -12.60 -13.87
CA SER B 275 0.19 -12.65 -14.48
C SER B 275 0.70 -14.08 -14.48
N SER B 276 1.68 -14.36 -15.35
CA SER B 276 2.50 -15.55 -15.19
C SER B 276 3.93 -15.29 -15.66
N ASP B 277 4.87 -16.03 -15.07
CA ASP B 277 6.28 -16.01 -15.47
C ASP B 277 6.51 -16.79 -16.76
N CYS B 278 7.42 -16.30 -17.59
CA CYS B 278 7.70 -16.91 -18.88
C CYS B 278 9.19 -16.84 -19.17
N GLN B 279 9.67 -17.79 -19.98
CA GLN B 279 11.01 -17.76 -20.56
C GLN B 279 10.92 -17.70 -22.07
N ASP B 280 11.65 -16.77 -22.68
CA ASP B 280 11.70 -16.71 -24.13
C ASP B 280 12.47 -17.90 -24.70
N GLU B 281 12.39 -18.06 -26.02
CA GLU B 281 13.05 -19.17 -26.70
C GLU B 281 14.56 -19.17 -26.50
N GLU B 282 15.15 -18.00 -26.24
CA GLU B 282 16.56 -17.92 -25.87
C GLU B 282 16.80 -18.11 -24.38
N GLY B 283 15.76 -18.09 -23.56
CA GLY B 283 15.94 -18.21 -22.13
C GLY B 283 16.29 -16.91 -21.44
N ARG B 284 15.54 -15.85 -21.75
CA ARG B 284 15.51 -14.63 -20.97
C ARG B 284 14.17 -14.49 -20.26
N LYS B 285 14.21 -14.01 -19.02
CA LYS B 285 13.03 -13.95 -18.15
C LYS B 285 12.07 -12.85 -18.58
N GLY B 286 10.78 -13.09 -18.33
CA GLY B 286 9.77 -12.07 -18.60
C GLY B 286 8.44 -12.45 -17.98
N ASN B 287 7.47 -11.55 -18.15
CA ASN B 287 6.12 -11.75 -17.61
C ASN B 287 5.08 -11.39 -18.65
N LYS B 288 3.91 -12.02 -18.53
CA LYS B 288 2.75 -11.75 -19.37
C LYS B 288 1.52 -11.49 -18.49
N LEU B 289 0.71 -10.51 -18.90
CA LEU B 289 -0.53 -10.16 -18.21
C LEU B 289 -1.74 -10.53 -19.07
N TYR B 290 -2.73 -11.15 -18.45
CA TYR B 290 -3.90 -11.69 -19.14
C TYR B 290 -5.17 -11.10 -18.55
N TYR B 291 -6.20 -10.96 -19.39
CA TYR B 291 -7.57 -10.75 -18.93
C TYR B 291 -8.43 -11.95 -19.29
N ASN B 292 -9.25 -12.37 -18.31
CA ASN B 292 -10.09 -13.57 -18.46
C ASN B 292 -11.45 -13.18 -19.08
N PHE B 293 -11.44 -13.04 -20.40
CA PHE B 293 -12.69 -12.95 -21.15
C PHE B 293 -13.54 -14.21 -20.92
N PRO B 294 -14.84 -14.16 -21.24
CA PRO B 294 -15.73 -15.29 -20.94
C PRO B 294 -15.42 -16.55 -21.74
N TRP B 295 -14.60 -16.47 -22.78
CA TRP B 295 -14.17 -17.66 -23.53
C TRP B 295 -12.76 -18.11 -23.19
N GLY B 296 -12.02 -17.36 -22.40
CA GLY B 296 -10.64 -17.71 -22.09
C GLY B 296 -9.78 -16.48 -21.90
N LYS B 297 -8.56 -16.73 -21.42
CA LYS B 297 -7.56 -15.68 -21.27
C LYS B 297 -7.07 -15.15 -22.61
N GLU B 298 -6.83 -13.84 -22.67
CA GLU B 298 -6.14 -13.21 -23.79
C GLU B 298 -5.00 -12.33 -23.29
N LEU B 299 -3.90 -12.32 -24.04
CA LEU B 299 -2.74 -11.51 -23.69
C LEU B 299 -3.05 -10.03 -23.84
N ILE B 300 -2.64 -9.23 -22.85
CA ILE B 300 -2.83 -7.79 -22.92
C ILE B 300 -1.53 -7.01 -22.75
N GLU B 301 -0.54 -7.57 -22.06
CA GLU B 301 0.72 -6.85 -21.95
C GLU B 301 1.87 -7.82 -21.65
N THR B 302 3.08 -7.43 -22.04
CA THR B 302 4.28 -8.25 -21.95
C THR B 302 5.45 -7.44 -21.43
N LEU B 303 6.31 -8.06 -20.62
CA LEU B 303 7.56 -7.44 -20.17
C LEU B 303 8.73 -8.37 -20.47
N TRP B 304 9.84 -7.79 -20.97
CA TRP B 304 11.08 -8.53 -21.19
C TRP B 304 12.29 -7.76 -20.68
N ASN B 305 13.20 -8.46 -20.00
CA ASN B 305 14.59 -8.05 -19.91
C ASN B 305 15.33 -8.47 -21.18
N LEU B 306 15.73 -7.49 -21.98
CA LEU B 306 16.39 -7.77 -23.26
C LEU B 306 17.91 -7.76 -23.17
N GLY B 307 18.48 -7.28 -22.07
CA GLY B 307 19.92 -7.14 -21.98
C GLY B 307 20.48 -6.00 -22.80
N ASP B 308 21.70 -6.20 -23.30
CA ASP B 308 22.43 -5.18 -24.03
C ASP B 308 22.62 -5.46 -25.52
N HIS B 309 22.29 -6.67 -25.99
CA HIS B 309 22.69 -7.06 -27.35
C HIS B 309 22.08 -6.17 -28.42
N GLU B 310 20.80 -5.82 -28.29
CA GLU B 310 20.16 -5.01 -29.32
C GLU B 310 20.79 -3.62 -29.41
N LEU B 311 21.17 -3.04 -28.28
CA LEU B 311 21.85 -1.74 -28.29
C LEU B 311 23.23 -1.84 -28.94
N LEU B 312 23.97 -2.92 -28.65
CA LEU B 312 25.26 -3.12 -29.29
C LEU B 312 25.12 -3.28 -30.81
N HIS B 313 24.12 -4.03 -31.25
CA HIS B 313 23.90 -4.23 -32.68
C HIS B 313 23.51 -2.92 -33.36
N MET B 314 22.65 -2.12 -32.72
CA MET B 314 22.31 -0.81 -33.26
C MET B 314 23.53 0.08 -33.45
N TYR B 315 24.51 -0.02 -32.55
CA TYR B 315 25.65 0.90 -32.52
C TYR B 315 26.96 0.12 -32.43
N PRO B 316 27.46 -0.36 -33.56
CA PRO B 316 28.75 -1.06 -33.55
C PRO B 316 29.90 -0.08 -33.33
N GLY B 317 31.03 -0.64 -32.92
CA GLY B 317 32.25 0.14 -32.75
C GLY B 317 32.52 0.58 -31.33
N ASN B 318 33.08 1.78 -31.17
CA ASN B 318 33.56 2.22 -29.87
C ASN B 318 32.43 2.34 -28.86
N VAL B 319 32.40 1.42 -27.90
CA VAL B 319 31.38 1.37 -26.86
C VAL B 319 31.41 2.58 -25.94
N SER B 320 32.47 3.39 -25.99
CA SER B 320 32.54 4.60 -25.18
C SER B 320 31.34 5.53 -25.38
N LYS B 321 30.75 5.54 -26.58
CA LYS B 321 29.50 6.29 -26.77
C LYS B 321 28.38 5.76 -25.90
N LEU B 322 28.34 4.44 -25.66
CA LEU B 322 27.19 3.82 -25.02
C LEU B 322 27.20 3.94 -23.49
N HIS B 323 28.37 4.15 -22.88
CA HIS B 323 28.46 4.09 -21.43
C HIS B 323 27.59 5.15 -20.77
N GLY B 324 26.87 4.75 -19.73
CA GLY B 324 26.29 5.66 -18.78
C GLY B 324 26.99 5.58 -17.42
N ARG B 325 26.48 6.37 -16.49
CA ARG B 325 27.03 6.44 -15.14
C ARG B 325 26.14 5.70 -14.15
N ASP B 326 26.71 4.72 -13.47
CA ASP B 326 26.05 4.00 -12.38
C ASP B 326 26.82 4.30 -11.11
N GLY B 327 26.17 4.94 -10.15
CA GLY B 327 26.89 5.42 -8.98
C GLY B 327 28.10 6.23 -9.38
N ARG B 328 29.29 5.69 -9.17
CA ARG B 328 30.53 6.30 -9.61
C ARG B 328 31.21 5.50 -10.73
N LYS B 329 30.59 4.41 -11.18
CA LYS B 329 31.20 3.51 -12.17
C LYS B 329 30.39 3.48 -13.46
N ASN B 330 31.09 3.24 -14.56
CA ASN B 330 30.52 3.36 -15.91
C ASN B 330 30.18 1.97 -16.44
N VAL B 331 28.92 1.76 -16.84
CA VAL B 331 28.45 0.47 -17.33
C VAL B 331 27.55 0.71 -18.54
N VAL B 332 27.28 -0.38 -19.26
CA VAL B 332 26.24 -0.44 -20.30
C VAL B 332 24.96 -1.00 -19.69
N PRO B 333 23.81 -0.39 -19.93
CA PRO B 333 22.58 -0.82 -19.26
C PRO B 333 21.94 -2.05 -19.92
N CYS B 334 21.18 -2.78 -19.11
CA CYS B 334 20.10 -3.63 -19.61
C CYS B 334 18.88 -2.80 -20.02
N VAL B 335 18.33 -3.11 -21.19
CA VAL B 335 17.02 -2.60 -21.60
C VAL B 335 15.91 -3.44 -20.96
N LEU B 336 14.96 -2.77 -20.32
CA LEU B 336 13.66 -3.36 -19.99
C LEU B 336 12.60 -2.81 -20.93
N SER B 337 11.80 -3.70 -21.50
CA SER B 337 10.75 -3.33 -22.45
C SER B 337 9.36 -3.69 -21.90
N VAL B 338 8.47 -2.70 -21.88
CA VAL B 338 7.09 -2.86 -21.43
C VAL B 338 6.17 -2.39 -22.55
N ASN B 339 5.21 -3.24 -22.95
CA ASN B 339 4.33 -2.92 -24.08
C ASN B 339 2.93 -3.47 -23.82
N GLY B 340 1.92 -2.58 -23.89
CA GLY B 340 0.55 -2.98 -23.64
C GLY B 340 -0.38 -2.56 -24.75
N ASP B 341 -1.50 -3.30 -24.87
CA ASP B 341 -2.47 -3.12 -25.94
C ASP B 341 -3.68 -2.38 -25.40
N LEU B 342 -3.92 -1.17 -25.92
CA LEU B 342 -4.97 -0.31 -25.40
C LEU B 342 -6.36 -0.62 -25.95
N ASP B 343 -6.46 -1.13 -27.17
CA ASP B 343 -7.76 -1.49 -27.72
C ASP B 343 -8.34 -2.74 -27.05
N ARG B 344 -7.49 -3.74 -26.81
CA ARG B 344 -7.90 -4.85 -25.97
C ARG B 344 -8.19 -4.39 -24.54
N GLY B 345 -7.43 -3.43 -24.03
CA GLY B 345 -7.76 -2.86 -22.72
C GLY B 345 -9.17 -2.30 -22.66
N MET B 346 -9.51 -1.47 -23.65
CA MET B 346 -10.87 -0.95 -23.76
C MET B 346 -11.92 -2.07 -23.80
N LEU B 347 -11.71 -3.07 -24.65
CA LEU B 347 -12.67 -4.17 -24.73
C LEU B 347 -12.78 -4.92 -23.41
N ALA B 348 -11.64 -5.14 -22.74
CA ALA B 348 -11.64 -5.81 -21.44
C ALA B 348 -12.46 -5.05 -20.41
N TYR B 349 -12.27 -3.72 -20.32
CA TYR B 349 -13.08 -2.94 -19.39
C TYR B 349 -14.56 -2.91 -19.79
N LEU B 350 -14.87 -2.95 -21.09
CA LEU B 350 -16.27 -3.05 -21.50
C LEU B 350 -16.90 -4.35 -21.01
N TYR B 351 -16.22 -5.48 -21.20
CA TYR B 351 -16.72 -6.74 -20.65
C TYR B 351 -16.78 -6.73 -19.12
N ASP B 352 -15.79 -6.11 -18.48
CA ASP B 352 -15.78 -6.00 -17.02
C ASP B 352 -16.99 -5.22 -16.50
N SER B 353 -17.35 -4.11 -17.15
CA SER B 353 -18.36 -3.21 -16.60
C SER B 353 -19.78 -3.77 -16.70
N PHE B 354 -19.99 -4.88 -17.39
CA PHE B 354 -21.32 -5.35 -17.68
C PHE B 354 -21.55 -6.70 -17.01
N GLN B 355 -22.82 -7.04 -16.82
CA GLN B 355 -23.24 -8.21 -16.06
C GLN B 355 -22.81 -8.09 -14.59
N PHE B 361 -30.39 -16.27 -6.83
CA PHE B 361 -29.98 -15.16 -5.97
C PHE B 361 -30.77 -13.91 -6.35
N THR B 362 -31.88 -13.69 -5.64
CA THR B 362 -32.92 -12.75 -6.09
C THR B 362 -32.39 -11.34 -6.30
N ARG B 363 -31.34 -10.94 -5.58
CA ARG B 363 -30.73 -9.63 -5.82
C ARG B 363 -30.10 -9.54 -7.21
N LYS B 364 -29.72 -10.67 -7.79
CA LYS B 364 -29.43 -10.69 -9.22
C LYS B 364 -30.63 -11.12 -10.07
N LYS B 365 -31.40 -12.09 -9.58
CA LYS B 365 -32.49 -12.65 -10.38
C LYS B 365 -33.59 -11.63 -10.69
N ASN B 366 -33.69 -10.53 -9.95
CA ASN B 366 -34.79 -9.61 -10.10
C ASN B 366 -34.36 -8.15 -10.22
N LEU B 367 -33.06 -7.87 -10.31
CA LEU B 367 -32.57 -6.58 -10.77
C LEU B 367 -32.12 -6.71 -12.23
N HIS B 368 -33.11 -6.63 -13.12
CA HIS B 368 -32.87 -6.80 -14.56
C HIS B 368 -32.17 -5.61 -15.18
N ARG B 369 -32.05 -4.49 -14.45
CA ARG B 369 -31.45 -3.26 -14.93
C ARG B 369 -30.18 -3.51 -15.73
N LYS B 370 -30.10 -2.88 -16.91
CA LYS B 370 -28.91 -2.93 -17.76
C LYS B 370 -28.11 -1.63 -17.60
N VAL B 371 -26.83 -1.78 -17.26
CA VAL B 371 -25.99 -0.61 -16.97
C VAL B 371 -24.54 -1.02 -17.17
N LEU B 372 -23.69 -0.06 -17.57
CA LEU B 372 -22.25 -0.24 -17.65
C LEU B 372 -21.59 0.52 -16.52
N LYS B 373 -21.05 -0.21 -15.53
CA LYS B 373 -20.43 0.36 -14.34
C LYS B 373 -18.97 0.76 -14.59
N LEU B 374 -18.77 1.60 -15.59
CA LEU B 374 -17.42 2.10 -15.88
C LEU B 374 -16.94 3.06 -14.80
N HIS B 375 -15.64 2.98 -14.51
CA HIS B 375 -15.06 3.78 -13.45
C HIS B 375 -15.19 5.28 -13.78
N PRO B 376 -15.43 6.12 -12.77
CA PRO B 376 -15.59 7.56 -13.01
C PRO B 376 -14.45 8.24 -13.78
N CYS B 377 -13.21 7.78 -13.63
CA CYS B 377 -12.12 8.34 -14.43
C CYS B 377 -12.21 7.97 -15.90
N LEU B 378 -12.86 6.84 -16.22
CA LEU B 378 -12.90 6.31 -17.57
C LEU B 378 -14.19 6.61 -18.31
N ALA B 379 -15.33 6.65 -17.62
CA ALA B 379 -16.62 6.77 -18.27
C ALA B 379 -16.68 8.02 -19.16
N PRO B 380 -17.11 7.87 -20.42
CA PRO B 380 -16.91 8.96 -21.39
C PRO B 380 -17.78 10.19 -21.13
N ILE B 381 -19.04 10.01 -20.71
CA ILE B 381 -19.95 11.13 -20.47
C ILE B 381 -20.34 11.11 -18.99
N LYS B 382 -20.11 12.24 -18.32
CA LYS B 382 -20.31 12.37 -16.88
C LYS B 382 -21.70 12.88 -16.48
N VAL B 383 -22.21 13.92 -17.13
CA VAL B 383 -23.45 14.57 -16.72
C VAL B 383 -24.44 14.62 -17.88
N ALA B 384 -25.72 14.35 -17.58
CA ALA B 384 -26.84 14.67 -18.47
C ALA B 384 -27.61 15.88 -17.95
N LEU B 385 -27.88 16.83 -18.85
CA LEU B 385 -28.73 17.98 -18.58
C LEU B 385 -30.10 17.82 -19.23
N ASP B 386 -31.17 18.02 -18.45
CA ASP B 386 -32.54 17.97 -18.95
C ASP B 386 -33.34 19.13 -18.37
N VAL B 387 -34.53 19.38 -18.94
CA VAL B 387 -35.44 20.41 -18.48
C VAL B 387 -36.81 19.80 -18.17
N GLY B 388 -37.45 20.31 -17.12
CA GLY B 388 -38.86 20.08 -16.90
C GLY B 388 -39.72 21.04 -17.71
N ARG B 389 -41.03 20.84 -17.62
CA ARG B 389 -41.97 21.69 -18.34
C ARG B 389 -42.20 23.02 -17.61
N GLY B 390 -42.36 24.10 -18.38
CA GLY B 390 -42.37 25.43 -17.83
C GLY B 390 -42.03 26.50 -18.86
N PRO B 391 -41.75 27.72 -18.39
CA PRO B 391 -41.34 28.80 -19.31
C PRO B 391 -40.02 28.46 -20.00
N THR B 392 -40.12 28.18 -21.29
CA THR B 392 -38.98 27.64 -22.06
C THR B 392 -37.78 28.58 -22.08
N LEU B 393 -37.99 29.89 -22.27
CA LEU B 393 -36.84 30.79 -22.39
C LEU B 393 -36.02 30.86 -21.09
N GLU B 394 -36.70 30.85 -19.94
CA GLU B 394 -35.99 30.95 -18.67
C GLU B 394 -35.18 29.69 -18.39
N LEU B 395 -35.80 28.54 -18.59
CA LEU B 395 -35.11 27.28 -18.40
C LEU B 395 -33.94 27.16 -19.37
N ARG B 396 -34.14 27.58 -20.62
CA ARG B 396 -33.09 27.45 -21.61
C ARG B 396 -31.90 28.34 -21.25
N GLN B 397 -32.14 29.56 -20.79
CA GLN B 397 -31.04 30.43 -20.43
C GLN B 397 -30.27 29.91 -19.21
N VAL B 398 -30.98 29.34 -18.23
CA VAL B 398 -30.26 28.83 -17.07
C VAL B 398 -29.50 27.55 -17.41
N CYS B 399 -30.07 26.68 -18.24
CA CYS B 399 -29.33 25.53 -18.75
C CYS B 399 -28.09 25.95 -19.55
N GLN B 400 -28.18 27.00 -20.36
CA GLN B 400 -27.01 27.49 -21.07
C GLN B 400 -25.94 27.98 -20.11
N GLY B 401 -26.35 28.63 -19.02
CA GLY B 401 -25.39 29.05 -18.00
C GLY B 401 -24.69 27.88 -17.35
N LEU B 402 -25.49 26.89 -16.90
CA LEU B 402 -24.93 25.65 -16.36
C LEU B 402 -23.94 25.00 -17.32
N PHE B 403 -24.35 24.84 -18.57
CA PHE B 403 -23.54 24.16 -19.57
C PHE B 403 -22.19 24.84 -19.78
N ASN B 404 -22.21 26.17 -19.94
CA ASN B 404 -20.95 26.90 -20.08
C ASN B 404 -20.09 26.85 -18.83
N GLU B 405 -20.69 26.91 -17.65
CA GLU B 405 -19.91 26.77 -16.42
C GLU B 405 -19.25 25.41 -16.31
N LEU B 406 -20.02 24.34 -16.51
CA LEU B 406 -19.46 23.00 -16.39
C LEU B 406 -18.35 22.76 -17.41
N LEU B 407 -18.58 23.14 -18.67
CA LEU B 407 -17.54 22.92 -19.67
C LEU B 407 -16.29 23.75 -19.43
N GLU B 408 -16.42 24.97 -18.88
CA GLU B 408 -15.22 25.74 -18.58
C GLU B 408 -14.35 25.10 -17.50
N ASN B 409 -14.89 24.14 -16.73
CA ASN B 409 -14.12 23.42 -15.72
C ASN B 409 -13.95 21.94 -16.04
N GLY B 410 -14.04 21.57 -17.32
CA GLY B 410 -13.58 20.27 -17.76
C GLY B 410 -14.46 19.09 -17.40
N ILE B 411 -15.76 19.32 -17.23
CA ILE B 411 -16.73 18.24 -17.03
C ILE B 411 -17.52 18.05 -18.31
N SER B 412 -17.56 16.82 -18.81
CA SER B 412 -18.28 16.53 -20.06
C SER B 412 -19.77 16.36 -19.80
N VAL B 413 -20.58 16.94 -20.69
CA VAL B 413 -22.01 17.11 -20.49
C VAL B 413 -22.75 16.71 -21.75
N TRP B 414 -23.89 16.03 -21.59
CA TRP B 414 -24.78 15.73 -22.71
C TRP B 414 -25.95 16.72 -22.74
N PRO B 415 -26.08 17.53 -23.80
CA PRO B 415 -27.18 18.50 -23.89
C PRO B 415 -28.56 17.90 -24.16
N GLY B 416 -29.05 17.06 -23.25
CA GLY B 416 -30.38 16.48 -23.41
C GLY B 416 -31.52 17.49 -23.50
N TYR B 417 -31.32 18.67 -22.92
CA TYR B 417 -32.29 19.76 -23.00
C TYR B 417 -32.55 20.30 -24.42
N LEU B 418 -31.90 19.71 -25.43
CA LEU B 418 -32.04 20.14 -26.81
C LEU B 418 -32.77 19.14 -27.71
N GLU B 419 -33.55 18.21 -27.13
CA GLU B 419 -34.18 17.19 -27.97
C GLU B 419 -35.67 17.02 -27.68
N THR B 420 -36.34 18.12 -27.33
CA THR B 420 -37.80 18.26 -27.35
C THR B 420 -38.57 17.30 -26.43
N MET B 421 -37.87 16.43 -25.70
CA MET B 421 -38.47 15.63 -24.62
C MET B 421 -39.62 14.74 -25.09
N GLN B 422 -39.34 13.87 -26.06
CA GLN B 422 -40.33 12.87 -26.45
C GLN B 422 -40.50 11.79 -25.38
N SER B 423 -39.41 11.43 -24.71
CA SER B 423 -39.42 10.30 -23.80
C SER B 423 -39.97 10.67 -22.43
N SER B 424 -40.49 9.66 -21.74
CA SER B 424 -40.69 9.74 -20.30
C SER B 424 -39.35 9.72 -19.56
N LEU B 425 -39.41 10.00 -18.26
CA LEU B 425 -38.22 9.92 -17.41
C LEU B 425 -37.65 8.51 -17.33
N GLU B 426 -38.50 7.49 -17.25
CA GLU B 426 -38.01 6.11 -17.23
C GLU B 426 -37.17 5.78 -18.46
N GLN B 427 -37.66 6.15 -19.65
CA GLN B 427 -36.90 5.94 -20.88
C GLN B 427 -35.57 6.68 -20.88
N LEU B 428 -35.56 7.94 -20.43
CA LEU B 428 -34.30 8.68 -20.34
C LEU B 428 -33.33 8.00 -19.38
N TYR B 429 -33.79 7.57 -18.22
CA TYR B 429 -32.91 6.89 -17.28
C TYR B 429 -32.34 5.62 -17.88
N SER B 430 -33.17 4.82 -18.54
CA SER B 430 -32.67 3.62 -19.23
C SER B 430 -31.58 3.96 -20.25
N LYS B 431 -31.85 4.97 -21.09
CA LYS B 431 -30.86 5.39 -22.09
C LYS B 431 -29.56 5.85 -21.45
N TYR B 432 -29.63 6.66 -20.40
CA TYR B 432 -28.42 7.16 -19.76
C TYR B 432 -27.66 6.07 -19.01
N ASP B 433 -28.37 5.08 -18.46
CA ASP B 433 -27.70 3.94 -17.84
C ASP B 433 -26.98 3.07 -18.87
N GLU B 434 -27.57 2.89 -20.06
CA GLU B 434 -26.83 2.21 -21.12
C GLU B 434 -25.62 3.01 -21.56
N MET B 435 -25.71 4.34 -21.60
CA MET B 435 -24.57 5.17 -21.92
C MET B 435 -23.56 5.29 -20.78
N SER B 436 -23.84 4.70 -19.61
CA SER B 436 -23.01 4.75 -18.42
C SER B 436 -22.88 6.14 -17.79
N ILE B 437 -23.77 7.09 -18.13
CA ILE B 437 -23.63 8.45 -17.62
C ILE B 437 -23.75 8.45 -16.09
N LEU B 438 -22.88 9.23 -15.44
CA LEU B 438 -22.83 9.25 -13.97
C LEU B 438 -24.06 9.93 -13.35
N PHE B 439 -24.37 11.16 -13.77
CA PHE B 439 -25.40 11.96 -13.10
C PHE B 439 -26.36 12.61 -14.08
N THR B 440 -27.65 12.52 -13.77
CA THR B 440 -28.71 13.28 -14.45
C THR B 440 -29.07 14.50 -13.62
N VAL B 441 -28.99 15.68 -14.22
CA VAL B 441 -29.42 16.94 -13.60
C VAL B 441 -30.71 17.40 -14.27
N LEU B 442 -31.73 17.73 -13.46
CA LEU B 442 -33.04 18.13 -13.94
C LEU B 442 -33.40 19.51 -13.40
N VAL B 443 -33.77 20.42 -14.31
CA VAL B 443 -34.17 21.79 -13.97
C VAL B 443 -35.68 21.92 -14.08
N THR B 444 -36.28 22.63 -13.13
CA THR B 444 -37.74 22.78 -13.03
C THR B 444 -38.11 24.24 -12.79
N GLU B 445 -39.41 24.52 -12.88
CA GLU B 445 -39.97 25.80 -12.45
C GLU B 445 -39.49 26.22 -11.06
N THR B 446 -39.51 25.29 -10.10
CA THR B 446 -39.13 25.62 -8.73
C THR B 446 -37.68 26.07 -8.61
N THR B 447 -36.84 25.71 -9.58
CA THR B 447 -35.45 26.17 -9.55
C THR B 447 -35.36 27.67 -9.78
N LEU B 448 -36.27 28.24 -10.58
CA LEU B 448 -36.19 29.68 -10.83
C LEU B 448 -36.45 30.46 -9.55
N GLU B 449 -37.22 29.87 -8.63
CA GLU B 449 -37.44 30.48 -7.31
C GLU B 449 -36.30 30.14 -6.34
N ASN B 450 -36.28 28.89 -5.86
CA ASN B 450 -35.34 28.54 -4.78
C ASN B 450 -33.94 28.18 -5.27
N GLY B 451 -33.72 27.99 -6.56
CA GLY B 451 -32.42 27.57 -7.05
C GLY B 451 -32.01 26.15 -6.75
N LEU B 452 -32.92 25.28 -6.35
CA LEU B 452 -32.61 23.88 -6.14
C LEU B 452 -32.79 23.08 -7.43
N ILE B 453 -31.89 22.13 -7.67
CA ILE B 453 -31.98 21.20 -8.79
C ILE B 453 -32.05 19.77 -8.27
N HIS B 454 -32.68 18.90 -9.05
CA HIS B 454 -32.70 17.46 -8.81
C HIS B 454 -31.46 16.77 -9.39
N LEU B 455 -30.95 15.76 -8.69
CA LEU B 455 -29.83 14.95 -9.13
C LEU B 455 -30.14 13.48 -8.90
N ARG B 456 -29.99 12.66 -9.94
CA ARG B 456 -30.09 11.21 -9.82
C ARG B 456 -28.71 10.56 -9.93
N SER B 457 -28.41 9.65 -9.00
CA SER B 457 -27.21 8.83 -9.05
C SER B 457 -27.41 7.59 -9.93
N ARG B 458 -26.47 7.38 -10.86
CA ARG B 458 -26.43 6.12 -11.61
C ARG B 458 -26.28 4.93 -10.68
N ASP B 459 -25.41 5.03 -9.68
CA ASP B 459 -25.07 3.86 -8.87
C ASP B 459 -26.20 3.46 -7.94
N THR B 460 -26.98 4.41 -7.44
CA THR B 460 -28.03 4.10 -6.48
C THR B 460 -29.44 4.19 -7.02
N THR B 461 -29.67 4.98 -8.08
CA THR B 461 -30.99 5.36 -8.60
C THR B 461 -31.77 6.26 -7.64
N MET B 462 -31.16 6.72 -6.55
CA MET B 462 -31.83 7.62 -5.62
C MET B 462 -31.73 9.07 -6.09
N LYS B 463 -32.75 9.85 -5.76
CA LYS B 463 -32.81 11.27 -6.09
C LYS B 463 -32.48 12.12 -4.87
N GLU B 464 -31.71 13.19 -5.09
CA GLU B 464 -31.39 14.15 -4.05
C GLU B 464 -31.60 15.57 -4.57
N MET B 465 -31.79 16.50 -3.64
CA MET B 465 -31.88 17.92 -3.95
C MET B 465 -30.53 18.58 -3.66
N MET B 466 -30.09 19.46 -4.55
CA MET B 466 -28.87 20.22 -4.32
C MET B 466 -29.03 21.64 -4.83
N HIS B 467 -28.41 22.58 -4.13
CA HIS B 467 -28.41 23.98 -4.56
C HIS B 467 -27.39 24.23 -5.66
N ILE B 468 -27.84 24.95 -6.70
CA ILE B 468 -27.07 25.17 -7.93
C ILE B 468 -25.71 25.83 -7.67
N SER B 469 -25.59 26.62 -6.60
CA SER B 469 -24.34 27.30 -6.30
C SER B 469 -23.18 26.36 -6.00
N LYS B 470 -23.43 25.09 -5.67
CA LYS B 470 -22.39 24.19 -5.23
C LYS B 470 -22.05 23.07 -6.21
N LEU B 471 -22.89 22.85 -7.23
CA LEU B 471 -22.78 21.71 -8.13
C LEU B 471 -21.38 21.53 -8.71
N LYS B 472 -20.80 22.60 -9.25
CA LYS B 472 -19.45 22.55 -9.79
C LYS B 472 -18.46 21.94 -8.81
N ASP B 473 -18.44 22.46 -7.58
CA ASP B 473 -17.46 22.02 -6.61
C ASP B 473 -17.73 20.59 -6.17
N PHE B 474 -19.00 20.21 -6.04
CA PHE B 474 -19.33 18.83 -5.73
C PHE B 474 -18.81 17.87 -6.79
N LEU B 475 -19.03 18.19 -8.06
CA LEU B 475 -18.58 17.29 -9.13
C LEU B 475 -17.05 17.24 -9.21
N ILE B 476 -16.38 18.39 -9.07
CA ILE B 476 -14.93 18.40 -9.02
C ILE B 476 -14.41 17.54 -7.87
N LYS B 477 -15.03 17.64 -6.70
CA LYS B 477 -14.63 16.79 -5.58
C LYS B 477 -14.83 15.32 -5.91
N TYR B 478 -16.01 14.95 -6.41
CA TYR B 478 -16.33 13.56 -6.65
C TYR B 478 -15.33 12.93 -7.61
N ILE B 479 -15.02 13.64 -8.70
CA ILE B 479 -14.09 13.08 -9.68
C ILE B 479 -12.66 13.08 -9.16
N SER B 480 -12.23 14.17 -8.53
CA SER B 480 -10.86 14.24 -8.03
C SER B 480 -10.59 13.19 -6.95
N SER B 481 -11.58 12.92 -6.10
CA SER B 481 -11.43 11.88 -5.08
C SER B 481 -11.66 10.47 -5.62
N ALA B 482 -12.24 10.32 -6.82
CA ALA B 482 -12.42 8.97 -7.35
C ALA B 482 -11.09 8.25 -7.53
N LYS B 483 -10.02 9.00 -7.80
CA LYS B 483 -8.67 8.43 -7.84
C LYS B 483 -8.29 7.74 -6.53
N ASN B 484 -8.84 8.19 -5.40
CA ASN B 484 -8.42 7.72 -4.09
C ASN B 484 -9.41 6.75 -3.45
N VAL B 485 -10.42 6.31 -4.19
CA VAL B 485 -11.34 5.30 -3.68
C VAL B 485 -10.60 3.98 -3.43
N GLU C 67 19.24 30.40 -39.05
CA GLU C 67 20.33 29.57 -38.58
C GLU C 67 20.32 29.44 -37.06
N ALA C 68 20.68 30.54 -36.39
CA ALA C 68 20.84 30.53 -34.94
C ALA C 68 19.63 29.91 -34.24
N LEU C 69 18.42 30.29 -34.66
CA LEU C 69 17.22 29.73 -34.04
C LEU C 69 17.20 28.22 -34.14
N LEU C 70 17.47 27.67 -35.33
CA LEU C 70 17.44 26.22 -35.50
C LEU C 70 18.58 25.56 -34.73
N GLU C 71 19.75 26.18 -34.71
CA GLU C 71 20.87 25.63 -33.96
C GLU C 71 20.52 25.50 -32.48
N ILE C 72 19.94 26.56 -31.90
CA ILE C 72 19.45 26.50 -30.52
C ILE C 72 18.37 25.44 -30.35
N CYS C 73 17.44 25.34 -31.30
CA CYS C 73 16.36 24.35 -31.17
C CYS C 73 16.88 22.92 -31.25
N GLN C 74 18.00 22.72 -31.94
CA GLN C 74 18.66 21.41 -31.90
C GLN C 74 19.41 21.20 -30.59
N ARG C 75 20.10 22.22 -30.09
CA ARG C 75 20.80 22.10 -28.83
C ARG C 75 19.85 21.81 -27.66
N ARG C 76 18.68 22.46 -27.63
CA ARG C 76 17.76 22.34 -26.51
C ARG C 76 16.63 21.35 -26.75
N HIS C 77 16.83 20.38 -27.64
CA HIS C 77 15.95 19.22 -27.77
C HIS C 77 14.52 19.59 -28.16
N PHE C 78 14.34 20.69 -28.91
CA PHE C 78 13.09 20.87 -29.63
C PHE C 78 13.06 19.99 -30.88
N LEU C 79 14.14 20.00 -31.64
CA LEU C 79 14.31 19.15 -32.81
C LEU C 79 15.11 17.90 -32.44
N SER C 80 15.15 16.95 -33.38
CA SER C 80 15.94 15.74 -33.21
C SER C 80 16.68 15.45 -34.51
N GLY C 81 17.62 14.52 -34.44
CA GLY C 81 18.56 14.26 -35.52
C GLY C 81 19.93 14.86 -35.33
N SER C 82 20.59 15.23 -36.42
CA SER C 82 21.96 15.71 -36.37
C SER C 82 22.12 16.94 -37.26
N LYS C 83 23.21 17.67 -37.03
CA LYS C 83 23.45 18.94 -37.71
C LYS C 83 23.47 18.82 -39.23
N GLN C 84 23.79 17.64 -39.76
CA GLN C 84 23.75 17.47 -41.21
C GLN C 84 22.32 17.32 -41.72
N GLN C 85 21.47 16.63 -40.96
CA GLN C 85 20.09 16.41 -41.36
C GLN C 85 19.23 17.66 -41.16
N LEU C 86 19.64 18.55 -40.26
CA LEU C 86 18.91 19.78 -39.98
C LEU C 86 18.93 20.71 -41.19
N SER C 87 17.79 20.82 -41.88
CA SER C 87 17.64 21.80 -42.94
C SER C 87 16.18 22.21 -43.04
N ARG C 88 15.96 23.49 -43.36
CA ARG C 88 14.60 24.04 -43.32
C ARG C 88 13.69 23.37 -44.34
N ASP C 89 14.20 23.12 -45.55
CA ASP C 89 13.37 22.53 -46.60
C ASP C 89 12.87 21.14 -46.22
N SER C 90 13.70 20.36 -45.52
CA SER C 90 13.27 19.06 -45.03
C SER C 90 12.20 19.19 -43.95
N LEU C 91 12.35 20.16 -43.04
CA LEU C 91 11.32 20.41 -42.04
C LEU C 91 9.99 20.83 -42.66
N LEU C 92 10.05 21.67 -43.69
CA LEU C 92 8.84 22.04 -44.41
C LEU C 92 8.22 20.85 -45.14
N SER C 93 9.04 20.00 -45.74
CA SER C 93 8.52 18.86 -46.49
C SER C 93 7.99 17.75 -45.58
N GLY C 94 8.36 17.73 -44.31
CA GLY C 94 7.87 16.69 -43.43
C GLY C 94 8.64 15.39 -43.47
N CYS C 95 9.90 15.41 -43.90
CA CYS C 95 10.76 14.24 -43.95
C CYS C 95 12.05 14.48 -43.18
N HIS C 96 11.99 15.32 -42.15
CA HIS C 96 13.05 15.48 -41.17
C HIS C 96 13.09 14.31 -40.20
N PRO C 97 14.12 14.23 -39.35
CA PRO C 97 14.27 13.05 -38.49
C PRO C 97 13.22 12.94 -37.38
N GLY C 98 12.52 14.02 -37.07
CA GLY C 98 11.58 14.04 -35.97
C GLY C 98 11.92 15.12 -34.94
N PHE C 99 10.97 15.30 -34.02
CA PHE C 99 11.07 16.25 -32.92
C PHE C 99 11.66 15.63 -31.66
N GLY C 100 12.25 16.48 -30.83
CA GLY C 100 12.60 16.10 -29.48
C GLY C 100 11.41 16.17 -28.53
N PRO C 101 11.65 15.79 -27.27
CA PRO C 101 10.56 15.78 -26.29
C PRO C 101 9.89 17.13 -26.05
N LEU C 102 10.66 18.22 -26.05
CA LEU C 102 10.06 19.54 -25.91
C LEU C 102 9.13 19.85 -27.08
N GLY C 103 9.53 19.47 -28.29
CA GLY C 103 8.63 19.60 -29.43
C GLY C 103 7.35 18.81 -29.27
N VAL C 104 7.46 17.59 -28.74
CA VAL C 104 6.28 16.76 -28.48
C VAL C 104 5.32 17.46 -27.52
N GLU C 105 5.85 17.95 -26.40
CA GLU C 105 5.02 18.68 -25.44
C GLU C 105 4.38 19.92 -26.05
N LEU C 106 5.16 20.71 -26.79
CA LEU C 106 4.62 21.88 -27.47
C LEU C 106 3.48 21.52 -28.41
N ARG C 107 3.67 20.47 -29.22
CA ARG C 107 2.62 20.03 -30.13
C ARG C 107 1.37 19.57 -29.38
N LYS C 108 1.56 18.85 -28.28
CA LYS C 108 0.40 18.42 -27.49
C LYS C 108 -0.36 19.61 -26.93
N ASN C 109 0.35 20.67 -26.53
CA ASN C 109 -0.32 21.89 -26.08
C ASN C 109 -1.13 22.52 -27.21
N LEU C 110 -0.51 22.74 -28.37
CA LEU C 110 -1.24 23.25 -29.53
C LEU C 110 -2.49 22.42 -29.82
N ALA C 111 -2.35 21.09 -29.82
CA ALA C 111 -3.46 20.22 -30.15
C ALA C 111 -4.60 20.33 -29.14
N ALA C 112 -4.26 20.45 -27.85
CA ALA C 112 -5.31 20.58 -26.85
C ALA C 112 -6.01 21.94 -26.91
N GLU C 113 -5.25 23.01 -27.16
CA GLU C 113 -5.90 24.30 -27.36
C GLU C 113 -6.77 24.33 -28.62
N TRP C 114 -6.39 23.57 -29.65
CA TRP C 114 -7.24 23.47 -30.83
C TRP C 114 -8.51 22.69 -30.52
N TRP C 115 -8.38 21.59 -29.78
CA TRP C 115 -9.54 20.79 -29.44
C TRP C 115 -10.53 21.56 -28.57
N THR C 116 -10.03 22.29 -27.58
CA THR C 116 -10.93 23.11 -26.76
C THR C 116 -11.57 24.23 -27.57
N SER C 117 -10.82 24.88 -28.45
CA SER C 117 -11.39 25.97 -29.25
C SER C 117 -12.46 25.49 -30.23
N VAL C 118 -12.24 24.35 -30.88
CA VAL C 118 -13.15 23.90 -31.93
C VAL C 118 -14.29 23.04 -31.38
N VAL C 119 -13.99 22.04 -30.56
CA VAL C 119 -14.92 20.94 -30.31
C VAL C 119 -15.67 21.10 -29.00
N VAL C 120 -14.98 21.47 -27.92
CA VAL C 120 -15.53 21.31 -26.57
C VAL C 120 -16.84 22.08 -26.40
N PHE C 121 -16.83 23.36 -26.77
CA PHE C 121 -18.01 24.20 -26.54
C PHE C 121 -19.10 24.06 -27.60
N ARG C 122 -18.99 23.09 -28.51
CA ARG C 122 -19.98 22.90 -29.56
C ARG C 122 -20.75 21.61 -29.27
N GLU C 123 -22.09 21.73 -29.16
CA GLU C 123 -22.95 20.60 -28.89
C GLU C 123 -23.06 19.64 -30.07
N GLN C 124 -22.64 20.05 -31.27
CA GLN C 124 -22.93 19.33 -32.50
C GLN C 124 -21.68 19.04 -33.32
N VAL C 125 -20.49 19.15 -32.71
CA VAL C 125 -19.25 18.69 -33.32
C VAL C 125 -18.75 17.48 -32.56
N PHE C 126 -18.55 16.37 -33.27
CA PHE C 126 -18.18 15.10 -32.68
C PHE C 126 -16.85 14.58 -33.21
N PRO C 127 -16.07 13.89 -32.37
CA PRO C 127 -14.85 13.23 -32.85
C PRO C 127 -15.13 12.05 -33.77
N VAL C 128 -14.25 11.84 -34.74
CA VAL C 128 -14.39 10.74 -35.70
C VAL C 128 -13.09 9.94 -35.78
N ASP C 129 -13.22 8.65 -36.11
CA ASP C 129 -12.16 7.65 -36.01
C ASP C 129 -11.76 7.04 -37.35
N ALA C 130 -11.33 7.85 -38.32
CA ALA C 130 -10.84 7.30 -39.59
C ALA C 130 -9.56 6.49 -39.40
N LEU C 131 -9.48 5.36 -40.10
CA LEU C 131 -8.31 4.49 -40.12
C LEU C 131 -7.17 5.09 -40.95
N HIS C 132 -5.97 4.52 -40.75
CA HIS C 132 -4.77 5.01 -41.41
C HIS C 132 -4.56 4.50 -42.83
N HIS C 133 -5.35 3.54 -43.30
CA HIS C 133 -5.17 3.04 -44.65
C HIS C 133 -6.52 2.71 -45.28
N LYS C 134 -6.54 2.64 -46.61
CA LYS C 134 -7.74 2.26 -47.35
C LYS C 134 -7.56 0.89 -47.99
N PRO C 135 -8.49 -0.04 -47.78
CA PRO C 135 -8.40 -1.37 -48.41
C PRO C 135 -9.04 -1.41 -49.79
N GLY C 136 -9.11 -2.62 -50.36
CA GLY C 136 -9.87 -2.87 -51.55
C GLY C 136 -9.30 -2.28 -52.82
N PRO C 137 -10.01 -2.46 -53.93
CA PRO C 137 -9.49 -2.03 -55.24
C PRO C 137 -9.52 -0.52 -55.40
N LEU C 138 -8.42 0.04 -55.91
CA LEU C 138 -8.24 1.46 -56.11
C LEU C 138 -8.83 1.90 -57.46
N LEU C 139 -8.60 3.17 -57.81
CA LEU C 139 -8.84 3.66 -59.17
C LEU C 139 -7.52 3.83 -59.90
N PRO C 140 -7.34 3.22 -61.06
CA PRO C 140 -5.99 3.02 -61.61
C PRO C 140 -5.42 4.31 -62.18
N GLY C 141 -4.14 4.24 -62.53
CA GLY C 141 -3.42 5.35 -63.10
C GLY C 141 -2.83 6.31 -62.09
N ASP C 142 -2.92 5.98 -60.81
CA ASP C 142 -2.37 6.82 -59.75
C ASP C 142 -0.96 6.32 -59.40
N SER C 143 0.03 7.20 -59.54
CA SER C 143 1.35 6.96 -58.97
C SER C 143 1.29 7.30 -57.48
N ALA C 144 1.12 6.26 -56.66
CA ALA C 144 1.09 6.44 -55.21
C ALA C 144 1.53 5.14 -54.55
N PHE C 145 1.68 5.21 -53.23
CA PHE C 145 2.19 4.07 -52.49
C PHE C 145 1.25 2.89 -52.58
N ARG C 146 1.81 1.69 -52.67
CA ARG C 146 1.06 0.45 -52.58
C ARG C 146 1.54 -0.36 -51.39
N LEU C 147 0.62 -1.05 -50.74
CA LEU C 147 1.01 -2.08 -49.76
C LEU C 147 1.02 -3.42 -50.48
N VAL C 148 2.19 -3.80 -50.99
CA VAL C 148 2.38 -5.03 -51.76
C VAL C 148 3.63 -5.72 -51.23
N SER C 149 3.64 -7.05 -51.30
CA SER C 149 4.70 -7.85 -50.69
C SER C 149 5.29 -8.82 -51.71
N ALA C 150 6.58 -9.10 -51.55
CA ALA C 150 7.26 -10.11 -52.35
C ALA C 150 6.71 -11.50 -52.07
N GLU C 151 6.23 -11.74 -50.86
CA GLU C 151 5.44 -12.92 -50.56
C GLU C 151 4.28 -13.07 -51.53
N THR C 152 3.48 -12.01 -51.70
CA THR C 152 2.40 -12.04 -52.69
C THR C 152 2.92 -12.11 -54.13
N LEU C 153 4.17 -11.73 -54.38
CA LEU C 153 4.76 -12.02 -55.69
C LEU C 153 5.04 -13.50 -55.88
N ARG C 154 5.30 -14.24 -54.80
CA ARG C 154 5.30 -15.70 -54.90
C ARG C 154 3.90 -16.29 -54.86
N GLU C 155 2.94 -15.61 -54.23
CA GLU C 155 1.56 -16.09 -54.22
C GLU C 155 0.94 -16.02 -55.62
N ILE C 156 1.15 -14.92 -56.34
CA ILE C 156 0.59 -14.79 -57.69
C ILE C 156 1.14 -15.88 -58.61
N LEU C 157 2.43 -16.21 -58.47
CA LEU C 157 3.02 -17.35 -59.17
C LEU C 157 2.64 -18.68 -58.51
N GLN C 158 1.33 -18.97 -58.51
CA GLN C 158 0.86 -20.28 -58.09
C GLN C 158 1.47 -21.39 -58.94
N ASP C 159 1.88 -21.08 -60.17
CA ASP C 159 2.73 -21.95 -60.98
C ASP C 159 3.73 -21.12 -61.76
N LYS C 160 4.79 -21.77 -62.20
CA LYS C 160 5.86 -21.08 -62.91
C LYS C 160 5.39 -20.49 -64.24
N GLU C 161 4.46 -21.18 -64.91
CA GLU C 161 4.09 -20.89 -66.29
C GLU C 161 3.19 -19.67 -66.46
N LEU C 162 2.88 -18.95 -65.40
CA LEU C 162 2.19 -17.67 -65.52
C LEU C 162 3.10 -16.53 -65.99
N SER C 163 4.32 -16.86 -66.43
CA SER C 163 5.29 -15.86 -66.88
C SER C 163 4.97 -15.30 -68.27
N LYS C 164 3.70 -15.05 -68.56
CA LYS C 164 3.26 -14.61 -69.88
C LYS C 164 2.82 -13.15 -69.85
N GLU C 165 3.46 -12.33 -70.69
CA GLU C 165 3.27 -10.87 -70.73
C GLU C 165 3.41 -10.20 -69.36
N GLN C 166 4.04 -10.88 -68.40
CA GLN C 166 3.79 -10.61 -67.00
C GLN C 166 4.39 -9.29 -66.55
N LEU C 167 5.46 -8.83 -67.21
CA LEU C 167 6.21 -7.67 -66.72
C LEU C 167 5.43 -6.36 -66.86
N VAL C 168 4.70 -6.17 -67.96
CA VAL C 168 3.72 -5.09 -68.01
C VAL C 168 2.46 -5.41 -67.21
N ALA C 169 1.93 -6.63 -67.33
CA ALA C 169 0.63 -6.93 -66.75
C ALA C 169 0.63 -6.80 -65.23
N PHE C 170 1.75 -7.10 -64.59
CA PHE C 170 1.82 -7.04 -63.13
C PHE C 170 1.68 -5.61 -62.63
N LEU C 171 2.12 -4.63 -63.41
CA LEU C 171 1.87 -3.23 -63.09
C LEU C 171 0.38 -2.96 -62.96
N GLU C 172 -0.41 -3.36 -63.97
CA GLU C 172 -1.85 -3.16 -63.91
C GLU C 172 -2.49 -3.99 -62.81
N ASN C 173 -1.87 -5.09 -62.42
CA ASN C 173 -2.43 -5.89 -61.34
C ASN C 173 -2.21 -5.20 -59.99
N VAL C 174 -0.99 -4.74 -59.73
CA VAL C 174 -0.74 -4.06 -58.47
C VAL C 174 -1.54 -2.76 -58.42
N LEU C 175 -1.77 -2.12 -59.57
CA LEU C 175 -2.70 -1.01 -59.62
C LEU C 175 -4.15 -1.43 -59.39
N LYS C 176 -4.47 -2.71 -59.55
CA LYS C 176 -5.85 -3.11 -59.35
C LYS C 176 -6.14 -3.56 -57.92
N THR C 177 -5.28 -4.38 -57.34
CA THR C 177 -5.54 -5.02 -56.04
C THR C 177 -4.40 -4.71 -55.06
N SER C 178 -4.53 -3.60 -54.33
CA SER C 178 -3.63 -3.30 -53.24
C SER C 178 -4.23 -2.22 -52.35
N GLY C 179 -3.70 -2.12 -51.12
CA GLY C 179 -4.05 -1.06 -50.21
C GLY C 179 -3.30 0.24 -50.46
N LYS C 180 -3.78 1.30 -49.80
CA LYS C 180 -3.26 2.65 -49.97
C LYS C 180 -3.14 3.32 -48.60
N LEU C 181 -2.09 4.13 -48.43
CA LEU C 181 -1.98 4.96 -47.24
C LEU C 181 -2.95 6.13 -47.28
N ARG C 182 -3.31 6.60 -46.08
CA ARG C 182 -4.16 7.77 -45.91
C ARG C 182 -3.49 9.03 -46.44
N GLU C 183 -4.15 9.70 -47.38
CA GLU C 183 -3.68 10.98 -47.90
C GLU C 183 -4.32 12.17 -47.20
N ASN C 184 -5.57 12.02 -46.75
CA ASN C 184 -6.30 13.08 -46.08
C ASN C 184 -7.31 12.46 -45.13
N LEU C 185 -7.79 13.27 -44.19
CA LEU C 185 -8.85 12.86 -43.26
C LEU C 185 -10.25 13.03 -43.82
N LEU C 186 -10.41 13.80 -44.90
CA LEU C 186 -11.74 14.10 -45.43
C LEU C 186 -12.52 12.83 -45.77
N HIS C 187 -11.91 11.93 -46.54
CA HIS C 187 -12.64 10.76 -47.03
C HIS C 187 -13.10 9.84 -45.90
N GLY C 188 -12.28 9.71 -44.85
CA GLY C 188 -12.70 8.93 -43.71
C GLY C 188 -13.87 9.51 -42.96
N ALA C 189 -13.93 10.85 -42.87
CA ALA C 189 -15.09 11.50 -42.30
C ALA C 189 -16.34 11.30 -43.17
N LEU C 190 -16.19 11.50 -44.48
CA LEU C 190 -17.32 11.30 -45.38
C LEU C 190 -17.86 9.88 -45.34
N GLU C 191 -17.01 8.89 -45.09
CA GLU C 191 -17.49 7.52 -44.95
C GLU C 191 -18.38 7.30 -43.72
N HIS C 192 -18.34 8.19 -42.73
CA HIS C 192 -19.17 8.05 -41.53
C HIS C 192 -20.44 8.89 -41.53
N TYR C 193 -20.63 9.79 -42.50
CA TYR C 193 -21.75 10.72 -42.49
C TYR C 193 -23.09 10.05 -42.22
N VAL C 194 -23.40 8.98 -42.95
CA VAL C 194 -24.73 8.36 -42.85
C VAL C 194 -24.95 7.76 -41.46
N ASN C 195 -23.91 7.20 -40.86
CA ASN C 195 -24.05 6.64 -39.52
C ASN C 195 -24.13 7.71 -38.43
N CYS C 196 -23.28 8.74 -38.52
CA CYS C 196 -23.30 9.80 -37.51
C CYS C 196 -24.51 10.71 -37.61
N LEU C 197 -25.22 10.71 -38.74
CA LEU C 197 -26.46 11.48 -38.84
C LEU C 197 -27.50 11.01 -37.83
N ASP C 198 -27.47 9.74 -37.44
CA ASP C 198 -28.40 9.24 -36.43
C ASP C 198 -28.22 9.91 -35.07
N LEU C 199 -26.98 10.23 -34.71
CA LEU C 199 -26.70 10.82 -33.40
C LEU C 199 -27.29 12.21 -33.22
N VAL C 200 -27.46 12.98 -34.30
CA VAL C 200 -28.05 14.31 -34.19
C VAL C 200 -29.55 14.28 -34.45
N ASN C 201 -30.14 13.08 -34.45
CA ASN C 201 -31.53 12.90 -34.86
C ASN C 201 -31.81 13.50 -36.24
N LYS C 202 -30.81 13.45 -37.12
CA LYS C 202 -30.84 13.91 -38.49
C LYS C 202 -30.99 15.43 -38.65
N ARG C 203 -30.84 16.20 -37.58
CA ARG C 203 -30.74 17.65 -37.71
C ARG C 203 -29.49 18.00 -38.53
N LEU C 204 -29.70 18.75 -39.62
CA LEU C 204 -28.71 18.75 -40.70
C LEU C 204 -27.37 19.37 -40.33
N PRO C 205 -27.29 20.59 -39.74
CA PRO C 205 -25.95 21.14 -39.44
C PRO C 205 -25.25 20.42 -38.29
N TYR C 206 -24.13 19.75 -38.60
CA TYR C 206 -23.28 19.15 -37.59
C TYR C 206 -21.89 18.94 -38.19
N GLY C 207 -20.92 18.67 -37.32
CA GLY C 207 -19.54 18.51 -37.75
C GLY C 207 -18.85 17.28 -37.18
N LEU C 208 -17.85 16.80 -37.92
CA LEU C 208 -16.93 15.77 -37.48
C LEU C 208 -15.51 16.33 -37.44
N ALA C 209 -14.76 16.01 -36.38
CA ALA C 209 -13.41 16.50 -36.20
C ALA C 209 -12.45 15.36 -35.87
N GLN C 210 -11.22 15.46 -36.37
CA GLN C 210 -10.16 14.49 -36.07
C GLN C 210 -8.81 15.16 -36.22
N ILE C 211 -7.84 14.74 -35.40
CA ILE C 211 -6.43 15.06 -35.58
C ILE C 211 -5.64 13.78 -35.85
N GLY C 212 -4.81 13.79 -36.89
CA GLY C 212 -4.05 12.61 -37.24
C GLY C 212 -2.98 12.90 -38.28
N VAL C 213 -2.05 11.96 -38.40
CA VAL C 213 -0.95 12.02 -39.38
C VAL C 213 -1.44 11.61 -40.76
N CYS C 214 -0.98 12.31 -41.79
CA CYS C 214 -1.20 11.94 -43.18
C CYS C 214 0.13 11.84 -43.94
N PHE C 215 0.11 11.06 -45.01
CA PHE C 215 1.30 10.68 -45.76
C PHE C 215 1.27 11.28 -47.16
N HIS C 216 2.38 11.91 -47.56
CA HIS C 216 2.45 12.62 -48.83
C HIS C 216 3.71 12.21 -49.59
N PRO C 217 3.58 11.88 -50.87
CA PRO C 217 4.78 11.72 -51.72
C PRO C 217 5.57 13.03 -51.85
N VAL C 218 6.88 12.92 -51.71
CA VAL C 218 7.79 14.06 -51.79
C VAL C 218 8.55 13.99 -53.11
N PHE C 219 8.82 15.15 -53.70
CA PHE C 219 9.50 15.26 -55.00
C PHE C 219 8.74 14.51 -56.09
N VAL C 228 12.92 8.61 -57.17
CA VAL C 228 13.36 8.05 -55.91
C VAL C 228 12.67 8.75 -54.75
N LYS C 229 11.34 8.84 -54.83
CA LYS C 229 10.57 9.62 -53.88
C LYS C 229 10.65 9.03 -52.47
N SER C 230 10.24 9.83 -51.50
CA SER C 230 10.27 9.47 -50.08
C SER C 230 8.96 9.91 -49.44
N ILE C 231 8.83 9.64 -48.14
CA ILE C 231 7.59 9.89 -47.42
C ILE C 231 7.70 11.20 -46.65
N GLY C 232 6.74 12.09 -46.84
CA GLY C 232 6.46 13.15 -45.88
C GLY C 232 5.38 12.72 -44.91
N GLU C 233 5.67 12.87 -43.62
CA GLU C 233 4.66 12.73 -42.58
C GLU C 233 4.25 14.12 -42.08
N LYS C 234 2.95 14.35 -42.00
CA LYS C 234 2.40 15.60 -41.47
C LYS C 234 1.24 15.26 -40.54
N THR C 235 1.20 15.87 -39.36
CA THR C 235 0.04 15.79 -38.50
C THR C 235 -0.89 16.99 -38.74
N GLU C 236 -2.17 16.69 -39.01
CA GLU C 236 -3.11 17.68 -39.52
C GLU C 236 -4.38 17.68 -38.67
N ALA C 237 -4.93 18.88 -38.47
CA ALA C 237 -6.16 19.08 -37.72
C ALA C 237 -7.29 19.40 -38.68
N SER C 238 -8.37 18.62 -38.61
CA SER C 238 -9.38 18.61 -39.66
C SER C 238 -10.77 18.78 -39.04
N LEU C 239 -11.58 19.65 -39.62
CA LEU C 239 -13.00 19.76 -39.32
C LEU C 239 -13.78 19.69 -40.62
N VAL C 240 -14.80 18.84 -40.66
CA VAL C 240 -15.74 18.78 -41.78
C VAL C 240 -17.11 19.22 -41.28
N TRP C 241 -17.65 20.28 -41.88
CA TRP C 241 -18.89 20.92 -41.45
C TRP C 241 -19.96 20.73 -42.51
N PHE C 242 -21.08 20.11 -42.12
CA PHE C 242 -22.21 19.89 -43.01
C PHE C 242 -23.25 20.98 -42.81
N THR C 243 -23.81 21.49 -43.90
CA THR C 243 -24.71 22.63 -43.81
C THR C 243 -25.75 22.56 -44.91
N PRO C 244 -26.94 23.13 -44.69
CA PRO C 244 -27.82 23.47 -45.80
C PRO C 244 -27.14 24.39 -46.80
N PRO C 245 -27.31 24.13 -48.10
CA PRO C 245 -26.62 24.96 -49.11
C PRO C 245 -27.02 26.42 -49.09
N ARG C 246 -28.18 26.76 -48.51
CA ARG C 246 -28.62 28.14 -48.39
C ARG C 246 -27.65 29.03 -47.63
N THR C 247 -26.88 28.48 -46.68
CA THR C 247 -26.10 29.27 -45.74
C THR C 247 -24.61 28.97 -45.79
N SER C 248 -24.17 28.20 -46.79
CA SER C 248 -22.80 27.73 -46.86
C SER C 248 -21.78 28.88 -46.81
N ASN C 249 -22.01 29.95 -47.57
CA ASN C 249 -21.04 31.04 -47.62
C ASN C 249 -21.00 31.84 -46.32
N GLN C 250 -22.12 31.93 -45.62
CA GLN C 250 -22.13 32.51 -44.28
C GLN C 250 -21.30 31.67 -43.31
N TRP C 251 -21.52 30.37 -43.31
CA TRP C 251 -20.73 29.51 -42.43
C TRP C 251 -19.25 29.54 -42.79
N LEU C 252 -18.94 29.63 -44.09
CA LEU C 252 -17.55 29.76 -44.52
C LEU C 252 -16.90 31.02 -43.95
N ASP C 253 -17.57 32.16 -44.06
CA ASP C 253 -17.02 33.39 -43.50
C ASP C 253 -16.88 33.32 -41.99
N PHE C 254 -17.85 32.72 -41.30
CA PHE C 254 -17.75 32.53 -39.86
C PHE C 254 -16.53 31.71 -39.48
N TRP C 255 -16.34 30.55 -40.11
CA TRP C 255 -15.19 29.72 -39.78
C TRP C 255 -13.87 30.40 -40.12
N LEU C 256 -13.83 31.17 -41.22
CA LEU C 256 -12.63 31.95 -41.51
C LEU C 256 -12.31 32.92 -40.39
N ARG C 257 -13.33 33.61 -39.87
CA ARG C 257 -13.12 34.55 -38.77
C ARG C 257 -12.55 33.84 -37.55
N HIS C 258 -13.22 32.78 -37.11
CA HIS C 258 -12.79 32.07 -35.91
C HIS C 258 -11.38 31.51 -36.06
N ARG C 259 -11.09 30.83 -37.17
CA ARG C 259 -9.78 30.19 -37.31
C ARG C 259 -8.67 31.24 -37.34
N LEU C 260 -8.89 32.35 -38.05
CA LEU C 260 -7.85 33.37 -38.11
C LEU C 260 -7.62 34.02 -36.75
N GLN C 261 -8.69 34.27 -35.99
CA GLN C 261 -8.48 34.88 -34.68
C GLN C 261 -7.83 33.89 -33.71
N TRP C 262 -8.14 32.60 -33.83
CA TRP C 262 -7.43 31.57 -33.06
C TRP C 262 -5.94 31.59 -33.34
N TRP C 263 -5.55 31.65 -34.62
CA TRP C 263 -4.13 31.77 -34.93
C TRP C 263 -3.52 33.08 -34.44
N ARG C 264 -4.33 34.14 -34.31
CA ARG C 264 -3.77 35.42 -33.86
C ARG C 264 -3.62 35.54 -32.33
N LYS C 265 -4.46 34.86 -31.54
CA LYS C 265 -4.39 35.02 -30.08
C LYS C 265 -2.98 34.86 -29.51
N PHE C 266 -2.33 33.73 -29.81
CA PHE C 266 -1.07 33.42 -29.16
C PHE C 266 0.13 34.15 -29.75
N ALA C 267 -0.04 34.81 -30.90
CA ALA C 267 1.08 35.44 -31.57
C ALA C 267 1.59 36.66 -30.81
N MET C 268 2.90 36.88 -30.90
CA MET C 268 3.54 38.09 -30.42
C MET C 268 3.53 39.21 -31.47
N SER C 269 3.24 38.89 -32.72
CA SER C 269 3.08 39.89 -33.78
C SER C 269 1.98 39.44 -34.73
N PRO C 270 0.72 39.55 -34.29
CA PRO C 270 -0.40 38.96 -35.06
C PRO C 270 -0.54 39.48 -36.49
N SER C 271 0.06 40.61 -36.83
CA SER C 271 0.07 41.06 -38.22
C SER C 271 0.80 40.12 -39.16
N ASN C 272 1.66 39.25 -38.64
CA ASN C 272 2.32 38.23 -39.45
C ASN C 272 1.41 37.06 -39.81
N PHE C 273 0.16 37.03 -39.35
CA PHE C 273 -0.83 36.09 -39.84
C PHE C 273 -1.80 36.78 -40.79
N SER C 274 -2.12 36.10 -41.89
CA SER C 274 -2.79 36.72 -43.03
C SER C 274 -3.79 35.74 -43.64
N SER C 275 -4.74 36.30 -44.40
CA SER C 275 -5.75 35.54 -45.13
C SER C 275 -5.81 36.00 -46.59
N SER C 276 -6.26 35.11 -47.47
CA SER C 276 -6.52 35.45 -48.86
C SER C 276 -7.77 34.72 -49.36
N ASP C 277 -8.42 35.32 -50.35
CA ASP C 277 -9.42 34.64 -51.16
C ASP C 277 -8.78 33.88 -52.31
N CYS C 278 -9.42 32.78 -52.69
CA CYS C 278 -8.98 31.98 -53.83
C CYS C 278 -10.18 31.27 -54.42
N GLN C 279 -10.00 30.77 -55.65
CA GLN C 279 -11.06 30.12 -56.39
C GLN C 279 -10.58 28.82 -57.00
N ASP C 280 -11.43 27.80 -56.94
CA ASP C 280 -11.13 26.50 -57.52
C ASP C 280 -11.15 26.58 -59.05
N GLU C 281 -10.48 25.61 -59.68
CA GLU C 281 -10.51 25.51 -61.14
C GLU C 281 -11.91 25.22 -61.63
N GLU C 282 -12.74 24.57 -60.81
CA GLU C 282 -14.17 24.49 -61.09
C GLU C 282 -14.81 25.87 -61.06
N GLY C 283 -14.41 26.72 -60.10
CA GLY C 283 -15.15 27.91 -59.74
C GLY C 283 -15.64 27.94 -58.30
N ARG C 284 -15.44 26.89 -57.52
CA ARG C 284 -15.82 26.90 -56.11
C ARG C 284 -14.97 27.90 -55.32
N LYS C 285 -15.57 28.40 -54.24
CA LYS C 285 -15.00 29.48 -53.43
C LYS C 285 -14.26 28.94 -52.22
N GLY C 286 -13.06 29.49 -51.94
CA GLY C 286 -12.27 29.07 -50.81
C GLY C 286 -11.43 30.17 -50.22
N ASN C 287 -10.77 29.86 -49.10
CA ASN C 287 -9.87 30.79 -48.43
C ASN C 287 -8.62 30.07 -47.96
N LYS C 288 -7.51 30.82 -47.87
CA LYS C 288 -6.21 30.30 -47.46
C LYS C 288 -5.57 31.19 -46.41
N LEU C 289 -4.95 30.56 -45.42
CA LEU C 289 -4.30 31.25 -44.30
C LEU C 289 -2.79 31.06 -44.38
N TYR C 290 -2.04 32.13 -44.10
CA TYR C 290 -0.60 32.15 -44.26
C TYR C 290 0.08 32.67 -42.99
N TYR C 291 1.34 32.30 -42.82
CA TYR C 291 2.24 32.95 -41.87
C TYR C 291 3.50 33.44 -42.57
N ASN C 292 3.93 34.63 -42.21
CA ASN C 292 5.06 35.31 -42.87
C ASN C 292 6.38 34.93 -42.20
N PHE C 293 6.91 33.77 -42.60
CA PHE C 293 8.26 33.40 -42.20
C PHE C 293 9.27 34.41 -42.78
N PRO C 294 10.50 34.43 -42.24
CA PRO C 294 11.47 35.45 -42.69
C PRO C 294 11.81 35.40 -44.16
N TRP C 295 11.72 34.23 -44.81
CA TRP C 295 11.99 34.11 -46.23
C TRP C 295 10.75 34.32 -47.10
N GLY C 296 9.55 34.23 -46.54
CA GLY C 296 8.34 34.40 -47.30
C GLY C 296 7.15 33.80 -46.59
N LYS C 297 5.99 33.97 -47.21
CA LYS C 297 4.77 33.35 -46.72
C LYS C 297 4.74 31.86 -47.01
N GLU C 298 4.22 31.08 -46.05
CA GLU C 298 4.00 29.66 -46.22
C GLU C 298 2.55 29.32 -45.89
N LEU C 299 1.97 28.39 -46.64
CA LEU C 299 0.59 27.99 -46.43
C LEU C 299 0.47 27.17 -45.14
N ILE C 300 -0.56 27.47 -44.35
CA ILE C 300 -0.80 26.77 -43.10
C ILE C 300 -2.18 26.12 -43.04
N GLU C 301 -3.20 26.76 -43.59
CA GLU C 301 -4.54 26.20 -43.48
C GLU C 301 -5.38 26.64 -44.67
N THR C 302 -6.33 25.79 -45.05
CA THR C 302 -7.18 26.00 -46.22
C THR C 302 -8.63 25.68 -45.90
N LEU C 303 -9.53 26.50 -46.43
CA LEU C 303 -10.97 26.28 -46.34
C LEU C 303 -11.53 26.17 -47.75
N TRP C 304 -12.33 25.15 -48.00
CA TRP C 304 -13.02 25.00 -49.28
C TRP C 304 -14.48 24.67 -49.05
N ASN C 305 -15.35 25.38 -49.78
CA ASN C 305 -16.75 24.97 -49.95
C ASN C 305 -16.82 24.00 -51.13
N LEU C 306 -16.94 22.71 -50.84
CA LEU C 306 -16.83 21.67 -51.87
C LEU C 306 -18.14 21.34 -52.56
N GLY C 307 -19.27 21.83 -52.07
CA GLY C 307 -20.56 21.43 -52.61
C GLY C 307 -21.01 20.05 -52.21
N ASP C 308 -21.58 19.29 -53.16
CA ASP C 308 -22.20 18.01 -52.86
C ASP C 308 -21.70 16.85 -53.71
N HIS C 309 -20.75 17.07 -54.62
CA HIS C 309 -20.31 16.03 -55.54
C HIS C 309 -19.85 14.76 -54.82
N GLU C 310 -18.98 14.92 -53.82
CA GLU C 310 -18.33 13.76 -53.20
C GLU C 310 -19.32 12.85 -52.47
N LEU C 311 -20.32 13.43 -51.80
CA LEU C 311 -21.34 12.59 -51.17
C LEU C 311 -22.14 11.78 -52.17
N LEU C 312 -22.49 12.39 -53.31
CA LEU C 312 -23.20 11.65 -54.34
C LEU C 312 -22.33 10.56 -54.96
N HIS C 313 -21.08 10.88 -55.25
CA HIS C 313 -20.16 9.90 -55.83
C HIS C 313 -19.91 8.74 -54.88
N MET C 314 -19.76 9.01 -53.58
CA MET C 314 -19.55 7.97 -52.59
C MET C 314 -20.81 7.17 -52.30
N TYR C 315 -21.99 7.71 -52.59
CA TYR C 315 -23.26 7.00 -52.41
C TYR C 315 -24.16 7.18 -53.62
N PRO C 316 -23.94 6.40 -54.68
CA PRO C 316 -24.91 6.39 -55.79
C PRO C 316 -26.23 5.79 -55.34
N GLY C 317 -27.27 6.11 -56.08
CA GLY C 317 -28.55 5.42 -55.93
C GLY C 317 -29.63 6.22 -55.25
N ASN C 318 -30.34 5.59 -54.32
CA ASN C 318 -31.47 6.23 -53.63
C ASN C 318 -30.96 7.32 -52.70
N VAL C 319 -31.14 8.57 -53.12
CA VAL C 319 -30.63 9.72 -52.38
C VAL C 319 -31.32 9.91 -51.03
N SER C 320 -32.52 9.35 -50.85
CA SER C 320 -33.31 9.60 -49.65
C SER C 320 -32.61 9.16 -48.36
N LYS C 321 -31.58 8.32 -48.44
CA LYS C 321 -30.73 8.10 -47.27
C LYS C 321 -29.81 9.27 -46.98
N LEU C 322 -29.48 10.10 -47.98
CA LEU C 322 -28.62 11.25 -47.76
C LEU C 322 -29.32 12.44 -47.13
N HIS C 323 -30.65 12.50 -47.20
CA HIS C 323 -31.37 13.68 -46.74
C HIS C 323 -31.27 13.84 -45.23
N GLY C 324 -31.07 15.08 -44.80
CA GLY C 324 -31.35 15.47 -43.42
C GLY C 324 -32.34 16.60 -43.39
N ARG C 325 -32.62 17.17 -42.21
CA ARG C 325 -33.70 18.12 -42.06
C ARG C 325 -33.18 19.55 -42.03
N ASP C 326 -33.67 20.37 -42.96
CA ASP C 326 -33.52 21.82 -42.94
C ASP C 326 -34.89 22.44 -43.13
N GLY C 327 -35.19 23.47 -42.34
CA GLY C 327 -36.38 24.24 -42.61
C GLY C 327 -37.64 23.40 -42.58
N ARG C 328 -37.63 22.33 -41.76
CA ARG C 328 -38.72 21.36 -41.69
C ARG C 328 -38.91 20.61 -43.01
N LYS C 329 -37.85 20.51 -43.81
CA LYS C 329 -37.92 19.78 -45.08
C LYS C 329 -36.57 19.09 -45.34
N ASN C 330 -36.62 18.03 -46.15
CA ASN C 330 -35.44 17.24 -46.46
C ASN C 330 -34.60 17.93 -47.53
N VAL C 331 -33.28 17.99 -47.32
CA VAL C 331 -32.37 18.47 -48.34
C VAL C 331 -31.02 17.78 -48.19
N VAL C 332 -30.29 17.67 -49.30
CA VAL C 332 -28.91 17.17 -49.29
C VAL C 332 -27.98 18.26 -48.78
N PRO C 333 -27.17 17.98 -47.76
CA PRO C 333 -26.28 19.02 -47.21
C PRO C 333 -25.16 19.39 -48.17
N CYS C 334 -24.64 20.60 -47.98
CA CYS C 334 -23.35 21.01 -48.52
C CYS C 334 -22.22 20.66 -47.57
N VAL C 335 -21.03 20.42 -48.12
CA VAL C 335 -19.86 20.01 -47.35
C VAL C 335 -18.83 21.15 -47.33
N LEU C 336 -18.43 21.57 -46.13
CA LEU C 336 -17.30 22.46 -45.90
C LEU C 336 -16.15 21.70 -45.27
N SER C 337 -14.93 21.90 -45.80
CA SER C 337 -13.73 21.24 -45.31
C SER C 337 -12.75 22.26 -44.74
N VAL C 338 -12.34 22.06 -43.49
CA VAL C 338 -11.35 22.88 -42.79
C VAL C 338 -10.19 21.97 -42.36
N ASN C 339 -8.97 22.32 -42.77
CA ASN C 339 -7.80 21.51 -42.43
C ASN C 339 -6.57 22.35 -42.21
N GLY C 340 -5.89 22.15 -41.09
CA GLY C 340 -4.67 22.87 -40.79
C GLY C 340 -3.51 21.93 -40.47
N ASP C 341 -2.31 22.38 -40.82
CA ASP C 341 -1.06 21.66 -40.54
C ASP C 341 -0.49 22.16 -39.21
N LEU C 342 -0.42 21.29 -38.21
CA LEU C 342 0.09 21.68 -36.90
C LEU C 342 1.61 21.73 -36.79
N ASP C 343 2.34 20.95 -37.59
CA ASP C 343 3.81 21.09 -37.59
C ASP C 343 4.24 22.44 -38.15
N ARG C 344 3.55 22.92 -39.18
CA ARG C 344 3.77 24.28 -39.65
C ARG C 344 3.52 25.27 -38.54
N GLY C 345 2.41 25.12 -37.82
CA GLY C 345 2.09 26.00 -36.71
C GLY C 345 3.19 26.02 -35.65
N MET C 346 3.68 24.84 -35.27
CA MET C 346 4.81 24.75 -34.35
C MET C 346 5.98 25.58 -34.83
N LEU C 347 6.41 25.37 -36.08
CA LEU C 347 7.56 26.12 -36.58
C LEU C 347 7.29 27.62 -36.62
N ALA C 348 6.06 28.00 -37.00
CA ALA C 348 5.65 29.39 -37.03
C ALA C 348 5.77 30.05 -35.65
N TYR C 349 5.25 29.40 -34.61
CA TYR C 349 5.39 29.95 -33.27
C TYR C 349 6.84 29.94 -32.78
N LEU C 350 7.62 28.93 -33.14
CA LEU C 350 9.04 28.97 -32.79
C LEU C 350 9.73 30.20 -33.37
N TYR C 351 9.49 30.49 -34.65
CA TYR C 351 10.03 31.71 -35.25
C TYR C 351 9.46 32.98 -34.62
N ASP C 352 8.16 33.00 -34.35
CA ASP C 352 7.51 34.15 -33.73
C ASP C 352 8.08 34.47 -32.35
N SER C 353 8.40 33.44 -31.57
CA SER C 353 8.87 33.65 -30.20
C SER C 353 10.28 34.21 -30.12
N PHE C 354 11.06 34.12 -31.18
CA PHE C 354 12.50 34.38 -31.11
C PHE C 354 12.83 35.86 -31.31
N GLN C 355 11.86 36.70 -31.59
CA GLN C 355 12.12 38.06 -32.05
C GLN C 355 12.88 38.87 -31.00
N HIS C 368 23.71 41.44 -25.32
CA HIS C 368 22.42 41.33 -25.98
C HIS C 368 21.78 39.98 -25.66
N ARG C 369 20.54 39.99 -25.20
CA ARG C 369 19.89 38.79 -24.72
C ARG C 369 19.42 37.94 -25.90
N LYS C 370 19.28 36.64 -25.65
CA LYS C 370 18.46 35.77 -26.49
C LYS C 370 17.54 34.92 -25.62
N VAL C 371 16.27 34.85 -26.01
CA VAL C 371 15.26 34.15 -25.22
C VAL C 371 14.14 33.75 -26.17
N LEU C 372 13.52 32.60 -25.89
CA LEU C 372 12.32 32.16 -26.59
C LEU C 372 11.10 32.51 -25.73
N LYS C 373 10.43 33.61 -26.07
CA LYS C 373 9.27 34.08 -25.32
C LYS C 373 7.97 33.41 -25.76
N LEU C 374 7.94 32.08 -25.68
CA LEU C 374 6.72 31.35 -25.98
C LEU C 374 5.58 31.82 -25.07
N HIS C 375 4.37 31.78 -25.61
CA HIS C 375 3.19 32.18 -24.84
C HIS C 375 3.01 31.25 -23.64
N PRO C 376 2.62 31.78 -22.49
CA PRO C 376 2.49 30.94 -21.27
C PRO C 376 1.59 29.73 -21.41
N CYS C 377 0.56 29.78 -22.27
CA CYS C 377 -0.29 28.60 -22.46
C CYS C 377 0.41 27.52 -23.27
N LEU C 378 1.39 27.89 -24.10
CA LEU C 378 2.03 26.95 -25.02
C LEU C 378 3.34 26.39 -24.50
N ALA C 379 4.12 27.18 -23.77
CA ALA C 379 5.44 26.78 -23.33
C ALA C 379 5.39 25.42 -22.62
N PRO C 380 6.29 24.49 -22.96
CA PRO C 380 6.10 23.10 -22.53
C PRO C 380 6.43 22.86 -21.06
N ILE C 381 7.45 23.51 -20.52
CA ILE C 381 7.85 23.37 -19.13
C ILE C 381 7.79 24.73 -18.45
N LYS C 382 6.96 24.84 -17.40
CA LYS C 382 6.68 26.13 -16.77
C LYS C 382 7.81 26.60 -15.86
N VAL C 383 8.23 25.79 -14.90
CA VAL C 383 9.14 26.23 -13.85
C VAL C 383 10.26 25.24 -13.61
N ALA C 384 11.42 25.77 -13.25
CA ALA C 384 12.59 24.98 -12.85
C ALA C 384 12.87 25.14 -11.36
N LEU C 385 13.18 24.03 -10.69
CA LEU C 385 13.58 24.00 -9.30
C LEU C 385 15.08 23.72 -9.17
N ASP C 386 15.77 24.51 -8.35
CA ASP C 386 17.20 24.34 -8.08
C ASP C 386 17.44 24.40 -6.57
N VAL C 387 18.65 24.00 -6.15
CA VAL C 387 19.09 24.09 -4.76
C VAL C 387 20.39 24.87 -4.66
N GLY C 388 20.47 25.75 -3.66
CA GLY C 388 21.65 26.53 -3.39
C GLY C 388 22.66 25.79 -2.51
N ARG C 389 23.56 26.57 -1.92
CA ARG C 389 24.61 26.04 -1.05
C ARG C 389 24.04 25.64 0.31
N GLY C 390 24.52 24.52 0.85
CA GLY C 390 24.09 24.08 2.16
C GLY C 390 23.89 22.59 2.33
N PRO C 391 23.16 22.21 3.39
CA PRO C 391 23.02 20.79 3.75
C PRO C 391 22.10 20.02 2.81
N THR C 392 22.70 19.43 1.78
CA THR C 392 21.98 18.93 0.62
C THR C 392 20.79 18.03 0.97
N LEU C 393 20.99 17.10 1.91
CA LEU C 393 19.93 16.12 2.21
C LEU C 393 18.69 16.75 2.83
N GLU C 394 18.82 17.90 3.49
CA GLU C 394 17.63 18.55 4.03
C GLU C 394 16.91 19.37 2.96
N LEU C 395 17.67 20.11 2.16
CA LEU C 395 17.08 20.89 1.07
C LEU C 395 16.39 20.03 0.02
N ARG C 396 16.92 18.83 -0.24
CA ARG C 396 16.31 17.96 -1.24
C ARG C 396 14.92 17.49 -0.83
N GLN C 397 14.69 17.18 0.44
CA GLN C 397 13.38 16.66 0.82
C GLN C 397 12.28 17.72 0.73
N VAL C 398 12.62 18.99 1.01
CA VAL C 398 11.64 20.05 0.82
C VAL C 398 11.42 20.32 -0.66
N CYS C 399 12.48 20.26 -1.47
CA CYS C 399 12.28 20.37 -2.91
C CYS C 399 11.38 19.26 -3.44
N GLN C 400 11.58 18.03 -2.96
CA GLN C 400 10.67 16.93 -3.29
C GLN C 400 9.22 17.24 -2.95
N GLY C 401 8.99 17.76 -1.74
CA GLY C 401 7.64 18.16 -1.38
C GLY C 401 7.05 19.22 -2.29
N LEU C 402 7.84 20.23 -2.64
CA LEU C 402 7.37 21.26 -3.56
C LEU C 402 7.09 20.72 -4.95
N PHE C 403 7.98 19.87 -5.45
CA PHE C 403 7.80 19.21 -6.75
C PHE C 403 6.50 18.41 -6.81
N ASN C 404 6.22 17.63 -5.76
CA ASN C 404 4.95 16.91 -5.73
C ASN C 404 3.74 17.84 -5.59
N GLU C 405 3.88 18.90 -4.80
CA GLU C 405 2.79 19.87 -4.68
C GLU C 405 2.46 20.51 -6.02
N LEU C 406 3.48 20.87 -6.78
CA LEU C 406 3.25 21.46 -8.10
C LEU C 406 2.66 20.46 -9.09
N LEU C 407 3.14 19.21 -9.09
CA LEU C 407 2.57 18.23 -10.02
C LEU C 407 1.13 17.86 -9.68
N GLU C 408 0.78 17.79 -8.40
CA GLU C 408 -0.59 17.44 -8.02
C GLU C 408 -1.62 18.44 -8.57
N ASN C 409 -1.23 19.69 -8.77
CA ASN C 409 -2.11 20.72 -9.30
C ASN C 409 -1.93 20.96 -10.80
N GLY C 410 -1.18 20.09 -11.49
CA GLY C 410 -1.11 20.14 -12.94
C GLY C 410 -0.10 21.09 -13.52
N ILE C 411 0.97 21.40 -12.79
CA ILE C 411 2.04 22.27 -13.25
C ILE C 411 3.24 21.40 -13.59
N SER C 412 3.82 21.61 -14.77
CA SER C 412 4.99 20.84 -15.20
C SER C 412 6.27 21.50 -14.75
N VAL C 413 7.20 20.68 -14.24
CA VAL C 413 8.35 21.16 -13.49
C VAL C 413 9.61 20.50 -14.04
N TRP C 414 10.67 21.30 -14.22
CA TRP C 414 11.99 20.76 -14.51
C TRP C 414 12.76 20.57 -13.20
N PRO C 415 13.11 19.34 -12.82
CA PRO C 415 13.82 19.09 -11.55
C PRO C 415 15.32 19.31 -11.65
N GLY C 416 15.72 20.58 -11.75
CA GLY C 416 17.12 20.95 -11.79
C GLY C 416 17.89 20.67 -10.51
N TYR C 417 17.18 20.53 -9.39
CA TYR C 417 17.82 20.27 -8.09
C TYR C 417 18.53 18.93 -8.03
N LEU C 418 18.33 18.04 -8.99
CA LEU C 418 19.15 16.84 -9.08
C LEU C 418 20.57 17.13 -9.55
N GLU C 419 20.82 18.25 -10.23
CA GLU C 419 22.11 18.51 -10.85
C GLU C 419 23.15 19.06 -9.89
N THR C 420 22.81 19.28 -8.62
CA THR C 420 23.68 19.89 -7.62
C THR C 420 24.17 21.28 -8.01
N MET C 421 23.48 21.93 -8.96
CA MET C 421 23.84 23.27 -9.46
C MET C 421 25.34 23.40 -9.73
N GLN C 422 25.87 22.50 -10.55
CA GLN C 422 27.29 22.51 -10.87
C GLN C 422 27.69 23.72 -11.71
N SER C 423 26.74 24.35 -12.39
CA SER C 423 27.00 25.52 -13.22
C SER C 423 27.08 26.80 -12.38
N SER C 424 27.70 27.82 -12.97
CA SER C 424 27.48 29.19 -12.56
C SER C 424 26.07 29.64 -12.91
N LEU C 425 25.59 30.64 -12.16
CA LEU C 425 24.21 31.09 -12.30
C LEU C 425 23.95 31.78 -13.64
N GLU C 426 24.97 32.39 -14.25
CA GLU C 426 24.82 32.96 -15.59
C GLU C 426 24.45 31.88 -16.60
N GLN C 427 25.15 30.75 -16.56
CA GLN C 427 24.85 29.67 -17.50
C GLN C 427 23.49 29.07 -17.21
N LEU C 428 23.15 28.96 -15.92
CA LEU C 428 21.88 28.37 -15.54
C LEU C 428 20.72 29.22 -16.06
N TYR C 429 20.82 30.54 -15.93
CA TYR C 429 19.81 31.42 -16.49
C TYR C 429 19.76 31.36 -18.02
N SER C 430 20.93 31.32 -18.67
CA SER C 430 20.91 31.26 -20.14
C SER C 430 20.27 29.96 -20.64
N LYS C 431 20.60 28.84 -19.99
CA LYS C 431 19.96 27.57 -20.29
C LYS C 431 18.44 27.64 -20.13
N TYR C 432 17.97 28.25 -19.04
CA TYR C 432 16.51 28.30 -18.85
C TYR C 432 15.84 29.26 -19.80
N ASP C 433 16.47 30.39 -20.11
CA ASP C 433 15.93 31.31 -21.12
C ASP C 433 15.82 30.67 -22.49
N GLU C 434 16.79 29.84 -22.88
CA GLU C 434 16.65 29.14 -24.16
C GLU C 434 15.56 28.07 -24.13
N MET C 435 15.37 27.38 -23.01
CA MET C 435 14.27 26.43 -22.90
C MET C 435 12.90 27.08 -22.79
N SER C 436 12.81 28.40 -22.75
CA SER C 436 11.56 29.15 -22.59
C SER C 436 10.87 28.92 -21.24
N ILE C 437 11.59 28.42 -20.23
CA ILE C 437 11.03 28.29 -18.90
C ILE C 437 10.50 29.63 -18.40
N LEU C 438 9.32 29.61 -17.78
CA LEU C 438 8.71 30.85 -17.28
C LEU C 438 9.37 31.36 -16.00
N PHE C 439 9.65 30.48 -15.04
CA PHE C 439 10.15 30.87 -13.73
C PHE C 439 11.19 29.89 -13.23
N THR C 440 12.11 30.38 -12.41
CA THR C 440 13.11 29.55 -11.75
C THR C 440 13.11 29.83 -10.26
N VAL C 441 13.13 28.76 -9.46
CA VAL C 441 13.00 28.83 -8.01
C VAL C 441 14.25 28.25 -7.38
N LEU C 442 14.90 29.02 -6.52
CA LEU C 442 16.07 28.55 -5.78
C LEU C 442 15.71 28.34 -4.31
N VAL C 443 15.96 27.14 -3.80
CA VAL C 443 15.76 26.78 -2.39
C VAL C 443 17.11 26.75 -1.69
N THR C 444 17.19 27.42 -0.54
CA THR C 444 18.45 27.75 0.12
C THR C 444 18.23 27.57 1.62
N GLU C 445 19.34 27.48 2.38
CA GLU C 445 19.30 27.39 3.84
C GLU C 445 18.21 28.30 4.43
N THR C 446 18.21 29.57 4.01
CA THR C 446 17.24 30.52 4.50
C THR C 446 15.81 30.06 4.27
N THR C 447 15.55 29.16 3.31
CA THR C 447 14.22 28.59 3.20
C THR C 447 13.91 27.75 4.43
N LEU C 448 14.92 27.01 4.93
CA LEU C 448 14.72 26.19 6.12
C LEU C 448 14.56 27.07 7.35
N GLU C 449 15.30 28.18 7.40
CA GLU C 449 15.07 29.17 8.44
C GLU C 449 13.66 29.76 8.40
N ASN C 450 13.34 30.51 7.35
CA ASN C 450 12.14 31.35 7.33
C ASN C 450 11.18 31.09 6.16
N GLY C 451 11.53 30.20 5.22
CA GLY C 451 10.65 29.94 4.09
C GLY C 451 10.69 30.90 2.92
N LEU C 452 11.61 31.85 2.87
CA LEU C 452 11.71 32.74 1.71
C LEU C 452 12.50 32.10 0.57
N ILE C 453 11.90 32.07 -0.62
CA ILE C 453 12.57 31.61 -1.84
C ILE C 453 12.76 32.78 -2.80
N HIS C 454 13.88 32.74 -3.53
CA HIS C 454 14.05 33.61 -4.70
C HIS C 454 13.17 33.18 -5.86
N LEU C 455 12.57 34.18 -6.53
CA LEU C 455 11.84 34.00 -7.77
C LEU C 455 12.45 34.86 -8.86
N ARG C 456 12.69 34.27 -10.02
CA ARG C 456 12.98 35.03 -11.24
C ARG C 456 11.90 34.82 -12.28
N SER C 457 11.56 35.90 -12.99
CA SER C 457 10.62 35.86 -14.10
C SER C 457 11.36 35.94 -15.42
N ARG C 458 11.02 35.03 -16.34
CA ARG C 458 11.65 35.01 -17.66
C ARG C 458 11.38 36.28 -18.47
N ASP C 459 10.16 36.82 -18.38
CA ASP C 459 9.81 38.00 -19.17
C ASP C 459 10.55 39.25 -18.68
N THR C 460 10.52 39.51 -17.39
CA THR C 460 11.08 40.77 -16.87
C THR C 460 12.54 40.68 -16.49
N THR C 461 13.05 39.46 -16.24
CA THR C 461 14.34 39.23 -15.57
C THR C 461 14.42 39.84 -14.18
N MET C 462 13.29 40.22 -13.59
CA MET C 462 13.31 40.76 -12.23
C MET C 462 13.37 39.63 -11.22
N LYS C 463 13.91 39.95 -10.03
CA LYS C 463 14.05 38.99 -8.95
C LYS C 463 13.35 39.50 -7.71
N GLU C 464 12.63 38.61 -7.02
CA GLU C 464 12.00 38.96 -5.76
C GLU C 464 11.97 37.74 -4.84
N MET C 465 11.79 38.01 -3.56
CA MET C 465 11.50 36.97 -2.57
C MET C 465 9.99 36.75 -2.39
N MET C 466 9.63 35.51 -2.11
CA MET C 466 8.25 35.11 -1.81
C MET C 466 8.28 33.95 -0.84
N HIS C 467 7.23 33.83 -0.03
CA HIS C 467 7.11 32.70 0.89
C HIS C 467 6.62 31.46 0.15
N ILE C 468 7.32 30.34 0.35
CA ILE C 468 7.01 29.04 -0.22
C ILE C 468 5.52 28.68 -0.15
N SER C 469 4.85 29.09 0.92
CA SER C 469 3.45 28.73 1.14
C SER C 469 2.55 29.14 -0.03
N LYS C 470 2.82 30.30 -0.63
CA LYS C 470 1.88 30.91 -1.55
C LYS C 470 2.23 30.75 -3.04
N LEU C 471 3.45 30.26 -3.35
CA LEU C 471 3.93 30.23 -4.72
C LEU C 471 2.97 29.53 -5.69
N LYS C 472 2.37 28.42 -5.26
CA LYS C 472 1.48 27.66 -6.13
C LYS C 472 0.27 28.48 -6.59
N ASP C 473 -0.33 29.25 -5.69
CA ASP C 473 -1.48 30.06 -6.06
C ASP C 473 -1.08 31.27 -6.91
N PHE C 474 0.12 31.79 -6.69
CA PHE C 474 0.67 32.80 -7.59
C PHE C 474 0.81 32.26 -9.01
N LEU C 475 1.30 31.03 -9.15
CA LEU C 475 1.46 30.45 -10.49
C LEU C 475 0.12 30.19 -11.16
N ILE C 476 -0.84 29.62 -10.42
CA ILE C 476 -2.18 29.41 -10.99
C ILE C 476 -2.80 30.73 -11.43
N LYS C 477 -2.63 31.78 -10.60
CA LYS C 477 -3.13 33.10 -10.97
C LYS C 477 -2.50 33.59 -12.26
N TYR C 478 -1.16 33.49 -12.35
CA TYR C 478 -0.47 34.02 -13.52
C TYR C 478 -0.90 33.30 -14.80
N ILE C 479 -1.11 31.99 -14.71
CA ILE C 479 -1.58 31.25 -15.89
C ILE C 479 -3.01 31.64 -16.27
N SER C 480 -3.89 31.81 -15.29
CA SER C 480 -5.25 32.25 -15.62
C SER C 480 -5.28 33.66 -16.18
N SER C 481 -4.50 34.57 -15.61
CA SER C 481 -4.45 35.95 -16.11
C SER C 481 -3.71 36.07 -17.44
N ALA C 482 -2.97 35.04 -17.84
CA ALA C 482 -2.54 34.96 -19.23
C ALA C 482 -3.66 34.45 -20.13
N LYS C 483 -4.37 33.41 -19.70
CA LYS C 483 -5.38 32.79 -20.56
C LYS C 483 -6.57 33.71 -20.82
N ASN C 484 -6.98 34.50 -19.82
CA ASN C 484 -8.18 35.32 -19.99
C ASN C 484 -7.95 36.61 -20.75
N VAL C 485 -6.70 37.03 -20.97
CA VAL C 485 -6.44 38.13 -21.86
C VAL C 485 -6.44 37.64 -23.30
#